data_1NJJ
#
_entry.id   1NJJ
#
_cell.length_a   67.818
_cell.length_b   88.540
_cell.length_c   150.445
_cell.angle_alpha   90.00
_cell.angle_beta   90.03
_cell.angle_gamma   90.00
#
_symmetry.space_group_name_H-M   'P 1 21 1'
#
loop_
_entity.id
_entity.type
_entity.pdbx_description
1 polymer 'ornithine decarboxylase'
2 non-polymer GENETICIN
3 non-polymer N~2~-({3-HYDROXY-2-METHYL-5-[(PHOSPHONOOXY)METHYL]PYRIDIN-4-YL}METHYL)-D-ORNITHINE
4 water water
#
_entity_poly.entity_id   1
_entity_poly.type   'polypeptide(L)'
_entity_poly.pdbx_seq_one_letter_code
;KSMDIVVNDDLSCRFLEGFNTRDALCKKISMNTCDEGDPFFVADLGDIVRKHETWKKCLPRVTPFYAVKCNDDWRVLGTL
AALGTGFDCASNTEIQRVRGIGVPPEKIIYANPCKQISHIRYARDSGVDVMTFDCVDELEKVAKTHPKAKMVLRISTDDS
LARCRLSVKFGAKVEDCRFILEQAKKLNIDVTGVSFHVGSGSTDASTFAQAISDSRFVFDMGTELGFNMHILDIGGGFPG
TRDAPLKFEEIAGVINNALEKHFPPDLKLTIVAEPGRYYVASAFTLAVNVIAKKVTPGVQTDVGAHAESNAQSFMYYVND
GVYGSFNCILYDHAVVRPLPQREPIPNEKLYPSSVWGPTCDGLDQIVERYYLPEMQVGEWLLFEDMGAYTVVGTSSFNGF
QSPTIYYVVSGLPDHVVRELKSQKS
;
_entity_poly.pdbx_strand_id   A,B,C,D
#
# COMPACT_ATOMS: atom_id res chain seq x y z
N ASN A 20 46.71 -27.80 55.81
CA ASN A 20 45.81 -28.60 54.98
C ASN A 20 44.43 -28.76 55.66
N THR A 21 43.38 -29.13 54.89
CA THR A 21 42.01 -29.34 55.42
C THR A 21 42.01 -30.80 55.71
N ARG A 22 42.55 -31.47 54.71
CA ARG A 22 42.69 -32.88 54.69
C ARG A 22 43.24 -33.45 55.99
N ASP A 23 43.43 -32.63 57.00
CA ASP A 23 43.93 -33.15 58.28
C ASP A 23 43.55 -32.29 59.50
N ALA A 24 42.45 -31.56 59.40
CA ALA A 24 41.87 -30.67 60.45
C ALA A 24 40.98 -31.69 61.02
N LEU A 25 40.23 -32.07 60.00
CA LEU A 25 39.26 -33.09 59.94
C LEU A 25 40.12 -34.24 60.39
N CYS A 26 40.96 -34.83 59.53
CA CYS A 26 41.67 -35.98 60.06
C CYS A 26 42.30 -35.75 61.41
N LYS A 27 42.33 -34.53 61.94
CA LYS A 27 42.88 -34.48 63.26
C LYS A 27 41.74 -34.70 64.25
N LYS A 28 40.52 -34.27 63.96
CA LYS A 28 39.47 -34.59 64.93
C LYS A 28 38.26 -35.24 64.27
N GLY A 37 29.40 -35.64 68.39
CA GLY A 37 29.69 -35.88 66.97
C GLY A 37 28.86 -35.03 66.03
N ASP A 38 28.61 -33.79 66.42
CA ASP A 38 27.83 -32.87 65.61
C ASP A 38 28.56 -32.50 64.32
N PRO A 39 27.82 -32.26 63.22
CA PRO A 39 28.45 -31.91 61.95
C PRO A 39 29.18 -30.58 62.05
N PHE A 40 30.22 -30.43 61.23
CA PHE A 40 30.99 -29.19 61.26
C PHE A 40 31.57 -28.86 59.88
N PHE A 41 31.82 -27.58 59.68
CA PHE A 41 32.37 -27.08 58.43
C PHE A 41 33.84 -26.76 58.60
N VAL A 42 34.63 -27.10 57.60
CA VAL A 42 36.04 -26.75 57.61
C VAL A 42 36.21 -25.83 56.41
N ALA A 43 36.49 -24.56 56.68
CA ALA A 43 36.63 -23.57 55.62
C ALA A 43 38.09 -23.20 55.38
N ASP A 44 38.54 -23.42 54.15
CA ASP A 44 39.93 -23.11 53.78
C ASP A 44 40.00 -21.71 53.15
N LEU A 45 40.21 -20.71 54.00
CA LEU A 45 40.29 -19.33 53.55
C LEU A 45 41.31 -19.17 52.42
N GLY A 46 42.41 -19.92 52.50
CA GLY A 46 43.44 -19.83 51.48
C GLY A 46 42.91 -20.16 50.09
N ASP A 47 41.89 -21.00 50.01
CA ASP A 47 41.32 -21.37 48.72
C ASP A 47 40.63 -20.17 48.10
N ILE A 48 40.26 -19.22 48.94
CA ILE A 48 39.60 -18.02 48.48
C ILE A 48 40.65 -17.09 47.90
N VAL A 49 41.74 -16.91 48.65
CA VAL A 49 42.84 -16.06 48.21
C VAL A 49 43.33 -16.54 46.86
N ARG A 50 43.28 -17.86 46.65
CA ARG A 50 43.72 -18.41 45.37
C ARG A 50 42.70 -18.14 44.28
N LYS A 51 41.42 -18.14 44.66
CA LYS A 51 40.35 -17.88 43.70
C LYS A 51 40.47 -16.47 43.16
N HIS A 52 40.86 -15.55 44.03
CA HIS A 52 41.03 -14.14 43.68
C HIS A 52 42.17 -13.97 42.67
N GLU A 53 43.34 -14.48 43.01
CA GLU A 53 44.51 -14.38 42.13
C GLU A 53 44.14 -14.84 40.72
N THR A 54 43.37 -15.92 40.65
CA THR A 54 42.96 -16.47 39.37
C THR A 54 41.99 -15.54 38.66
N TRP A 55 41.29 -14.73 39.43
CA TRP A 55 40.33 -13.79 38.89
C TRP A 55 41.10 -12.60 38.30
N LYS A 56 41.94 -11.98 39.13
CA LYS A 56 42.75 -10.85 38.70
C LYS A 56 43.57 -11.19 37.47
N LYS A 57 43.76 -12.48 37.25
CA LYS A 57 44.53 -12.97 36.11
C LYS A 57 43.69 -13.19 34.86
N CYS A 58 42.57 -13.90 35.01
CA CYS A 58 41.71 -14.19 33.86
C CYS A 58 40.79 -13.05 33.47
N LEU A 59 40.59 -12.11 34.39
CA LEU A 59 39.73 -10.94 34.12
C LEU A 59 40.34 -9.73 34.82
N PRO A 60 41.48 -9.23 34.30
CA PRO A 60 42.19 -8.08 34.84
C PRO A 60 41.38 -6.78 34.81
N ARG A 61 40.53 -6.64 33.80
CA ARG A 61 39.72 -5.42 33.66
C ARG A 61 38.47 -5.37 34.53
N VAL A 62 38.05 -6.53 35.03
CA VAL A 62 36.83 -6.62 35.84
C VAL A 62 37.03 -6.65 37.34
N THR A 63 36.43 -5.68 38.03
CA THR A 63 36.52 -5.62 39.49
C THR A 63 35.39 -6.45 40.07
N PRO A 64 35.71 -7.38 40.98
CA PRO A 64 34.69 -8.23 41.60
C PRO A 64 33.96 -7.66 42.80
N PHE A 65 32.63 -7.78 42.75
CA PHE A 65 31.77 -7.36 43.85
C PHE A 65 31.12 -8.68 44.27
N TYR A 66 31.59 -9.19 45.40
CA TYR A 66 31.13 -10.45 45.94
C TYR A 66 29.67 -10.51 46.36
N ALA A 67 28.92 -11.40 45.71
CA ALA A 67 27.50 -11.58 46.01
C ALA A 67 27.36 -12.19 47.41
N VAL A 68 27.32 -11.33 48.43
CA VAL A 68 27.20 -11.74 49.83
C VAL A 68 26.17 -12.84 50.11
N LYS A 69 25.10 -12.87 49.31
CA LYS A 69 24.03 -13.86 49.46
C LYS A 69 24.53 -15.30 49.37
N CYS A 70 25.61 -15.50 48.62
CA CYS A 70 26.18 -16.83 48.41
C CYS A 70 26.73 -17.50 49.66
N ASN A 71 27.35 -16.69 50.51
CA ASN A 71 27.93 -17.17 51.74
C ASN A 71 28.31 -15.92 52.48
N ASP A 72 27.62 -15.66 53.58
CA ASP A 72 27.90 -14.46 54.34
C ASP A 72 28.76 -14.71 55.56
N ASP A 73 29.59 -15.74 55.51
CA ASP A 73 30.44 -16.02 56.65
C ASP A 73 31.38 -14.84 56.88
N TRP A 74 31.55 -14.51 58.14
CA TRP A 74 32.39 -13.39 58.54
C TRP A 74 33.81 -13.36 58.04
N ARG A 75 34.47 -14.50 58.18
CA ARG A 75 35.85 -14.62 57.77
C ARG A 75 35.89 -14.55 56.26
N VAL A 76 34.85 -15.07 55.62
CA VAL A 76 34.79 -15.06 54.17
C VAL A 76 34.71 -13.61 53.68
N LEU A 77 33.87 -12.81 54.33
CA LEU A 77 33.72 -11.42 53.95
C LEU A 77 35.00 -10.63 54.26
N GLY A 78 35.53 -10.82 55.46
CA GLY A 78 36.75 -10.13 55.85
C GLY A 78 37.92 -10.48 54.94
N THR A 79 38.01 -11.75 54.58
CA THR A 79 39.07 -12.23 53.71
C THR A 79 38.97 -11.55 52.35
N LEU A 80 37.75 -11.52 51.80
CA LEU A 80 37.51 -10.89 50.51
C LEU A 80 37.77 -9.40 50.60
N ALA A 81 37.41 -8.79 51.73
CA ALA A 81 37.62 -7.37 51.93
C ALA A 81 39.11 -7.08 51.82
N ALA A 82 39.90 -7.78 52.62
CA ALA A 82 41.34 -7.61 52.64
C ALA A 82 41.95 -7.78 51.26
N LEU A 83 41.37 -8.67 50.46
CA LEU A 83 41.86 -8.92 49.11
C LEU A 83 41.49 -7.77 48.18
N GLY A 84 40.89 -6.73 48.75
CA GLY A 84 40.50 -5.55 47.98
C GLY A 84 39.32 -5.76 47.06
N THR A 85 38.39 -6.61 47.47
CA THR A 85 37.23 -6.89 46.64
C THR A 85 36.04 -6.01 47.02
N GLY A 86 35.05 -5.95 46.12
CA GLY A 86 33.86 -5.17 46.39
C GLY A 86 32.75 -6.13 46.79
N PHE A 87 31.68 -5.59 47.39
CA PHE A 87 30.58 -6.45 47.81
C PHE A 87 29.23 -6.14 47.18
N ASP A 88 28.59 -7.18 46.65
CA ASP A 88 27.27 -7.06 46.04
C ASP A 88 26.20 -7.43 47.07
N CYS A 89 25.65 -6.43 47.76
CA CYS A 89 24.62 -6.68 48.76
C CYS A 89 23.24 -6.58 48.09
N ALA A 90 22.32 -7.47 48.47
CA ALA A 90 21.00 -7.45 47.87
C ALA A 90 19.89 -7.19 48.89
N SER A 91 20.27 -6.77 50.09
CA SER A 91 19.29 -6.49 51.13
C SER A 91 19.84 -5.51 52.15
N ASN A 92 18.98 -5.00 53.01
CA ASN A 92 19.40 -4.06 54.02
C ASN A 92 20.32 -4.73 55.05
N THR A 93 20.10 -6.02 55.31
CA THR A 93 20.91 -6.74 56.28
C THR A 93 22.30 -7.05 55.74
N GLU A 94 22.37 -7.43 54.47
CA GLU A 94 23.67 -7.71 53.88
C GLU A 94 24.52 -6.44 53.90
N ILE A 95 23.87 -5.29 53.65
CA ILE A 95 24.58 -4.02 53.67
C ILE A 95 25.06 -3.74 55.09
N GLN A 96 24.18 -3.95 56.07
CA GLN A 96 24.54 -3.71 57.47
C GLN A 96 25.71 -4.61 57.86
N ARG A 97 25.70 -5.83 57.35
CA ARG A 97 26.74 -6.80 57.64
C ARG A 97 28.08 -6.34 57.07
N VAL A 98 28.10 -6.06 55.77
CA VAL A 98 29.32 -5.60 55.11
C VAL A 98 29.84 -4.32 55.76
N ARG A 99 28.95 -3.35 55.96
CA ARG A 99 29.34 -2.10 56.58
C ARG A 99 29.91 -2.39 57.97
N GLY A 100 29.47 -3.49 58.56
CA GLY A 100 29.92 -3.86 59.89
C GLY A 100 31.39 -4.25 60.01
N ILE A 101 31.95 -4.83 58.96
CA ILE A 101 33.35 -5.24 59.01
C ILE A 101 34.29 -4.13 58.53
N GLY A 102 33.80 -2.90 58.59
CA GLY A 102 34.61 -1.75 58.18
C GLY A 102 34.63 -1.39 56.71
N VAL A 103 34.02 -2.21 55.85
CA VAL A 103 34.00 -1.92 54.43
C VAL A 103 33.29 -0.60 54.16
N PRO A 104 33.90 0.28 53.34
CA PRO A 104 33.30 1.57 53.01
C PRO A 104 32.16 1.43 51.99
N PRO A 105 31.11 2.25 52.14
CA PRO A 105 29.91 2.29 51.28
C PRO A 105 30.23 2.21 49.79
N GLU A 106 31.25 2.94 49.37
CA GLU A 106 31.64 2.99 47.95
C GLU A 106 31.87 1.62 47.34
N LYS A 107 32.34 0.68 48.16
CA LYS A 107 32.63 -0.66 47.68
C LYS A 107 31.42 -1.59 47.65
N ILE A 108 30.24 -1.02 47.88
CA ILE A 108 29.01 -1.80 47.89
C ILE A 108 28.09 -1.43 46.73
N ILE A 109 27.44 -2.43 46.16
CA ILE A 109 26.48 -2.22 45.09
C ILE A 109 25.18 -2.90 45.52
N TYR A 110 24.13 -2.12 45.75
CA TYR A 110 22.83 -2.67 46.14
C TYR A 110 22.28 -3.23 44.84
N ALA A 111 22.70 -4.43 44.47
CA ALA A 111 22.29 -5.04 43.21
C ALA A 111 20.94 -5.73 43.13
N ASN A 112 20.00 -5.34 43.99
CA ASN A 112 18.67 -5.93 43.97
C ASN A 112 17.76 -4.97 43.18
N PRO A 113 17.24 -5.42 42.03
CA PRO A 113 16.36 -4.59 41.20
C PRO A 113 15.13 -4.00 41.91
N CYS A 114 14.30 -4.85 42.47
CA CYS A 114 13.09 -4.40 43.17
C CYS A 114 13.28 -4.35 44.68
N LYS A 115 13.53 -3.15 45.19
CA LYS A 115 13.80 -2.96 46.61
C LYS A 115 12.68 -2.32 47.43
N GLN A 116 12.57 -2.76 48.68
CA GLN A 116 11.57 -2.24 49.60
C GLN A 116 12.01 -0.84 50.02
N ILE A 117 11.09 0.12 49.90
CA ILE A 117 11.36 1.51 50.24
C ILE A 117 12.15 1.75 51.52
N SER A 118 11.74 1.12 52.61
CA SER A 118 12.45 1.30 53.87
C SER A 118 13.90 0.82 53.70
N HIS A 119 14.09 -0.13 52.80
CA HIS A 119 15.43 -0.63 52.56
C HIS A 119 16.21 0.41 51.78
N ILE A 120 15.66 0.84 50.64
CA ILE A 120 16.29 1.86 49.82
C ILE A 120 16.69 3.00 50.74
N ARG A 121 15.85 3.24 51.74
CA ARG A 121 16.08 4.30 52.71
C ARG A 121 17.31 3.96 53.54
N TYR A 122 17.45 2.68 53.92
CA TYR A 122 18.59 2.25 54.72
C TYR A 122 19.90 2.41 53.92
N ALA A 123 19.87 2.02 52.65
CA ALA A 123 21.04 2.14 51.79
C ALA A 123 21.51 3.60 51.79
N ARG A 124 20.57 4.51 51.51
CA ARG A 124 20.85 5.95 51.49
C ARG A 124 21.54 6.40 52.75
N ASP A 125 20.92 6.06 53.88
CA ASP A 125 21.45 6.44 55.17
C ASP A 125 22.79 5.79 55.45
N SER A 126 23.12 4.74 54.71
CA SER A 126 24.39 4.05 54.92
C SER A 126 25.47 4.50 53.95
N GLY A 127 25.10 5.35 53.00
CA GLY A 127 26.06 5.86 52.04
C GLY A 127 26.15 5.03 50.77
N VAL A 128 25.26 4.05 50.64
CA VAL A 128 25.27 3.20 49.45
C VAL A 128 24.49 3.91 48.36
N ASP A 129 25.19 4.43 47.36
CA ASP A 129 24.55 5.17 46.28
C ASP A 129 24.40 4.45 44.95
N VAL A 130 24.93 3.25 44.83
CA VAL A 130 24.79 2.51 43.57
C VAL A 130 23.76 1.39 43.74
N MET A 131 22.70 1.43 42.94
CA MET A 131 21.65 0.43 43.00
C MET A 131 21.23 0.06 41.58
N THR A 132 20.61 -1.09 41.41
CA THR A 132 20.16 -1.51 40.09
C THR A 132 18.65 -1.40 39.99
N PHE A 133 18.12 -1.56 38.78
CA PHE A 133 16.69 -1.47 38.54
C PHE A 133 16.43 -2.02 37.16
N ASP A 134 15.18 -2.37 36.86
CA ASP A 134 14.83 -2.91 35.56
C ASP A 134 13.43 -2.51 35.10
N CYS A 135 12.82 -1.53 35.76
CA CYS A 135 11.49 -1.08 35.37
C CYS A 135 11.29 0.36 35.85
N VAL A 136 10.39 1.10 35.19
CA VAL A 136 10.12 2.50 35.55
C VAL A 136 9.77 2.71 37.02
N ASP A 137 8.86 1.87 37.48
CA ASP A 137 8.35 1.75 38.85
C ASP A 137 9.41 1.96 39.93
N GLU A 138 10.48 1.17 39.79
CA GLU A 138 11.59 1.18 40.73
C GLU A 138 12.12 2.61 40.75
N LEU A 139 12.21 3.21 39.56
CA LEU A 139 12.70 4.58 39.42
C LEU A 139 11.83 5.56 40.19
N GLU A 140 10.51 5.35 40.15
CA GLU A 140 9.59 6.22 40.89
C GLU A 140 9.94 6.15 42.37
N LYS A 141 10.10 4.93 42.88
CA LYS A 141 10.44 4.75 44.29
C LYS A 141 11.76 5.44 44.60
N VAL A 142 12.73 5.26 43.72
CA VAL A 142 14.05 5.87 43.91
C VAL A 142 13.94 7.40 43.97
N ALA A 143 13.27 7.99 42.98
CA ALA A 143 13.09 9.43 42.92
C ALA A 143 12.58 10.03 44.23
N LYS A 144 11.63 9.33 44.86
CA LYS A 144 11.02 9.76 46.11
C LYS A 144 11.86 9.47 47.35
N THR A 145 12.74 8.47 47.26
CA THR A 145 13.51 8.06 48.42
C THR A 145 15.03 8.27 48.37
N HIS A 146 15.62 8.06 47.21
CA HIS A 146 17.07 8.22 47.03
C HIS A 146 17.31 8.84 45.65
N PRO A 147 17.01 10.14 45.50
CA PRO A 147 17.16 10.94 44.27
C PRO A 147 18.54 10.93 43.64
N LYS A 148 19.55 11.28 44.44
CA LYS A 148 20.92 11.36 43.96
C LYS A 148 21.65 10.02 43.93
N ALA A 149 20.91 8.95 43.66
CA ALA A 149 21.49 7.62 43.60
C ALA A 149 21.97 7.28 42.20
N LYS A 150 23.16 6.72 42.11
CA LYS A 150 23.68 6.33 40.81
C LYS A 150 22.96 5.01 40.52
N MET A 151 22.15 5.01 39.47
CA MET A 151 21.37 3.83 39.11
C MET A 151 21.89 3.07 37.90
N VAL A 152 21.92 1.75 38.03
CA VAL A 152 22.39 0.88 36.96
C VAL A 152 21.19 0.12 36.38
N LEU A 153 21.06 0.15 35.06
CA LEU A 153 19.98 -0.51 34.37
C LEU A 153 20.30 -1.98 34.03
N ARG A 154 19.67 -2.91 34.74
CA ARG A 154 19.89 -4.32 34.49
C ARG A 154 19.02 -4.79 33.35
N ILE A 155 19.61 -5.51 32.40
CA ILE A 155 18.85 -5.99 31.26
C ILE A 155 18.73 -7.51 31.22
N SER A 156 17.75 -8.00 30.47
CA SER A 156 17.48 -9.42 30.34
C SER A 156 18.54 -10.17 29.54
N THR A 157 18.74 -11.44 29.87
CA THR A 157 19.73 -12.28 29.19
C THR A 157 19.12 -13.61 28.76
N VAL A 168 13.09 -13.82 33.46
CA VAL A 168 11.69 -13.90 33.83
C VAL A 168 11.38 -12.98 35.02
N LYS A 169 12.09 -13.17 36.12
CA LYS A 169 11.87 -12.35 37.31
C LYS A 169 12.57 -10.99 37.30
N PHE A 170 13.71 -10.89 36.64
CA PHE A 170 14.49 -9.65 36.59
C PHE A 170 15.12 -9.39 35.23
N GLY A 171 15.45 -8.13 34.98
CA GLY A 171 16.07 -7.75 33.71
C GLY A 171 15.13 -7.21 32.66
N ALA A 172 15.24 -5.92 32.39
CA ALA A 172 14.40 -5.25 31.40
C ALA A 172 14.77 -5.68 29.99
N LYS A 173 13.77 -5.87 29.14
CA LYS A 173 14.05 -6.26 27.77
C LYS A 173 14.65 -5.04 27.07
N VAL A 174 15.49 -5.29 26.06
CA VAL A 174 16.14 -4.22 25.33
C VAL A 174 15.12 -3.28 24.68
N GLU A 175 14.10 -3.89 24.10
CA GLU A 175 13.03 -3.16 23.42
C GLU A 175 12.36 -2.12 24.31
N ASP A 176 12.32 -2.38 25.60
CA ASP A 176 11.66 -1.46 26.53
C ASP A 176 12.66 -0.51 27.20
N CYS A 177 13.94 -0.68 26.89
CA CYS A 177 14.97 0.15 27.51
C CYS A 177 14.92 1.62 27.12
N ARG A 178 14.64 1.91 25.85
CA ARG A 178 14.56 3.30 25.41
C ARG A 178 13.48 3.99 26.24
N PHE A 179 12.28 3.41 26.25
CA PHE A 179 11.17 3.98 27.01
C PHE A 179 11.53 4.14 28.50
N ILE A 180 12.21 3.15 29.07
CA ILE A 180 12.59 3.23 30.47
C ILE A 180 13.54 4.39 30.73
N LEU A 181 14.55 4.54 29.89
CA LEU A 181 15.51 5.63 30.04
C LEU A 181 14.82 6.98 29.95
N GLU A 182 13.97 7.13 28.94
CA GLU A 182 13.22 8.38 28.76
C GLU A 182 12.51 8.74 30.07
N GLN A 183 11.80 7.76 30.63
CA GLN A 183 11.07 7.96 31.87
C GLN A 183 12.01 8.31 33.03
N ALA A 184 13.20 7.73 33.02
CA ALA A 184 14.20 8.00 34.06
C ALA A 184 14.64 9.44 33.89
N LYS A 185 14.62 9.89 32.63
CA LYS A 185 15.00 11.25 32.29
C LYS A 185 13.96 12.15 32.93
N LYS A 186 12.68 11.87 32.64
CA LYS A 186 11.58 12.65 33.19
C LYS A 186 11.59 12.59 34.72
N LEU A 187 12.25 11.58 35.26
CA LEU A 187 12.32 11.44 36.72
C LEU A 187 13.62 11.99 37.28
N ASN A 188 14.46 12.53 36.40
CA ASN A 188 15.73 13.11 36.80
C ASN A 188 16.60 12.09 37.52
N ILE A 189 16.65 10.87 36.99
CA ILE A 189 17.44 9.80 37.58
C ILE A 189 18.84 9.75 36.96
N ASP A 190 19.85 9.71 37.82
CA ASP A 190 21.23 9.63 37.39
C ASP A 190 21.59 8.19 37.02
N VAL A 191 21.29 7.80 35.79
CA VAL A 191 21.59 6.46 35.29
C VAL A 191 23.07 6.34 34.92
N THR A 192 23.83 5.56 35.69
CA THR A 192 25.26 5.40 35.47
C THR A 192 25.78 4.13 34.79
N GLY A 193 24.90 3.29 34.24
CA GLY A 193 25.41 2.10 33.60
C GLY A 193 24.41 1.03 33.25
N VAL A 194 24.92 -0.14 32.88
CA VAL A 194 24.10 -1.27 32.49
C VAL A 194 24.63 -2.51 33.22
N SER A 195 23.77 -3.50 33.40
CA SER A 195 24.15 -4.73 34.07
C SER A 195 23.28 -5.86 33.55
N PHE A 196 23.72 -7.08 33.80
CA PHE A 196 22.99 -8.26 33.38
C PHE A 196 23.43 -9.45 34.22
N HIS A 197 22.76 -10.57 34.03
CA HIS A 197 23.10 -11.77 34.78
C HIS A 197 22.61 -12.99 34.02
N VAL A 198 23.53 -13.88 33.67
CA VAL A 198 23.16 -15.09 32.94
C VAL A 198 22.87 -16.24 33.88
N GLY A 199 23.50 -16.23 35.05
CA GLY A 199 23.28 -17.30 36.00
C GLY A 199 24.29 -18.42 35.82
N SER A 200 24.17 -19.46 36.64
CA SER A 200 25.11 -20.58 36.58
C SER A 200 24.67 -21.76 35.71
N GLY A 201 23.44 -21.70 35.19
CA GLY A 201 22.95 -22.78 34.35
C GLY A 201 23.39 -22.65 32.90
N SER A 202 24.65 -22.27 32.69
CA SER A 202 25.18 -22.10 31.35
C SER A 202 26.04 -23.26 30.87
N THR A 203 25.75 -23.71 29.66
CA THR A 203 26.48 -24.79 29.03
C THR A 203 27.42 -24.14 28.03
N ASP A 204 26.97 -23.00 27.53
CA ASP A 204 27.64 -22.25 26.51
C ASP A 204 27.89 -20.78 26.96
N ALA A 205 29.14 -20.32 26.80
CA ALA A 205 29.52 -18.96 27.21
C ALA A 205 29.09 -17.84 26.28
N SER A 206 28.59 -18.20 25.10
CA SER A 206 28.14 -17.21 24.12
C SER A 206 27.19 -16.22 24.80
N THR A 207 26.37 -16.75 25.71
CA THR A 207 25.40 -15.96 26.45
C THR A 207 26.04 -14.70 27.01
N PHE A 208 27.27 -14.83 27.49
CA PHE A 208 28.01 -13.70 28.04
C PHE A 208 28.34 -12.70 26.93
N ALA A 209 28.69 -13.24 25.76
CA ALA A 209 29.05 -12.42 24.62
C ALA A 209 27.85 -11.59 24.16
N GLN A 210 26.69 -12.24 24.06
CA GLN A 210 25.47 -11.57 23.62
C GLN A 210 24.97 -10.54 24.62
N ALA A 211 25.07 -10.86 25.90
CA ALA A 211 24.62 -9.96 26.94
C ALA A 211 25.47 -8.70 26.95
N ILE A 212 26.75 -8.86 26.62
CA ILE A 212 27.67 -7.74 26.58
C ILE A 212 27.46 -6.89 25.34
N SER A 213 27.12 -7.52 24.22
CA SER A 213 26.85 -6.79 23.00
C SER A 213 25.62 -5.92 23.29
N ASP A 214 24.58 -6.56 23.83
CA ASP A 214 23.35 -5.88 24.19
C ASP A 214 23.62 -4.73 25.14
N SER A 215 24.55 -4.92 26.07
CA SER A 215 24.88 -3.88 27.04
C SER A 215 25.43 -2.64 26.37
N ARG A 216 26.16 -2.83 25.27
CA ARG A 216 26.74 -1.70 24.53
C ARG A 216 25.59 -0.88 23.98
N PHE A 217 24.69 -1.59 23.28
CA PHE A 217 23.52 -0.99 22.67
C PHE A 217 22.77 -0.09 23.65
N VAL A 218 22.39 -0.64 24.80
CA VAL A 218 21.67 0.13 25.81
C VAL A 218 22.59 1.20 26.39
N PHE A 219 23.88 0.90 26.45
CA PHE A 219 24.86 1.84 26.98
C PHE A 219 24.84 3.10 26.15
N ASP A 220 24.76 2.92 24.83
CA ASP A 220 24.73 4.05 23.90
C ASP A 220 23.48 4.90 24.07
N MET A 221 22.33 4.24 24.17
CA MET A 221 21.07 4.96 24.34
C MET A 221 21.18 5.86 25.56
N GLY A 222 21.69 5.32 26.66
CA GLY A 222 21.83 6.12 27.86
C GLY A 222 22.68 7.35 27.60
N THR A 223 23.80 7.14 26.92
CA THR A 223 24.74 8.20 26.56
C THR A 223 24.06 9.17 25.59
N GLU A 224 23.23 8.62 24.73
CA GLU A 224 22.48 9.36 23.73
C GLU A 224 21.47 10.32 24.36
N LEU A 225 20.87 9.90 25.48
CA LEU A 225 19.88 10.73 26.16
C LEU A 225 20.53 11.60 27.23
N GLY A 226 21.82 11.86 27.06
CA GLY A 226 22.53 12.70 28.01
C GLY A 226 22.84 12.04 29.34
N PHE A 227 22.72 10.72 29.37
CA PHE A 227 23.02 9.99 30.60
C PHE A 227 24.50 9.66 30.68
N ASN A 228 25.07 9.87 31.87
CA ASN A 228 26.48 9.60 32.11
C ASN A 228 26.75 8.10 32.31
N MET A 229 26.72 7.34 31.23
CA MET A 229 26.94 5.89 31.26
C MET A 229 28.42 5.51 31.35
N HIS A 230 28.87 5.08 32.53
CA HIS A 230 30.27 4.71 32.69
C HIS A 230 30.49 3.45 33.52
N ILE A 231 29.45 2.64 33.69
CA ILE A 231 29.56 1.41 34.47
C ILE A 231 28.97 0.21 33.74
N LEU A 232 29.70 -0.89 33.75
CA LEU A 232 29.25 -2.14 33.13
C LEU A 232 29.39 -3.26 34.15
N ASP A 233 28.26 -3.86 34.52
CA ASP A 233 28.20 -4.94 35.50
C ASP A 233 27.91 -6.24 34.74
N ILE A 234 28.83 -7.18 34.75
CA ILE A 234 28.60 -8.44 34.03
C ILE A 234 27.98 -9.54 34.87
N GLY A 235 27.53 -9.19 36.07
CA GLY A 235 26.89 -10.15 36.95
C GLY A 235 27.72 -11.27 37.54
N GLY A 236 27.10 -12.44 37.62
CA GLY A 236 27.76 -13.61 38.18
C GLY A 236 27.46 -14.88 37.43
N GLY A 237 27.63 -16.02 38.09
CA GLY A 237 27.36 -17.29 37.45
C GLY A 237 28.63 -18.02 37.04
N PHE A 238 29.76 -17.63 37.63
CA PHE A 238 31.03 -18.24 37.31
C PHE A 238 31.31 -19.46 38.16
N PRO A 239 31.68 -20.58 37.50
CA PRO A 239 32.00 -21.87 38.12
C PRO A 239 32.91 -21.74 39.32
N GLY A 240 32.53 -22.40 40.40
CA GLY A 240 33.34 -22.37 41.61
C GLY A 240 34.12 -23.66 41.77
N THR A 241 34.00 -24.55 40.78
CA THR A 241 34.68 -25.84 40.80
C THR A 241 35.13 -26.25 39.40
N ARG A 242 36.00 -27.25 39.33
CA ARG A 242 36.46 -27.76 38.03
C ARG A 242 35.45 -28.83 37.63
N ASP A 243 34.56 -29.12 38.57
CA ASP A 243 33.50 -30.12 38.43
C ASP A 243 32.62 -29.85 37.20
N ALA A 244 32.27 -28.59 36.97
CA ALA A 244 31.42 -28.21 35.85
C ALA A 244 32.17 -28.09 34.52
N PRO A 245 31.60 -28.67 33.44
CA PRO A 245 32.15 -28.66 32.09
C PRO A 245 32.65 -27.32 31.55
N LEU A 246 31.81 -26.28 31.61
CA LEU A 246 32.20 -24.97 31.12
C LEU A 246 33.18 -24.31 32.10
N LYS A 247 34.46 -24.33 31.74
CA LYS A 247 35.52 -23.77 32.58
C LYS A 247 35.42 -22.27 32.77
N PHE A 248 35.88 -21.81 33.92
CA PHE A 248 35.86 -20.38 34.23
C PHE A 248 36.68 -19.68 33.17
N GLU A 249 37.80 -20.28 32.86
CA GLU A 249 38.75 -19.75 31.91
C GLU A 249 38.32 -19.74 30.44
N GLU A 250 37.38 -20.59 30.06
CA GLU A 250 36.92 -20.56 28.67
C GLU A 250 35.87 -19.44 28.64
N ILE A 251 35.40 -19.09 29.84
CA ILE A 251 34.40 -18.05 30.00
C ILE A 251 35.06 -16.69 30.02
N ALA A 252 36.09 -16.55 30.86
CA ALA A 252 36.80 -15.29 30.94
C ALA A 252 37.30 -14.94 29.54
N GLY A 253 37.68 -15.96 28.79
CA GLY A 253 38.15 -15.75 27.44
C GLY A 253 37.09 -15.12 26.55
N VAL A 254 35.93 -15.76 26.47
CA VAL A 254 34.83 -15.26 25.65
C VAL A 254 34.39 -13.88 26.11
N ILE A 255 34.48 -13.63 27.41
CA ILE A 255 34.10 -12.35 27.98
C ILE A 255 35.07 -11.26 27.52
N ASN A 256 36.35 -11.51 27.72
CA ASN A 256 37.38 -10.55 27.32
C ASN A 256 37.31 -10.22 25.83
N ASN A 257 36.98 -11.20 25.00
CA ASN A 257 36.85 -10.99 23.57
C ASN A 257 35.74 -9.97 23.31
N ALA A 258 34.52 -10.31 23.73
CA ALA A 258 33.38 -9.43 23.55
C ALA A 258 33.57 -8.09 24.24
N LEU A 259 34.29 -8.10 25.35
CA LEU A 259 34.56 -6.90 26.13
C LEU A 259 35.52 -5.98 25.39
N GLU A 260 36.20 -6.53 24.40
CA GLU A 260 37.16 -5.79 23.60
C GLU A 260 36.49 -5.26 22.34
N LYS A 261 35.53 -6.02 21.83
CA LYS A 261 34.80 -5.66 20.64
C LYS A 261 33.69 -4.65 20.93
N HIS A 262 33.32 -4.51 22.20
CA HIS A 262 32.25 -3.58 22.56
C HIS A 262 32.61 -2.60 23.66
N PHE A 263 33.57 -2.94 24.51
CA PHE A 263 33.95 -2.02 25.58
C PHE A 263 35.46 -1.84 25.70
N PRO A 264 36.11 -1.40 24.60
CA PRO A 264 37.56 -1.20 24.61
C PRO A 264 37.97 -0.36 25.81
N PRO A 265 39.19 -0.56 26.32
CA PRO A 265 39.68 0.20 27.48
C PRO A 265 39.31 1.67 27.44
N ASP A 266 39.11 2.24 28.62
CA ASP A 266 38.72 3.64 28.74
C ASP A 266 38.75 3.98 30.22
N LEU A 267 39.52 4.99 30.59
CA LEU A 267 39.64 5.39 31.98
C LEU A 267 38.33 5.87 32.60
N LYS A 268 37.39 6.29 31.76
CA LYS A 268 36.11 6.76 32.26
C LYS A 268 35.22 5.56 32.57
N LEU A 269 35.45 4.49 31.83
CA LEU A 269 34.69 3.26 32.00
C LEU A 269 35.20 2.43 33.17
N THR A 270 34.27 1.77 33.84
CA THR A 270 34.58 0.90 34.97
C THR A 270 33.77 -0.36 34.77
N ILE A 271 34.45 -1.50 34.74
CA ILE A 271 33.77 -2.77 34.55
C ILE A 271 33.82 -3.61 35.82
N VAL A 272 32.65 -4.09 36.25
CA VAL A 272 32.59 -4.91 37.45
C VAL A 272 31.74 -6.15 37.22
N ALA A 273 31.73 -7.02 38.20
CA ALA A 273 30.96 -8.26 38.14
C ALA A 273 30.47 -8.57 39.55
N GLU A 274 29.49 -9.46 39.63
CA GLU A 274 28.91 -9.87 40.90
C GLU A 274 29.12 -11.37 41.08
N PRO A 275 30.37 -11.80 41.27
CA PRO A 275 30.64 -13.23 41.45
C PRO A 275 30.23 -13.71 42.84
N GLY A 276 29.57 -14.87 42.87
CA GLY A 276 29.15 -15.43 44.15
C GLY A 276 29.81 -16.75 44.48
N ARG A 277 29.42 -17.79 43.74
CA ARG A 277 29.94 -19.13 43.96
C ARG A 277 31.42 -19.29 43.57
N TYR A 278 31.86 -18.50 42.58
CA TYR A 278 33.25 -18.56 42.14
C TYR A 278 34.22 -18.48 43.32
N TYR A 279 33.99 -17.55 44.22
CA TYR A 279 34.87 -17.36 45.37
C TYR A 279 34.76 -18.29 46.58
N VAL A 280 33.66 -19.01 46.74
CA VAL A 280 33.52 -19.85 47.94
C VAL A 280 33.08 -21.31 47.84
N ALA A 281 32.55 -21.72 46.70
CA ALA A 281 32.08 -23.09 46.56
C ALA A 281 33.07 -24.15 47.04
N SER A 282 34.29 -24.13 46.50
CA SER A 282 35.29 -25.12 46.86
C SER A 282 36.00 -24.88 48.18
N ALA A 283 35.80 -23.72 48.79
CA ALA A 283 36.48 -23.41 50.04
C ALA A 283 35.89 -24.08 51.27
N PHE A 284 34.67 -24.59 51.14
CA PHE A 284 34.02 -25.24 52.26
C PHE A 284 33.88 -26.75 52.10
N THR A 285 34.23 -27.46 53.16
CA THR A 285 34.14 -28.91 53.20
C THR A 285 33.30 -29.28 54.44
N LEU A 286 32.20 -30.00 54.19
CA LEU A 286 31.29 -30.38 55.28
C LEU A 286 31.50 -31.79 55.81
N ALA A 287 31.57 -31.89 57.13
CA ALA A 287 31.75 -33.17 57.80
C ALA A 287 30.50 -33.57 58.57
N VAL A 288 29.83 -34.64 58.14
CA VAL A 288 28.64 -35.14 58.83
C VAL A 288 28.92 -36.50 59.47
N ASN A 289 28.26 -36.76 60.59
CA ASN A 289 28.43 -38.03 61.30
C ASN A 289 27.30 -39.01 60.99
N VAL A 290 27.65 -40.24 60.61
CA VAL A 290 26.63 -41.24 60.33
C VAL A 290 25.96 -41.57 61.67
N ILE A 291 24.65 -41.27 61.77
CA ILE A 291 23.92 -41.50 63.01
C ILE A 291 23.08 -42.77 63.09
N ALA A 292 22.85 -43.43 61.96
CA ALA A 292 22.08 -44.66 61.97
C ALA A 292 22.24 -45.32 60.62
N LYS A 293 22.16 -46.64 60.61
CA LYS A 293 22.33 -47.40 59.38
C LYS A 293 21.20 -48.41 59.19
N LYS A 294 21.02 -48.86 57.95
CA LYS A 294 19.99 -49.85 57.63
C LYS A 294 20.51 -50.68 56.47
N VAL A 295 20.67 -51.99 56.70
CA VAL A 295 21.17 -52.89 55.67
C VAL A 295 20.01 -53.62 55.01
N THR A 296 20.27 -54.25 53.87
CA THR A 296 19.24 -55.00 53.16
C THR A 296 19.84 -55.97 52.15
N GLN A 312 22.85 -56.36 48.17
CA GLN A 312 23.42 -55.84 49.40
C GLN A 312 23.64 -54.32 49.27
N SER A 313 22.66 -53.55 49.71
CA SER A 313 22.75 -52.08 49.65
C SER A 313 22.51 -51.49 51.02
N PHE A 314 23.10 -50.33 51.27
CA PHE A 314 22.94 -49.66 52.55
C PHE A 314 22.17 -48.35 52.50
N MET A 315 21.79 -47.90 53.69
CA MET A 315 21.06 -46.65 53.87
C MET A 315 21.63 -46.00 55.12
N TYR A 316 22.35 -44.90 54.93
CA TYR A 316 22.93 -44.21 56.06
C TYR A 316 22.18 -42.91 56.32
N TYR A 317 22.12 -42.56 57.60
CA TYR A 317 21.45 -41.37 58.07
C TYR A 317 22.48 -40.48 58.73
N VAL A 318 22.56 -39.22 58.29
CA VAL A 318 23.53 -38.29 58.85
C VAL A 318 22.82 -37.14 59.56
N ASN A 319 23.53 -36.48 60.47
CA ASN A 319 22.96 -35.39 61.26
C ASN A 319 22.92 -34.00 60.60
N ASP A 320 22.56 -33.97 59.33
CA ASP A 320 22.44 -32.72 58.59
C ASP A 320 21.84 -33.08 57.24
N GLY A 321 21.00 -32.20 56.71
CA GLY A 321 20.36 -32.48 55.43
C GLY A 321 19.61 -31.29 54.86
N VAL A 322 18.70 -31.57 53.93
CA VAL A 322 17.93 -30.53 53.27
C VAL A 322 17.40 -29.37 54.13
N TYR A 323 17.10 -29.61 55.41
CA TYR A 323 16.62 -28.52 56.24
C TYR A 323 17.79 -27.78 56.84
N GLY A 324 18.94 -27.94 56.21
CA GLY A 324 20.15 -27.29 56.67
C GLY A 324 21.12 -27.12 55.51
N SER A 325 22.41 -27.33 55.79
CA SER A 325 23.45 -27.19 54.79
C SER A 325 23.08 -27.79 53.44
N PHE A 326 22.16 -28.75 53.42
CA PHE A 326 21.79 -29.34 52.13
C PHE A 326 20.54 -28.76 51.49
N ASN A 327 20.10 -27.61 51.98
CA ASN A 327 18.92 -26.98 51.38
C ASN A 327 19.28 -26.67 49.92
N CYS A 328 20.58 -26.67 49.63
CA CYS A 328 21.09 -26.38 48.30
C CYS A 328 20.67 -27.41 47.25
N ILE A 329 20.20 -28.57 47.70
CA ILE A 329 19.78 -29.60 46.74
C ILE A 329 18.44 -29.18 46.14
N LEU A 330 17.65 -28.48 46.95
CA LEU A 330 16.34 -28.03 46.52
C LEU A 330 16.35 -26.59 46.01
N TYR A 331 17.12 -25.74 46.67
CA TYR A 331 17.23 -24.33 46.29
C TYR A 331 18.25 -24.02 45.19
N ASP A 332 19.38 -24.73 45.17
CA ASP A 332 20.41 -24.44 44.18
C ASP A 332 20.76 -25.53 43.18
N HIS A 333 19.94 -26.56 43.05
CA HIS A 333 20.21 -27.64 42.09
C HIS A 333 21.49 -28.42 42.40
N ALA A 334 21.97 -28.31 43.63
CA ALA A 334 23.20 -28.99 44.03
C ALA A 334 23.13 -30.51 43.94
N VAL A 335 24.20 -31.09 43.41
CA VAL A 335 24.34 -32.55 43.31
C VAL A 335 25.60 -32.80 44.13
N VAL A 336 25.47 -33.49 45.26
CA VAL A 336 26.62 -33.74 46.12
C VAL A 336 27.21 -35.15 46.06
N ARG A 337 28.46 -35.27 46.53
CA ARG A 337 29.18 -36.54 46.53
C ARG A 337 29.69 -36.91 47.93
N PRO A 338 29.13 -37.99 48.51
CA PRO A 338 29.56 -38.41 49.85
C PRO A 338 31.00 -38.91 49.73
N LEU A 339 31.81 -38.56 50.72
CA LEU A 339 33.22 -38.91 50.70
C LEU A 339 33.69 -39.38 52.06
N PRO A 340 33.93 -40.68 52.20
CA PRO A 340 34.40 -41.30 53.44
C PRO A 340 35.65 -40.61 54.04
N GLN A 341 35.75 -40.52 55.37
CA GLN A 341 36.94 -39.91 56.02
C GLN A 341 37.75 -41.07 56.47
N ARG A 342 37.79 -41.99 55.55
CA ARG A 342 38.50 -43.16 55.81
C ARG A 342 39.26 -43.47 54.58
N GLU A 343 40.42 -44.02 54.85
CA GLU A 343 41.36 -44.42 53.86
C GLU A 343 40.86 -45.65 53.08
N PRO A 344 40.82 -45.54 51.74
CA PRO A 344 40.41 -46.45 50.66
C PRO A 344 41.07 -47.82 50.49
N GLU A 348 38.43 -51.94 48.94
CA GLU A 348 37.08 -52.25 49.43
C GLU A 348 36.03 -52.71 48.44
N LYS A 349 35.10 -53.47 48.99
CA LYS A 349 33.95 -53.91 48.24
C LYS A 349 33.11 -52.68 48.52
N LEU A 350 32.53 -52.11 47.47
CA LEU A 350 31.70 -50.94 47.57
C LEU A 350 30.29 -51.38 47.23
N TYR A 351 29.29 -50.80 47.89
CA TYR A 351 27.91 -51.17 47.62
C TYR A 351 27.04 -49.95 47.36
N PRO A 352 25.97 -50.10 46.57
CA PRO A 352 25.10 -48.96 46.31
C PRO A 352 24.50 -48.48 47.63
N SER A 353 24.61 -47.17 47.88
CA SER A 353 24.09 -46.61 49.12
C SER A 353 23.17 -45.43 48.86
N SER A 354 22.80 -44.77 49.95
CA SER A 354 21.93 -43.60 49.92
C SER A 354 22.13 -42.95 51.27
N VAL A 355 22.18 -41.63 51.29
CA VAL A 355 22.37 -40.91 52.55
C VAL A 355 21.07 -40.16 52.82
N TRP A 356 20.79 -39.87 54.09
CA TRP A 356 19.54 -39.19 54.44
C TRP A 356 19.74 -38.20 55.57
N GLY A 357 18.93 -37.15 55.55
CA GLY A 357 18.98 -36.15 56.59
C GLY A 357 18.33 -36.74 57.84
N PRO A 358 18.60 -36.18 59.02
CA PRO A 358 18.08 -36.63 60.31
C PRO A 358 16.59 -36.37 60.54
N THR A 359 15.95 -35.72 59.59
CA THR A 359 14.55 -35.33 59.67
C THR A 359 13.53 -36.39 59.25
N CYS A 360 12.36 -36.35 59.87
CA CYS A 360 11.28 -37.30 59.57
C CYS A 360 10.70 -37.14 58.17
N ASP A 361 11.11 -36.08 57.48
CA ASP A 361 10.62 -35.80 56.14
C ASP A 361 11.24 -36.77 55.13
N GLY A 362 10.41 -37.49 54.40
CA GLY A 362 10.92 -38.44 53.42
C GLY A 362 11.57 -37.78 52.24
N LEU A 363 11.52 -36.45 52.21
CA LEU A 363 12.11 -35.66 51.15
C LEU A 363 13.52 -35.27 51.57
N ASP A 364 13.77 -35.35 52.87
CA ASP A 364 15.08 -35.00 53.40
C ASP A 364 16.08 -36.10 53.04
N GLN A 365 16.35 -36.23 51.75
CA GLN A 365 17.29 -37.22 51.23
C GLN A 365 18.48 -36.45 50.64
N ILE A 366 19.69 -36.87 51.00
CA ILE A 366 20.90 -36.20 50.52
C ILE A 366 21.48 -36.87 49.28
N VAL A 367 21.68 -38.18 49.34
CA VAL A 367 22.22 -38.91 48.20
C VAL A 367 21.27 -40.00 47.82
N GLU A 368 21.17 -40.29 46.54
CA GLU A 368 20.26 -41.33 46.13
C GLU A 368 20.87 -42.71 46.02
N ARG A 369 21.83 -42.84 45.11
CA ARG A 369 22.45 -44.12 44.89
C ARG A 369 23.91 -43.94 44.55
N TYR A 370 24.75 -43.98 45.58
CA TYR A 370 26.17 -43.79 45.40
C TYR A 370 26.96 -44.95 46.02
N TYR A 371 27.90 -45.50 45.25
CA TYR A 371 28.69 -46.60 45.76
C TYR A 371 29.69 -46.17 46.80
N LEU A 372 29.53 -46.70 48.00
CA LEU A 372 30.39 -46.39 49.13
C LEU A 372 30.78 -47.66 49.86
N PRO A 373 31.85 -47.60 50.66
CA PRO A 373 32.27 -48.80 51.40
C PRO A 373 31.25 -48.96 52.54
N GLU A 374 31.17 -50.14 53.15
CA GLU A 374 30.23 -50.27 54.24
C GLU A 374 30.71 -49.34 55.34
N MET A 375 29.82 -48.48 55.80
CA MET A 375 30.15 -47.53 56.85
C MET A 375 29.56 -48.01 58.16
N GLN A 376 29.89 -47.32 59.23
CA GLN A 376 29.39 -47.71 60.53
C GLN A 376 28.99 -46.49 61.35
N VAL A 377 27.85 -46.61 62.01
CA VAL A 377 27.35 -45.54 62.85
C VAL A 377 28.49 -44.96 63.66
N GLY A 378 28.57 -43.64 63.72
CA GLY A 378 29.65 -43.00 64.46
C GLY A 378 30.79 -42.59 63.56
N GLU A 379 30.83 -43.13 62.34
CA GLU A 379 31.89 -42.79 61.39
C GLU A 379 31.50 -41.54 60.61
N TRP A 380 32.49 -40.75 60.21
CA TRP A 380 32.22 -39.52 59.49
C TRP A 380 32.13 -39.64 57.99
N LEU A 381 31.38 -38.72 57.41
CA LEU A 381 31.18 -38.65 55.97
C LEU A 381 31.45 -37.21 55.59
N LEU A 382 32.16 -37.01 54.49
CA LEU A 382 32.51 -35.68 54.06
C LEU A 382 31.83 -35.28 52.76
N PHE A 383 31.59 -33.98 52.63
CA PHE A 383 31.01 -33.41 51.42
C PHE A 383 31.85 -32.17 51.10
N GLU A 384 32.49 -32.21 49.94
CA GLU A 384 33.33 -31.09 49.49
C GLU A 384 32.54 -30.17 48.58
N ASP A 385 33.06 -28.96 48.40
CA ASP A 385 32.39 -27.97 47.54
C ASP A 385 31.01 -27.68 48.12
N MET A 386 30.99 -27.23 49.37
CA MET A 386 29.76 -26.93 50.07
C MET A 386 29.85 -25.55 50.70
N GLY A 387 30.46 -24.61 49.97
CA GLY A 387 30.59 -23.26 50.50
C GLY A 387 29.64 -22.28 49.85
N ALA A 388 29.07 -22.69 48.72
CA ALA A 388 28.15 -21.86 47.96
C ALA A 388 26.66 -22.14 48.24
N TYR A 389 25.97 -21.14 48.79
CA TYR A 389 24.54 -21.25 49.10
C TYR A 389 24.24 -22.46 49.97
N THR A 390 24.95 -22.54 51.10
CA THR A 390 24.78 -23.64 52.03
C THR A 390 24.66 -23.13 53.45
N VAL A 391 25.29 -22.01 53.74
CA VAL A 391 25.21 -21.45 55.08
C VAL A 391 24.53 -20.09 55.02
N SER A 402 22.92 -25.86 63.47
CA SER A 402 23.59 -26.01 62.18
C SER A 402 25.11 -25.94 62.31
N PRO A 403 25.82 -26.77 61.52
CA PRO A 403 27.28 -26.90 61.47
C PRO A 403 28.12 -25.68 61.86
N THR A 404 28.90 -25.84 62.93
CA THR A 404 29.80 -24.78 63.37
C THR A 404 30.81 -24.67 62.23
N ILE A 405 31.54 -23.57 62.16
CA ILE A 405 32.50 -23.40 61.08
C ILE A 405 33.94 -23.16 61.53
N TYR A 406 34.83 -24.05 61.10
CA TYR A 406 36.25 -23.95 61.43
C TYR A 406 37.02 -23.63 60.17
N TYR A 407 37.89 -22.62 60.24
CA TYR A 407 38.67 -22.20 59.08
C TYR A 407 40.13 -22.63 59.08
N VAL A 408 40.67 -22.84 57.88
CA VAL A 408 42.04 -23.27 57.68
C VAL A 408 42.69 -22.41 56.59
N VAL A 409 43.90 -21.92 56.85
CA VAL A 409 44.61 -21.11 55.87
C VAL A 409 45.86 -21.86 55.43
N SER A 410 45.78 -22.52 54.28
CA SER A 410 46.90 -23.30 53.76
C SER A 410 47.83 -22.55 52.82
N GLY A 411 48.83 -23.27 52.31
CA GLY A 411 49.81 -22.71 51.39
C GLY A 411 50.00 -21.20 51.38
N LEU A 412 50.19 -20.61 52.55
CA LEU A 412 50.35 -19.15 52.63
C LEU A 412 51.30 -18.62 53.70
N PRO A 413 52.20 -17.69 53.30
CA PRO A 413 53.25 -16.97 54.03
C PRO A 413 52.89 -16.10 55.24
N ASP A 414 52.63 -16.75 56.37
CA ASP A 414 52.30 -16.09 57.63
C ASP A 414 52.30 -14.56 57.60
N ASN B 20 -11.62 -11.03 65.88
CA ASN B 20 -11.53 -11.47 64.50
C ASN B 20 -10.23 -10.97 63.84
N THR B 21 -9.73 -11.85 62.99
CA THR B 21 -8.48 -11.80 62.21
C THR B 21 -8.63 -10.97 61.00
N ARG B 22 -9.67 -11.39 60.36
CA ARG B 22 -10.11 -10.81 59.17
C ARG B 22 -10.25 -9.33 59.46
N ASP B 23 -10.09 -8.93 60.71
CA ASP B 23 -10.29 -7.54 60.96
C ASP B 23 -9.27 -6.93 61.94
N ALA B 24 -8.71 -7.71 62.88
CA ALA B 24 -7.65 -7.18 63.78
C ALA B 24 -6.27 -6.87 63.06
N LEU B 25 -6.19 -7.31 61.77
CA LEU B 25 -5.17 -7.18 60.64
C LEU B 25 -5.52 -5.85 59.99
N CYS B 26 -6.84 -5.69 59.95
CA CYS B 26 -7.64 -4.54 59.50
C CYS B 26 -7.97 -3.68 60.82
N LYS B 27 -6.87 -3.47 61.59
CA LYS B 27 -6.53 -2.71 62.89
C LYS B 27 -5.02 -2.03 62.95
N LYS B 28 -3.91 -2.82 62.81
CA LYS B 28 -2.40 -2.54 62.91
C LYS B 28 -1.71 -2.19 61.64
N ILE B 29 -2.58 -2.25 60.68
CA ILE B 29 -2.24 -1.76 59.43
C ILE B 29 -2.79 -0.30 59.62
N SER B 30 -2.23 0.33 60.66
CA SER B 30 -2.47 1.69 61.13
C SER B 30 -1.16 2.20 61.75
N GLY B 37 6.73 -1.46 57.00
CA GLY B 37 5.79 -2.36 56.34
C GLY B 37 6.29 -3.80 56.30
N ASP B 38 6.85 -4.28 57.40
CA ASP B 38 7.36 -5.64 57.47
C ASP B 38 6.23 -6.66 57.55
N PRO B 39 6.41 -7.84 56.95
CA PRO B 39 5.36 -8.87 56.98
C PRO B 39 5.12 -9.36 58.41
N PHE B 40 3.90 -9.80 58.67
CA PHE B 40 3.57 -10.28 60.01
C PHE B 40 2.54 -11.39 59.96
N PHE B 41 2.55 -12.22 60.99
CA PHE B 41 1.63 -13.34 61.11
C PHE B 41 0.54 -13.00 62.11
N VAL B 42 -0.68 -13.39 61.80
CA VAL B 42 -1.79 -13.20 62.73
C VAL B 42 -2.26 -14.63 63.03
N ALA B 43 -2.04 -15.08 64.26
CA ALA B 43 -2.41 -16.42 64.65
C ALA B 43 -3.66 -16.45 65.53
N ASP B 44 -4.69 -17.16 65.05
CA ASP B 44 -5.94 -17.28 65.78
C ASP B 44 -5.94 -18.53 66.65
N LEU B 45 -5.48 -18.38 67.89
CA LEU B 45 -5.42 -19.51 68.82
C LEU B 45 -6.76 -20.22 68.94
N GLY B 46 -7.84 -19.44 68.92
CA GLY B 46 -9.16 -20.03 69.02
C GLY B 46 -9.45 -21.06 67.94
N ASP B 47 -8.83 -20.90 66.78
CA ASP B 47 -9.05 -21.83 65.67
C ASP B 47 -8.44 -23.18 66.03
N ILE B 48 -7.50 -23.16 66.96
CA ILE B 48 -6.85 -24.38 67.40
C ILE B 48 -7.79 -25.09 68.38
N VAL B 49 -8.32 -24.34 69.34
CA VAL B 49 -9.24 -24.88 70.33
C VAL B 49 -10.41 -25.53 69.60
N ARG B 50 -10.80 -24.95 68.47
CA ARG B 50 -11.90 -25.51 67.71
C ARG B 50 -11.48 -26.79 67.00
N LYS B 51 -10.23 -26.82 66.55
CA LYS B 51 -9.70 -27.99 65.86
C LYS B 51 -9.70 -29.20 66.80
N HIS B 52 -9.38 -28.94 68.06
CA HIS B 52 -9.34 -29.95 69.10
C HIS B 52 -10.73 -30.54 69.34
N GLU B 53 -11.71 -29.68 69.63
CA GLU B 53 -13.07 -30.13 69.87
C GLU B 53 -13.53 -31.06 68.76
N THR B 54 -13.19 -30.70 67.53
CA THR B 54 -13.58 -31.50 66.37
C THR B 54 -12.86 -32.83 66.36
N TRP B 55 -11.68 -32.87 66.98
CA TRP B 55 -10.89 -34.08 67.05
C TRP B 55 -11.51 -35.01 68.09
N LYS B 56 -11.69 -34.50 69.31
CA LYS B 56 -12.29 -35.26 70.39
C LYS B 56 -13.65 -35.82 69.98
N LYS B 57 -14.23 -35.22 68.96
CA LYS B 57 -15.54 -35.62 68.47
C LYS B 57 -15.48 -36.69 67.39
N CYS B 58 -14.65 -36.46 66.38
CA CYS B 58 -14.53 -37.41 65.28
C CYS B 58 -13.62 -38.60 65.57
N LEU B 59 -12.80 -38.48 66.60
CA LEU B 59 -11.89 -39.57 67.00
C LEU B 59 -11.78 -39.56 68.53
N PRO B 60 -12.86 -39.95 69.21
CA PRO B 60 -12.91 -40.00 70.67
C PRO B 60 -11.92 -40.98 71.31
N ARG B 61 -11.63 -42.06 70.61
CA ARG B 61 -10.70 -43.08 71.12
C ARG B 61 -9.23 -42.77 70.94
N VAL B 62 -8.93 -41.81 70.05
CA VAL B 62 -7.54 -41.46 69.75
C VAL B 62 -7.01 -40.21 70.45
N THR B 63 -5.95 -40.39 71.22
CA THR B 63 -5.32 -39.27 71.92
C THR B 63 -4.30 -38.64 70.98
N PRO B 64 -4.38 -37.31 70.79
CA PRO B 64 -3.44 -36.61 69.92
C PRO B 64 -2.12 -36.19 70.53
N PHE B 65 -1.05 -36.49 69.78
CA PHE B 65 0.31 -36.11 70.17
C PHE B 65 0.71 -35.21 69.02
N TYR B 66 0.72 -33.91 69.31
CA TYR B 66 1.04 -32.88 68.33
C TYR B 66 2.46 -32.92 67.78
N ALA B 67 2.57 -33.11 66.47
CA ALA B 67 3.88 -33.14 65.81
C ALA B 67 4.49 -31.74 65.85
N VAL B 68 5.21 -31.44 66.93
CA VAL B 68 5.86 -30.15 67.13
C VAL B 68 6.58 -29.56 65.90
N LYS B 69 7.11 -30.45 65.05
CA LYS B 69 7.84 -30.05 63.84
C LYS B 69 7.00 -29.16 62.90
N CYS B 70 5.69 -29.35 62.94
CA CYS B 70 4.78 -28.62 62.08
C CYS B 70 4.74 -27.11 62.33
N ASN B 71 4.82 -26.74 63.59
CA ASN B 71 4.77 -25.36 64.00
C ASN B 71 5.10 -25.40 65.47
N ASP B 72 6.27 -24.87 65.82
CA ASP B 72 6.69 -24.88 67.20
C ASP B 72 6.47 -23.56 67.91
N ASP B 73 5.47 -22.80 67.47
CA ASP B 73 5.21 -21.54 68.12
C ASP B 73 4.84 -21.80 69.57
N TRP B 74 5.35 -20.95 70.45
CA TRP B 74 5.12 -21.05 71.86
C TRP B 74 3.69 -21.09 72.34
N ARG B 75 2.91 -20.16 71.83
CA ARG B 75 1.51 -20.06 72.20
C ARG B 75 0.79 -21.26 71.64
N VAL B 76 1.24 -21.73 70.48
CA VAL B 76 0.62 -22.88 69.86
C VAL B 76 0.82 -24.11 70.74
N LEU B 77 2.03 -24.28 71.26
CA LEU B 77 2.33 -25.41 72.12
C LEU B 77 1.59 -25.28 73.45
N GLY B 78 1.65 -24.10 74.05
CA GLY B 78 0.98 -23.88 75.32
C GLY B 78 -0.51 -24.09 75.21
N THR B 79 -1.08 -23.61 74.11
CA THR B 79 -2.51 -23.75 73.86
C THR B 79 -2.87 -25.23 73.78
N LEU B 80 -2.10 -25.98 73.01
CA LEU B 80 -2.33 -27.41 72.85
C LEU B 80 -2.13 -28.12 74.17
N ALA B 81 -1.14 -27.67 74.94
CA ALA B 81 -0.87 -28.27 76.24
C ALA B 81 -2.11 -28.14 77.11
N ALA B 82 -2.58 -26.91 77.26
CA ALA B 82 -3.76 -26.63 78.08
C ALA B 82 -4.97 -27.45 77.65
N LEU B 83 -5.08 -27.71 76.36
CA LEU B 83 -6.19 -28.50 75.82
C LEU B 83 -6.02 -29.97 76.16
N GLY B 84 -4.99 -30.28 76.94
CA GLY B 84 -4.71 -31.64 77.35
C GLY B 84 -4.19 -32.55 76.26
N THR B 85 -3.43 -31.99 75.33
CA THR B 85 -2.91 -32.79 74.23
C THR B 85 -1.50 -33.31 74.53
N GLY B 86 -1.07 -34.29 73.74
CA GLY B 86 0.26 -34.83 73.91
C GLY B 86 1.17 -34.28 72.82
N PHE B 87 2.48 -34.38 72.99
CA PHE B 87 3.40 -33.86 71.99
C PHE B 87 4.33 -34.87 71.34
N ASP B 88 4.36 -34.85 70.02
CA ASP B 88 5.22 -35.73 69.23
C ASP B 88 6.52 -35.01 68.88
N CYS B 89 7.55 -35.17 69.70
CA CYS B 89 8.84 -34.53 69.43
C CYS B 89 9.70 -35.47 68.60
N ALA B 90 10.44 -34.91 67.65
CA ALA B 90 11.29 -35.74 66.79
C ALA B 90 12.76 -35.36 66.90
N SER B 91 13.11 -34.58 67.91
CA SER B 91 14.50 -34.18 68.10
C SER B 91 14.75 -33.79 69.54
N ASN B 92 16.02 -33.64 69.90
CA ASN B 92 16.37 -33.28 71.26
C ASN B 92 15.90 -31.86 71.59
N THR B 93 15.89 -30.98 70.60
CA THR B 93 15.47 -29.60 70.81
C THR B 93 13.96 -29.48 70.98
N GLU B 94 13.21 -30.23 70.19
CA GLU B 94 11.76 -30.19 70.31
C GLU B 94 11.38 -30.68 71.70
N ILE B 95 12.10 -31.69 72.20
CA ILE B 95 11.83 -32.23 73.54
C ILE B 95 12.15 -31.15 74.58
N GLN B 96 13.30 -30.49 74.41
CA GLN B 96 13.72 -29.45 75.35
C GLN B 96 12.68 -28.33 75.36
N ARG B 97 12.14 -28.04 74.19
CA ARG B 97 11.15 -26.98 74.03
C ARG B 97 9.86 -27.34 74.77
N VAL B 98 9.32 -28.51 74.46
CA VAL B 98 8.08 -28.97 75.11
C VAL B 98 8.28 -29.07 76.61
N ARG B 99 9.38 -29.69 77.04
CA ARG B 99 9.65 -29.81 78.46
C ARG B 99 9.74 -28.42 79.09
N GLY B 100 10.11 -27.44 78.26
CA GLY B 100 10.26 -26.08 78.74
C GLY B 100 8.98 -25.38 79.16
N ILE B 101 7.85 -25.72 78.54
CA ILE B 101 6.59 -25.08 78.89
C ILE B 101 5.84 -25.85 79.98
N GLY B 102 6.60 -26.63 80.76
CA GLY B 102 6.01 -27.39 81.85
C GLY B 102 5.39 -28.74 81.53
N VAL B 103 5.31 -29.10 80.26
CA VAL B 103 4.73 -30.39 79.88
C VAL B 103 5.54 -31.54 80.46
N PRO B 104 4.87 -32.51 81.09
CA PRO B 104 5.54 -33.66 81.68
C PRO B 104 6.00 -34.68 80.62
N PRO B 105 7.17 -35.30 80.84
CA PRO B 105 7.78 -36.30 79.96
C PRO B 105 6.81 -37.34 79.41
N GLU B 106 5.91 -37.80 80.28
CA GLU B 106 4.94 -38.83 79.92
C GLU B 106 4.12 -38.47 78.70
N LYS B 107 3.86 -37.18 78.52
CA LYS B 107 3.05 -36.72 77.40
C LYS B 107 3.83 -36.53 76.11
N ILE B 108 5.08 -36.98 76.10
CA ILE B 108 5.93 -36.85 74.92
C ILE B 108 6.25 -38.21 74.31
N ILE B 109 6.30 -38.24 72.99
CA ILE B 109 6.67 -39.45 72.26
C ILE B 109 7.79 -39.05 71.30
N TYR B 110 8.98 -39.60 71.53
CA TYR B 110 10.12 -39.32 70.65
C TYR B 110 9.86 -40.17 69.41
N ALA B 111 9.01 -39.67 68.52
CA ALA B 111 8.62 -40.41 67.33
C ALA B 111 9.56 -40.43 66.13
N ASN B 112 10.85 -40.21 66.37
CA ASN B 112 11.82 -40.24 65.26
C ASN B 112 12.46 -41.63 65.27
N PRO B 113 12.25 -42.40 64.20
CA PRO B 113 12.82 -43.76 64.09
C PRO B 113 14.33 -43.87 64.28
N CYS B 114 15.10 -43.17 63.46
CA CYS B 114 16.57 -43.21 63.54
C CYS B 114 17.11 -41.99 64.29
N LYS B 115 17.44 -42.21 65.57
CA LYS B 115 17.92 -41.13 66.42
C LYS B 115 19.41 -41.14 66.75
N GLN B 116 19.99 -39.96 66.86
CA GLN B 116 21.40 -39.80 67.19
C GLN B 116 21.57 -40.16 68.67
N ILE B 117 22.54 -41.03 68.95
CA ILE B 117 22.81 -41.50 70.31
C ILE B 117 22.81 -40.43 71.39
N SER B 118 23.51 -39.32 71.16
CA SER B 118 23.55 -38.25 72.16
C SER B 118 22.13 -37.74 72.39
N HIS B 119 21.28 -37.83 71.36
CA HIS B 119 19.90 -37.39 71.48
C HIS B 119 19.14 -38.41 72.34
N ILE B 120 19.21 -39.68 71.94
CA ILE B 120 18.54 -40.75 72.69
C ILE B 120 18.92 -40.57 74.15
N ARG B 121 20.16 -40.15 74.36
CA ARG B 121 20.68 -39.92 75.69
C ARG B 121 19.95 -38.76 76.35
N TYR B 122 19.68 -37.72 75.58
CA TYR B 122 18.97 -36.54 76.10
C TYR B 122 17.55 -36.92 76.51
N ALA B 123 16.88 -37.69 75.66
CA ALA B 123 15.51 -38.12 75.94
C ALA B 123 15.48 -38.84 77.30
N ARG B 124 16.38 -39.81 77.46
CA ARG B 124 16.48 -40.57 78.70
C ARG B 124 16.60 -39.67 79.89
N ASP B 125 17.57 -38.77 79.82
CA ASP B 125 17.82 -37.83 80.90
C ASP B 125 16.65 -36.89 81.14
N SER B 126 15.77 -36.77 80.15
CA SER B 126 14.62 -35.89 80.29
C SER B 126 13.35 -36.62 80.74
N GLY B 127 13.45 -37.95 80.84
CA GLY B 127 12.31 -38.74 81.27
C GLY B 127 11.43 -39.23 80.13
N VAL B 128 11.87 -39.01 78.90
CA VAL B 128 11.09 -39.44 77.75
C VAL B 128 11.42 -40.92 77.48
N ASP B 129 10.48 -41.80 77.81
CA ASP B 129 10.71 -43.23 77.63
C ASP B 129 10.05 -43.90 76.45
N VAL B 130 9.23 -43.17 75.70
CA VAL B 130 8.57 -43.76 74.55
C VAL B 130 9.24 -43.27 73.26
N MET B 131 9.78 -44.19 72.47
CA MET B 131 10.44 -43.84 71.21
C MET B 131 10.04 -44.85 70.14
N THR B 132 10.18 -44.48 68.88
CA THR B 132 9.84 -45.40 67.81
C THR B 132 11.11 -45.94 67.14
N PHE B 133 10.95 -46.92 66.27
CA PHE B 133 12.08 -47.52 65.57
C PHE B 133 11.50 -48.35 64.43
N ASP B 134 12.34 -48.72 63.47
CA ASP B 134 11.88 -49.52 62.35
C ASP B 134 12.96 -50.46 61.80
N CYS B 135 14.02 -50.67 62.57
CA CYS B 135 15.11 -51.57 62.15
C CYS B 135 15.87 -52.06 63.38
N VAL B 136 16.50 -53.23 63.27
CA VAL B 136 17.25 -53.83 64.39
C VAL B 136 18.28 -52.87 64.99
N ASP B 137 19.05 -52.29 64.10
CA ASP B 137 20.09 -51.30 64.36
C ASP B 137 19.74 -50.30 65.46
N GLU B 138 18.58 -49.67 65.27
CA GLU B 138 18.09 -48.66 66.20
C GLU B 138 18.00 -49.32 67.56
N LEU B 139 17.52 -50.55 67.58
CA LEU B 139 17.39 -51.33 68.81
C LEU B 139 18.74 -51.52 69.51
N GLU B 140 19.78 -51.75 68.71
CA GLU B 140 21.12 -51.91 69.28
C GLU B 140 21.49 -50.64 70.01
N LYS B 141 21.31 -49.51 69.32
CA LYS B 141 21.63 -48.21 69.93
C LYS B 141 20.83 -48.02 71.21
N VAL B 142 19.55 -48.36 71.16
CA VAL B 142 18.68 -48.23 72.32
C VAL B 142 19.19 -49.07 73.49
N ALA B 143 19.45 -50.34 73.22
CA ALA B 143 19.93 -51.26 74.26
C ALA B 143 21.14 -50.72 75.03
N LYS B 144 22.04 -50.07 74.30
CA LYS B 144 23.25 -49.49 74.88
C LYS B 144 23.05 -48.14 75.55
N THR B 145 22.02 -47.42 75.15
CA THR B 145 21.80 -46.09 75.67
C THR B 145 20.54 -45.85 76.51
N HIS B 146 19.44 -46.48 76.13
CA HIS B 146 18.18 -46.34 76.86
C HIS B 146 17.48 -47.70 76.88
N PRO B 147 18.00 -48.64 77.69
CA PRO B 147 17.49 -50.01 77.87
C PRO B 147 16.02 -50.13 78.26
N LYS B 148 15.64 -49.45 79.32
CA LYS B 148 14.27 -49.52 79.83
C LYS B 148 13.29 -48.60 79.10
N ALA B 149 13.53 -48.38 77.82
CA ALA B 149 12.66 -47.52 77.01
C ALA B 149 11.54 -48.29 76.39
N LYS B 150 10.34 -47.74 76.46
CA LYS B 150 9.19 -48.39 75.86
C LYS B 150 9.33 -48.05 74.38
N MET B 151 9.52 -49.08 73.56
CA MET B 151 9.71 -48.89 72.13
C MET B 151 8.52 -49.26 71.27
N VAL B 152 8.21 -48.39 70.31
CA VAL B 152 7.11 -48.60 69.39
C VAL B 152 7.67 -48.92 68.01
N LEU B 153 7.24 -50.04 67.44
CA LEU B 153 7.75 -50.44 66.14
C LEU B 153 6.92 -49.77 65.07
N ARG B 154 7.58 -49.00 64.21
CA ARG B 154 6.89 -48.30 63.12
C ARG B 154 6.94 -49.15 61.86
N ILE B 155 5.78 -49.34 61.22
CA ILE B 155 5.73 -50.15 60.01
C ILE B 155 5.51 -49.32 58.75
N SER B 156 5.78 -49.94 57.61
CA SER B 156 5.63 -49.30 56.30
C SER B 156 4.16 -49.08 55.97
N THR B 157 3.88 -48.08 55.14
CA THR B 157 2.51 -47.74 54.74
C THR B 157 2.36 -47.66 53.22
N VAL B 168 9.98 -44.78 51.63
CA VAL B 168 11.24 -45.51 51.58
C VAL B 168 12.10 -45.24 52.81
N LYS B 169 12.13 -43.99 53.24
CA LYS B 169 12.95 -43.60 54.40
C LYS B 169 12.61 -44.23 55.76
N PHE B 170 11.34 -44.40 56.05
CA PHE B 170 10.95 -44.95 57.36
C PHE B 170 9.86 -46.02 57.27
N GLY B 171 9.77 -46.83 58.31
CA GLY B 171 8.76 -47.87 58.35
C GLY B 171 9.21 -49.24 57.91
N ALA B 172 9.29 -50.16 58.86
CA ALA B 172 9.72 -51.53 58.58
C ALA B 172 8.63 -52.29 57.83
N LYS B 173 9.03 -53.10 56.86
CA LYS B 173 8.05 -53.88 56.11
C LYS B 173 7.53 -54.97 57.05
N VAL B 174 6.29 -55.39 56.82
CA VAL B 174 5.67 -56.40 57.66
C VAL B 174 6.46 -57.70 57.64
N GLU B 175 6.91 -58.07 56.45
CA GLU B 175 7.68 -59.29 56.24
C GLU B 175 8.93 -59.38 57.11
N ASP B 176 9.51 -58.22 57.44
CA ASP B 176 10.73 -58.19 58.24
C ASP B 176 10.43 -57.95 59.72
N CYS B 177 9.16 -57.77 60.06
CA CYS B 177 8.79 -57.49 61.45
C CYS B 177 9.02 -58.65 62.40
N ARG B 178 8.73 -59.86 61.97
CA ARG B 178 8.95 -61.03 62.83
C ARG B 178 10.42 -61.06 63.22
N PHE B 179 11.30 -61.03 62.21
CA PHE B 179 12.73 -61.05 62.47
C PHE B 179 13.16 -59.91 63.38
N ILE B 180 12.61 -58.72 63.17
CA ILE B 180 12.95 -57.55 63.99
C ILE B 180 12.58 -57.77 65.44
N LEU B 181 11.36 -58.24 65.68
CA LEU B 181 10.89 -58.49 67.04
C LEU B 181 11.78 -59.53 67.73
N GLU B 182 12.06 -60.63 67.03
CA GLU B 182 12.92 -61.67 67.60
C GLU B 182 14.23 -61.03 68.09
N GLN B 183 14.85 -60.23 67.23
CA GLN B 183 16.10 -59.56 67.56
C GLN B 183 15.92 -58.61 68.76
N ALA B 184 14.76 -57.99 68.85
CA ALA B 184 14.47 -57.07 69.95
C ALA B 184 14.37 -57.91 71.21
N LYS B 185 13.94 -59.14 71.03
CA LYS B 185 13.79 -60.09 72.12
C LYS B 185 15.20 -60.39 72.61
N LYS B 186 16.08 -60.77 71.69
CA LYS B 186 17.48 -61.07 72.01
C LYS B 186 18.16 -59.84 72.61
N LEU B 187 17.60 -58.67 72.35
CA LEU B 187 18.18 -57.44 72.87
C LEU B 187 17.49 -56.98 74.15
N ASN B 188 16.50 -57.75 74.58
CA ASN B 188 15.75 -57.44 75.80
C ASN B 188 15.09 -56.08 75.71
N ILE B 189 14.51 -55.78 74.55
CA ILE B 189 13.84 -54.51 74.33
C ILE B 189 12.36 -54.59 74.68
N ASP B 190 11.89 -53.63 75.47
CA ASP B 190 10.50 -53.56 75.88
C ASP B 190 9.65 -52.93 74.76
N VAL B 191 9.24 -53.75 73.81
CA VAL B 191 8.42 -53.30 72.69
C VAL B 191 6.96 -53.13 73.13
N THR B 192 6.48 -51.89 73.18
CA THR B 192 5.12 -51.60 73.62
C THR B 192 4.04 -51.26 72.60
N GLY B 193 4.32 -51.45 71.30
CA GLY B 193 3.28 -51.14 70.35
C GLY B 193 3.69 -51.06 68.89
N VAL B 194 2.78 -50.57 68.08
CA VAL B 194 3.01 -50.42 66.64
C VAL B 194 2.59 -49.01 66.23
N SER B 195 3.17 -48.53 65.13
CA SER B 195 2.84 -47.21 64.63
C SER B 195 3.05 -47.20 63.12
N PHE B 196 2.50 -46.19 62.46
CA PHE B 196 2.62 -46.04 61.03
C PHE B 196 2.34 -44.59 60.66
N HIS B 197 2.53 -44.27 59.40
CA HIS B 197 2.28 -42.93 58.92
C HIS B 197 2.03 -42.93 57.42
N VAL B 198 0.86 -42.46 57.01
CA VAL B 198 0.52 -42.44 55.59
C VAL B 198 0.93 -41.13 54.95
N GLY B 199 0.94 -40.06 55.73
CA GLY B 199 1.31 -38.76 55.18
C GLY B 199 0.08 -38.00 54.71
N SER B 200 0.30 -36.80 54.18
CA SER B 200 -0.80 -35.96 53.70
C SER B 200 -1.13 -36.10 52.22
N GLY B 201 -0.33 -36.86 51.49
CA GLY B 201 -0.58 -37.02 50.07
C GLY B 201 -1.60 -38.11 49.77
N SER B 202 -2.67 -38.16 50.57
CA SER B 202 -3.70 -39.15 50.38
C SER B 202 -4.94 -38.64 49.67
N THR B 203 -5.37 -39.41 48.69
CA THR B 203 -6.57 -39.09 47.91
C THR B 203 -7.66 -40.01 48.44
N ASP B 204 -7.22 -41.16 48.91
CA ASP B 204 -8.10 -42.20 49.41
C ASP B 204 -7.71 -42.63 50.84
N ALA B 205 -8.72 -42.70 51.72
CA ALA B 205 -8.51 -43.05 53.12
C ALA B 205 -8.29 -44.53 53.40
N SER B 206 -8.51 -45.37 52.40
CA SER B 206 -8.34 -46.81 52.55
C SER B 206 -6.97 -47.08 53.18
N THR B 207 -5.99 -46.29 52.76
CA THR B 207 -4.62 -46.42 53.24
C THR B 207 -4.58 -46.53 54.75
N PHE B 208 -5.43 -45.76 55.41
CA PHE B 208 -5.51 -45.79 56.87
C PHE B 208 -6.06 -47.13 57.34
N ALA B 209 -7.05 -47.65 56.61
CA ALA B 209 -7.67 -48.92 56.93
C ALA B 209 -6.66 -50.06 56.82
N GLN B 210 -5.88 -50.07 55.75
CA GLN B 210 -4.89 -51.11 55.51
C GLN B 210 -3.74 -51.04 56.51
N ALA B 211 -3.30 -49.84 56.83
CA ALA B 211 -2.20 -49.67 57.77
C ALA B 211 -2.61 -50.16 59.15
N ILE B 212 -3.89 -49.98 59.48
CA ILE B 212 -4.41 -50.41 60.77
C ILE B 212 -4.58 -51.93 60.82
N SER B 213 -4.98 -52.52 59.71
CA SER B 213 -5.13 -53.96 59.63
C SER B 213 -3.74 -54.54 59.88
N ASP B 214 -2.78 -54.02 59.12
CA ASP B 214 -1.39 -54.46 59.23
C ASP B 214 -0.87 -54.30 60.65
N SER B 215 -1.28 -53.22 61.32
CA SER B 215 -0.84 -52.98 62.67
C SER B 215 -1.32 -54.06 63.64
N ARG B 216 -2.50 -54.62 63.37
CA ARG B 216 -3.05 -55.69 64.20
C ARG B 216 -2.12 -56.89 64.09
N PHE B 217 -1.87 -57.27 62.83
CA PHE B 217 -1.01 -58.39 62.49
C PHE B 217 0.30 -58.34 63.27
N VAL B 218 1.03 -57.23 63.14
CA VAL B 218 2.30 -57.06 63.83
C VAL B 218 2.08 -56.97 65.33
N PHE B 219 0.93 -56.43 65.72
CA PHE B 219 0.58 -56.29 67.13
C PHE B 219 0.52 -57.68 67.76
N ASP B 220 -0.05 -58.62 67.03
CA ASP B 220 -0.18 -59.99 67.52
C ASP B 220 1.17 -60.66 67.67
N MET B 221 2.02 -60.52 66.65
CA MET B 221 3.35 -61.11 66.71
C MET B 221 4.05 -60.65 67.98
N GLY B 222 4.00 -59.35 68.25
CA GLY B 222 4.64 -58.84 69.45
C GLY B 222 4.11 -59.52 70.69
N THR B 223 2.79 -59.64 70.74
CA THR B 223 2.10 -60.28 71.86
C THR B 223 2.45 -61.77 71.91
N GLU B 224 2.63 -62.33 70.73
CA GLU B 224 2.98 -63.73 70.53
C GLU B 224 4.37 -64.04 71.08
N LEU B 225 5.31 -63.11 70.94
CA LEU B 225 6.67 -63.29 71.43
C LEU B 225 6.83 -62.79 72.85
N GLY B 226 5.72 -62.73 73.59
CA GLY B 226 5.78 -62.29 74.97
C GLY B 226 5.97 -60.81 75.15
N PHE B 227 5.76 -60.05 74.08
CA PHE B 227 5.89 -58.59 74.15
C PHE B 227 4.59 -57.96 74.61
N ASN B 228 4.71 -57.02 75.55
CA ASN B 228 3.57 -56.31 76.09
C ASN B 228 3.05 -55.22 75.13
N MET B 229 2.38 -55.65 74.06
CA MET B 229 1.84 -54.73 73.06
C MET B 229 0.54 -54.06 73.48
N HIS B 230 0.60 -52.79 73.85
CA HIS B 230 -0.60 -52.08 74.27
C HIS B 230 -0.72 -50.65 73.72
N ILE B 231 0.04 -50.33 72.68
CA ILE B 231 -0.01 -48.99 72.09
C ILE B 231 -0.14 -49.04 70.57
N LEU B 232 -1.04 -48.21 70.05
CA LEU B 232 -1.26 -48.10 68.61
C LEU B 232 -1.18 -46.63 68.23
N ASP B 233 -0.21 -46.30 67.38
CA ASP B 233 0.01 -44.93 66.93
C ASP B 233 -0.41 -44.86 65.46
N ILE B 234 -1.44 -44.07 65.16
CA ILE B 234 -1.89 -43.98 63.76
C ILE B 234 -1.24 -42.84 62.97
N GLY B 235 -0.22 -42.22 63.55
CA GLY B 235 0.50 -41.17 62.87
C GLY B 235 -0.21 -39.85 62.61
N GLY B 236 0.05 -39.28 61.44
CA GLY B 236 -0.55 -38.01 61.08
C GLY B 236 -0.96 -37.95 59.62
N GLY B 237 -1.06 -36.74 59.08
CA GLY B 237 -1.46 -36.57 57.70
C GLY B 237 -2.92 -36.15 57.54
N PHE B 238 -3.50 -35.61 58.62
CA PHE B 238 -4.89 -35.18 58.60
C PHE B 238 -5.04 -33.74 58.15
N PRO B 239 -5.98 -33.48 57.23
CA PRO B 239 -6.27 -32.15 56.69
C PRO B 239 -6.23 -31.06 57.75
N GLY B 240 -5.72 -29.91 57.35
CA GLY B 240 -5.66 -28.77 58.25
C GLY B 240 -6.47 -27.65 57.62
N THR B 241 -6.77 -27.80 56.33
CA THR B 241 -7.53 -26.80 55.58
C THR B 241 -8.82 -27.37 55.01
N ARG B 242 -9.76 -26.47 54.81
CA ARG B 242 -11.07 -26.81 54.29
C ARG B 242 -11.06 -26.85 52.76
N ASP B 243 -9.84 -26.81 52.21
CA ASP B 243 -9.62 -26.85 50.76
C ASP B 243 -9.26 -28.26 50.33
N ALA B 244 -9.01 -29.12 51.32
CA ALA B 244 -8.64 -30.50 51.05
C ALA B 244 -9.80 -31.30 50.49
N PRO B 245 -9.54 -32.08 49.43
CA PRO B 245 -10.55 -32.91 48.78
C PRO B 245 -11.05 -33.93 49.79
N LEU B 246 -10.09 -34.64 50.38
CA LEU B 246 -10.36 -35.66 51.37
C LEU B 246 -10.68 -35.02 52.71
N LYS B 247 -11.92 -35.15 53.14
CA LYS B 247 -12.31 -34.55 54.40
C LYS B 247 -11.75 -35.29 55.59
N PHE B 248 -11.47 -34.53 56.65
CA PHE B 248 -10.95 -35.10 57.88
C PHE B 248 -11.96 -36.12 58.37
N GLU B 249 -13.22 -35.72 58.29
CA GLU B 249 -14.33 -36.53 58.75
C GLU B 249 -14.66 -37.79 57.94
N GLU B 250 -14.24 -37.85 56.68
CA GLU B 250 -14.49 -39.07 55.91
C GLU B 250 -13.34 -40.00 56.28
N ILE B 251 -12.29 -39.40 56.85
CA ILE B 251 -11.10 -40.13 57.25
C ILE B 251 -11.32 -40.70 58.65
N ALA B 252 -11.76 -39.87 59.58
CA ALA B 252 -12.00 -40.34 60.93
C ALA B 252 -12.99 -41.50 60.85
N GLY B 253 -13.93 -41.40 59.90
CA GLY B 253 -14.91 -42.45 59.73
C GLY B 253 -14.27 -43.77 59.35
N VAL B 254 -13.48 -43.78 58.29
CA VAL B 254 -12.80 -44.99 57.83
C VAL B 254 -11.85 -45.53 58.90
N ILE B 255 -11.27 -44.63 59.68
CA ILE B 255 -10.36 -45.02 60.74
C ILE B 255 -11.11 -45.74 61.84
N ASN B 256 -12.18 -45.12 62.32
CA ASN B 256 -12.99 -45.70 63.38
C ASN B 256 -13.55 -47.08 62.99
N ASN B 257 -13.88 -47.25 61.72
CA ASN B 257 -14.39 -48.52 61.24
C ASN B 257 -13.32 -49.60 61.42
N ALA B 258 -12.19 -49.40 60.76
CA ALA B 258 -11.07 -50.33 60.84
C ALA B 258 -10.59 -50.50 62.27
N LEU B 259 -10.67 -49.44 63.05
CA LEU B 259 -10.24 -49.45 64.44
C LEU B 259 -11.17 -50.31 65.29
N GLU B 260 -12.34 -50.59 64.76
CA GLU B 260 -13.34 -51.39 65.45
C GLU B 260 -13.22 -52.85 65.03
N LYS B 261 -12.85 -53.05 63.78
CA LYS B 261 -12.70 -54.38 63.23
C LYS B 261 -11.37 -55.01 63.63
N HIS B 262 -10.42 -54.19 64.08
CA HIS B 262 -9.11 -54.72 64.46
C HIS B 262 -8.65 -54.33 65.87
N PHE B 263 -9.15 -53.23 66.40
CA PHE B 263 -8.74 -52.82 67.74
C PHE B 263 -9.92 -52.44 68.63
N PRO B 264 -10.88 -53.38 68.81
CA PRO B 264 -12.05 -53.10 69.65
C PRO B 264 -11.62 -52.54 70.99
N PRO B 265 -12.45 -51.69 71.62
CA PRO B 265 -12.11 -51.09 72.91
C PRO B 265 -11.46 -52.07 73.88
N ASP B 266 -10.60 -51.55 74.73
CA ASP B 266 -9.87 -52.35 75.69
C ASP B 266 -9.12 -51.40 76.61
N LEU B 267 -9.33 -51.51 77.91
CA LEU B 267 -8.68 -50.63 78.86
C LEU B 267 -7.17 -50.74 78.89
N LYS B 268 -6.66 -51.87 78.42
CA LYS B 268 -5.22 -52.07 78.39
C LYS B 268 -4.63 -51.38 77.16
N LEU B 269 -5.45 -51.26 76.13
CA LEU B 269 -5.04 -50.64 74.88
C LEU B 269 -5.14 -49.12 74.95
N THR B 270 -4.19 -48.46 74.30
CA THR B 270 -4.15 -47.01 74.24
C THR B 270 -3.88 -46.66 72.78
N ILE B 271 -4.74 -45.85 72.20
CA ILE B 271 -4.59 -45.45 70.80
C ILE B 271 -4.24 -43.97 70.71
N VAL B 272 -3.18 -43.66 69.97
CA VAL B 272 -2.77 -42.28 69.80
C VAL B 272 -2.45 -41.97 68.34
N ALA B 273 -2.24 -40.70 68.06
CA ALA B 273 -1.90 -40.26 66.72
C ALA B 273 -0.91 -39.11 66.83
N GLU B 274 -0.27 -38.79 65.71
CA GLU B 274 0.72 -37.71 65.66
C GLU B 274 0.23 -36.66 64.66
N PRO B 275 -0.86 -35.96 64.99
CA PRO B 275 -1.36 -34.94 64.06
C PRO B 275 -0.48 -33.69 64.08
N GLY B 276 -0.20 -33.16 62.89
CA GLY B 276 0.62 -31.96 62.79
C GLY B 276 -0.10 -30.77 62.18
N ARG B 277 -0.39 -30.86 60.89
CA ARG B 277 -1.08 -29.79 60.18
C ARG B 277 -2.54 -29.62 60.57
N TYR B 278 -3.18 -30.71 60.99
CA TYR B 278 -4.58 -30.66 61.39
C TYR B 278 -4.83 -29.54 62.38
N TYR B 279 -3.97 -29.43 63.38
CA TYR B 279 -4.13 -28.42 64.42
C TYR B 279 -3.71 -26.98 64.16
N VAL B 280 -2.89 -26.72 63.14
CA VAL B 280 -2.43 -25.34 62.93
C VAL B 280 -2.47 -24.71 61.54
N ALA B 281 -2.64 -25.49 60.48
CA ALA B 281 -2.65 -24.94 59.14
C ALA B 281 -3.54 -23.69 58.97
N SER B 282 -4.82 -23.82 59.32
CA SER B 282 -5.77 -22.71 59.17
C SER B 282 -5.69 -21.63 60.25
N ALA B 283 -4.94 -21.88 61.31
CA ALA B 283 -4.86 -20.90 62.39
C ALA B 283 -3.94 -19.72 62.12
N PHE B 284 -3.09 -19.84 61.09
CA PHE B 284 -2.17 -18.76 60.75
C PHE B 284 -2.52 -18.08 59.43
N THR B 285 -2.51 -16.75 59.49
CA THR B 285 -2.78 -15.92 58.33
C THR B 285 -1.59 -14.96 58.16
N LEU B 286 -0.96 -15.03 56.99
CA LEU B 286 0.23 -14.20 56.72
C LEU B 286 -0.06 -12.93 55.93
N ALA B 287 0.48 -11.83 56.44
CA ALA B 287 0.31 -10.52 55.78
C ALA B 287 1.64 -10.02 55.22
N VAL B 288 1.72 -9.93 53.90
CA VAL B 288 2.93 -9.41 53.24
C VAL B 288 2.64 -8.06 52.57
N ASN B 289 3.65 -7.21 52.52
CA ASN B 289 3.52 -5.90 51.91
C ASN B 289 4.09 -5.89 50.50
N VAL B 290 3.32 -5.39 49.54
CA VAL B 290 3.80 -5.30 48.16
C VAL B 290 4.90 -4.24 48.16
N ILE B 291 6.12 -4.66 47.82
CA ILE B 291 7.27 -3.76 47.82
C ILE B 291 7.71 -3.24 46.46
N ALA B 292 7.27 -3.89 45.38
CA ALA B 292 7.62 -3.48 44.03
C ALA B 292 6.58 -3.98 43.04
N LYS B 293 6.47 -3.32 41.89
CA LYS B 293 5.48 -3.71 40.89
C LYS B 293 6.01 -3.55 39.47
N LYS B 294 5.41 -4.26 38.52
CA LYS B 294 5.78 -4.21 37.10
C LYS B 294 4.55 -4.53 36.27
N VAL B 295 4.41 -3.88 35.12
CA VAL B 295 3.29 -4.12 34.23
C VAL B 295 3.80 -4.68 32.91
N THR B 296 2.89 -5.03 32.01
CA THR B 296 3.30 -5.55 30.71
C THR B 296 2.34 -5.08 29.62
N GLN B 312 -2.60 -7.42 29.00
CA GLN B 312 -2.50 -6.68 30.26
C GLN B 312 -2.30 -7.67 31.42
N SER B 313 -1.15 -7.59 32.08
CA SER B 313 -0.82 -8.48 33.19
C SER B 313 0.13 -7.83 34.20
N PHE B 314 0.12 -8.32 35.44
CA PHE B 314 0.98 -7.76 36.48
C PHE B 314 1.88 -8.75 37.22
N MET B 315 2.93 -8.20 37.83
CA MET B 315 3.90 -8.97 38.60
C MET B 315 4.10 -8.19 39.90
N TYR B 316 4.01 -8.88 41.03
CA TYR B 316 4.17 -8.20 42.31
C TYR B 316 5.29 -8.78 43.13
N TYR B 317 5.97 -7.92 43.89
CA TYR B 317 7.07 -8.34 44.73
C TYR B 317 6.73 -8.06 46.17
N VAL B 318 6.80 -9.10 47.01
CA VAL B 318 6.47 -8.93 48.42
C VAL B 318 7.69 -9.21 49.28
N ASN B 319 7.67 -8.70 50.51
CA ASN B 319 8.80 -8.86 51.43
C ASN B 319 8.88 -10.16 52.22
N ASP B 320 8.58 -11.28 51.55
CA ASP B 320 8.66 -12.59 52.16
C ASP B 320 8.45 -13.59 51.04
N GLY B 321 9.14 -14.73 51.12
CA GLY B 321 9.02 -15.74 50.08
C GLY B 321 9.71 -17.04 50.42
N VAL B 322 9.94 -17.86 49.39
CA VAL B 322 10.57 -19.16 49.56
C VAL B 322 11.71 -19.28 50.56
N TYR B 323 12.50 -18.23 50.78
CA TYR B 323 13.58 -18.33 51.76
C TYR B 323 13.06 -17.98 53.14
N GLY B 324 11.75 -18.09 53.29
CA GLY B 324 11.10 -17.80 54.56
C GLY B 324 9.77 -18.52 54.64
N SER B 325 8.77 -17.85 55.21
CA SER B 325 7.45 -18.43 55.37
C SER B 325 6.99 -19.25 54.16
N PHE B 326 7.49 -18.95 52.97
CA PHE B 326 7.06 -19.71 51.81
C PHE B 326 7.97 -20.88 51.41
N ASN B 327 8.86 -21.28 52.31
CA ASN B 327 9.73 -22.41 52.00
C ASN B 327 8.83 -23.62 51.81
N CYS B 328 7.60 -23.52 52.30
CA CYS B 328 6.61 -24.59 52.20
C CYS B 328 6.22 -24.90 50.76
N ILE B 329 6.53 -24.03 49.82
CA ILE B 329 6.18 -24.30 48.43
C ILE B 329 7.14 -25.34 47.88
N LEU B 330 8.35 -25.34 48.41
CA LEU B 330 9.38 -26.26 47.97
C LEU B 330 9.49 -27.48 48.89
N TYR B 331 9.37 -27.24 50.20
CA TYR B 331 9.45 -28.32 51.18
C TYR B 331 8.16 -29.08 51.44
N ASP B 332 7.01 -28.39 51.39
CA ASP B 332 5.75 -29.06 51.69
C ASP B 332 4.70 -29.13 50.58
N HIS B 333 5.08 -28.87 49.33
CA HIS B 333 4.13 -28.93 48.23
C HIS B 333 3.00 -27.90 48.33
N ALA B 334 3.19 -26.89 49.16
CA ALA B 334 2.17 -25.87 49.36
C ALA B 334 1.80 -25.09 48.10
N VAL B 335 0.49 -24.87 47.92
CA VAL B 335 -0.02 -24.10 46.81
C VAL B 335 -0.77 -22.99 47.54
N VAL B 336 -0.31 -21.75 47.40
CA VAL B 336 -0.96 -20.65 48.11
C VAL B 336 -1.86 -19.74 47.26
N ARG B 337 -2.69 -18.97 47.94
CA ARG B 337 -3.63 -18.05 47.29
C ARG B 337 -3.50 -16.63 47.80
N PRO B 338 -3.04 -15.70 46.95
CA PRO B 338 -2.90 -14.31 47.38
C PRO B 338 -4.29 -13.74 47.60
N LEU B 339 -4.42 -12.97 48.67
CA LEU B 339 -5.70 -12.42 49.05
C LEU B 339 -5.61 -10.96 49.49
N PRO B 340 -6.10 -10.05 48.66
CA PRO B 340 -6.08 -8.61 48.94
C PRO B 340 -6.65 -8.27 50.37
N GLN B 341 -6.14 -7.23 51.07
CA GLN B 341 -6.56 -6.92 52.49
C GLN B 341 -7.39 -5.67 52.59
N ARG B 342 -7.84 -5.45 51.37
CA ARG B 342 -8.65 -4.40 50.85
C ARG B 342 -9.82 -5.18 50.30
N GLU B 343 -10.86 -5.33 51.09
CA GLU B 343 -11.99 -6.03 50.55
C GLU B 343 -12.28 -5.45 49.12
N PRO B 344 -12.83 -6.30 48.24
CA PRO B 344 -13.25 -6.16 46.84
C PRO B 344 -14.22 -5.01 46.60
N ILE B 345 -14.55 -4.75 45.37
CA ILE B 345 -15.50 -3.68 45.19
C ILE B 345 -16.60 -4.24 44.29
N PRO B 346 -16.54 -3.99 42.98
CA PRO B 346 -17.62 -4.57 42.17
C PRO B 346 -17.29 -5.65 41.14
N ASN B 347 -17.38 -5.13 39.92
CA ASN B 347 -17.15 -5.76 38.63
C ASN B 347 -15.71 -5.34 38.34
N GLU B 348 -14.97 -5.12 39.42
CA GLU B 348 -13.56 -4.73 39.38
C GLU B 348 -12.86 -5.44 38.26
N LYS B 349 -11.93 -4.78 37.60
CA LYS B 349 -11.25 -5.55 36.58
C LYS B 349 -10.10 -6.25 37.31
N LEU B 350 -9.97 -7.54 37.05
CA LEU B 350 -8.93 -8.37 37.64
C LEU B 350 -8.00 -8.75 36.48
N TYR B 351 -6.71 -8.86 36.76
CA TYR B 351 -5.77 -9.21 35.71
C TYR B 351 -4.84 -10.33 36.15
N PRO B 352 -4.34 -11.15 35.20
CA PRO B 352 -3.43 -12.23 35.59
C PRO B 352 -2.19 -11.64 36.23
N SER B 353 -1.84 -12.14 37.41
CA SER B 353 -0.68 -11.64 38.13
C SER B 353 0.30 -12.74 38.51
N SER B 354 1.28 -12.37 39.32
CA SER B 354 2.29 -13.28 39.81
C SER B 354 2.91 -12.55 40.98
N VAL B 355 3.22 -13.28 42.04
CA VAL B 355 3.83 -12.66 43.22
C VAL B 355 5.24 -13.21 43.30
N TRP B 356 6.15 -12.47 43.93
CA TRP B 356 7.53 -12.89 44.05
C TRP B 356 8.14 -12.53 45.38
N GLY B 357 9.11 -13.35 45.80
CA GLY B 357 9.82 -13.11 47.05
C GLY B 357 10.80 -11.97 46.80
N PRO B 358 11.25 -11.29 47.86
CA PRO B 358 12.18 -10.17 47.80
C PRO B 358 13.62 -10.52 47.42
N THR B 359 13.87 -11.81 47.23
CA THR B 359 15.19 -12.31 46.90
C THR B 359 15.59 -12.31 45.44
N CYS B 360 16.89 -12.13 45.17
CA CYS B 360 17.42 -12.11 43.80
C CYS B 360 17.30 -13.46 43.08
N ASP B 361 16.90 -14.49 43.82
CA ASP B 361 16.77 -15.82 43.25
C ASP B 361 15.51 -15.89 42.37
N GLY B 362 15.69 -16.25 41.11
CA GLY B 362 14.56 -16.35 40.20
C GLY B 362 13.62 -17.49 40.52
N LEU B 363 13.98 -18.27 41.53
CA LEU B 363 13.18 -19.41 41.95
C LEU B 363 12.29 -18.94 43.09
N ASP B 364 12.68 -17.82 43.70
CA ASP B 364 11.91 -17.25 44.80
C ASP B 364 10.61 -16.66 44.25
N GLN B 365 9.74 -17.52 43.75
CA GLN B 365 8.45 -17.11 43.20
C GLN B 365 7.36 -17.70 44.10
N ILE B 366 6.40 -16.87 44.48
CA ILE B 366 5.31 -17.31 45.36
C ILE B 366 4.07 -17.73 44.60
N VAL B 367 3.62 -16.89 43.69
CA VAL B 367 2.44 -17.21 42.91
C VAL B 367 2.77 -17.13 41.44
N GLU B 368 2.18 -18.01 40.65
CA GLU B 368 2.50 -17.95 39.25
C GLU B 368 1.59 -17.12 38.39
N ARG B 369 0.32 -17.49 38.36
CA ARG B 369 -0.63 -16.77 37.55
C ARG B 369 -1.98 -16.76 38.23
N TYR B 370 -2.22 -15.73 39.02
CA TYR B 370 -3.46 -15.60 39.75
C TYR B 370 -4.13 -14.26 39.47
N TYR B 371 -5.42 -14.28 39.15
CA TYR B 371 -6.15 -13.05 38.86
C TYR B 371 -6.38 -12.22 40.12
N LEU B 372 -5.82 -11.02 40.11
CA LEU B 372 -5.95 -10.11 41.24
C LEU B 372 -6.26 -8.71 40.72
N PRO B 373 -6.78 -7.84 41.59
CA PRO B 373 -7.08 -6.48 41.16
C PRO B 373 -5.72 -5.76 41.04
N GLU B 374 -5.68 -4.63 40.34
CA GLU B 374 -4.39 -3.95 40.25
C GLU B 374 -4.05 -3.50 41.66
N MET B 375 -2.86 -3.86 42.10
CA MET B 375 -2.42 -3.51 43.43
C MET B 375 -1.42 -2.37 43.33
N GLN B 376 -1.03 -1.84 44.47
CA GLN B 376 -0.10 -0.73 44.48
C GLN B 376 0.94 -0.90 45.58
N VAL B 377 2.18 -0.60 45.23
CA VAL B 377 3.28 -0.69 46.19
C VAL B 377 2.83 -0.09 47.50
N GLY B 378 3.12 -0.77 48.60
CA GLY B 378 2.72 -0.28 49.90
C GLY B 378 1.42 -0.91 50.39
N GLU B 379 0.69 -1.55 49.48
CA GLU B 379 -0.56 -2.22 49.83
C GLU B 379 -0.28 -3.64 50.32
N TRP B 380 -1.10 -4.14 51.23
CA TRP B 380 -0.90 -5.47 51.76
C TRP B 380 -1.56 -6.59 50.99
N LEU B 381 -0.98 -7.77 51.12
CA LEU B 381 -1.46 -8.98 50.48
C LEU B 381 -1.49 -10.03 51.57
N LEU B 382 -2.56 -10.80 51.60
CA LEU B 382 -2.72 -11.83 52.63
C LEU B 382 -2.67 -13.24 52.10
N PHE B 383 -2.18 -14.13 52.94
CA PHE B 383 -2.11 -15.55 52.61
C PHE B 383 -2.66 -16.29 53.82
N GLU B 384 -3.76 -17.01 53.62
CA GLU B 384 -4.39 -17.78 54.69
C GLU B 384 -3.91 -19.22 54.68
N ASP B 385 -4.11 -19.92 55.78
CA ASP B 385 -3.71 -21.32 55.90
C ASP B 385 -2.20 -21.39 55.70
N MET B 386 -1.49 -20.68 56.58
CA MET B 386 -0.05 -20.62 56.54
C MET B 386 0.53 -20.90 57.92
N GLY B 387 -0.08 -21.84 58.64
CA GLY B 387 0.41 -22.15 59.98
C GLY B 387 1.16 -23.48 60.04
N ALA B 388 1.01 -24.27 58.98
CA ALA B 388 1.64 -25.58 58.89
C ALA B 388 2.95 -25.59 58.10
N TYR B 389 4.04 -25.89 58.79
CA TYR B 389 5.38 -25.97 58.16
C TYR B 389 5.72 -24.68 57.44
N THR B 390 5.63 -23.59 58.17
CA THR B 390 5.92 -22.27 57.63
C THR B 390 6.83 -21.46 58.54
N VAL B 391 6.75 -21.71 59.84
CA VAL B 391 7.61 -21.00 60.78
C VAL B 391 8.65 -21.95 61.36
N SER B 402 11.75 -15.08 60.92
CA SER B 402 10.88 -14.44 61.92
C SER B 402 10.00 -13.24 61.67
N PRO B 403 8.95 -13.47 60.80
CA PRO B 403 7.99 -12.42 60.60
C PRO B 403 7.44 -12.45 62.02
N THR B 404 7.27 -11.27 62.53
CA THR B 404 6.77 -11.17 63.84
C THR B 404 5.37 -11.73 63.80
N ILE B 405 5.08 -12.49 64.84
CA ILE B 405 3.79 -13.12 64.96
C ILE B 405 2.95 -12.38 65.97
N TYR B 406 1.68 -12.25 65.65
CA TYR B 406 0.71 -11.60 66.51
C TYR B 406 -0.41 -12.61 66.80
N TYR B 407 -0.86 -12.67 68.05
CA TYR B 407 -1.88 -13.65 68.43
C TYR B 407 -3.25 -13.11 68.78
N VAL B 408 -4.28 -13.70 68.16
CA VAL B 408 -5.66 -13.32 68.43
C VAL B 408 -6.32 -14.52 69.13
N VAL B 409 -6.91 -14.27 70.28
CA VAL B 409 -7.55 -15.31 71.07
C VAL B 409 -8.96 -14.92 71.51
N ARG C 14 -34.06 27.63 -70.38
CA ARG C 14 -34.82 27.37 -69.16
C ARG C 14 -35.35 28.65 -68.53
N PHE C 15 -36.02 29.47 -69.33
CA PHE C 15 -36.60 30.70 -68.80
C PHE C 15 -38.00 30.30 -68.36
N LEU C 16 -38.24 30.38 -67.06
CA LEU C 16 -39.51 30.00 -66.49
C LEU C 16 -40.60 31.05 -66.54
N GLU C 17 -41.82 30.57 -66.73
CA GLU C 17 -42.96 31.45 -66.78
C GLU C 17 -43.56 31.55 -65.39
N GLY C 18 -43.48 32.77 -64.88
CA GLY C 18 -43.98 33.11 -63.57
C GLY C 18 -43.92 34.61 -63.59
N PHE C 19 -43.81 35.21 -62.42
CA PHE C 19 -43.76 36.66 -62.31
C PHE C 19 -43.15 36.94 -60.95
N ASN C 20 -42.89 35.86 -60.22
CA ASN C 20 -42.34 35.91 -58.89
C ASN C 20 -41.28 34.82 -58.77
N THR C 21 -40.80 34.60 -57.54
CA THR C 21 -39.82 33.55 -57.30
C THR C 21 -40.63 32.33 -56.88
N ARG C 22 -41.65 32.56 -56.06
CA ARG C 22 -42.52 31.46 -55.61
C ARG C 22 -43.35 31.04 -56.81
N ASP C 23 -43.87 32.04 -57.52
CA ASP C 23 -44.69 31.82 -58.69
C ASP C 23 -44.02 30.82 -59.62
N ALA C 24 -42.71 30.94 -59.78
CA ALA C 24 -41.96 30.04 -60.64
C ALA C 24 -41.55 28.80 -59.85
N LEU C 25 -41.53 28.93 -58.53
CA LEU C 25 -41.17 27.82 -57.66
C LEU C 25 -42.26 26.75 -57.66
N CYS C 26 -43.49 27.18 -57.40
CA CYS C 26 -44.61 26.26 -57.37
C CYS C 26 -44.81 25.58 -58.72
N LYS C 27 -44.61 26.33 -59.80
CA LYS C 27 -44.79 25.80 -61.15
C LYS C 27 -44.40 24.33 -61.26
N LYS C 28 -45.36 23.46 -60.96
CA LYS C 28 -45.22 22.00 -60.97
C LYS C 28 -43.79 21.47 -60.93
N GLY C 37 -36.62 14.85 -58.02
CA GLY C 37 -36.58 15.83 -56.94
C GLY C 37 -35.23 16.49 -56.76
N ASP C 38 -34.50 16.64 -57.87
CA ASP C 38 -33.18 17.26 -57.81
C ASP C 38 -33.26 18.74 -57.45
N PRO C 39 -32.27 19.25 -56.70
CA PRO C 39 -32.27 20.65 -56.29
C PRO C 39 -32.16 21.57 -57.51
N PHE C 40 -32.71 22.77 -57.38
CA PHE C 40 -32.66 23.71 -58.49
C PHE C 40 -32.59 25.15 -57.99
N PHE C 41 -32.04 26.01 -58.84
CA PHE C 41 -31.90 27.43 -58.55
C PHE C 41 -32.96 28.22 -59.29
N VAL C 42 -33.53 29.21 -58.63
CA VAL C 42 -34.48 30.10 -59.28
C VAL C 42 -33.82 31.47 -59.20
N ALA C 43 -33.39 31.98 -60.35
CA ALA C 43 -32.72 33.27 -60.39
C ALA C 43 -33.62 34.39 -60.92
N ASP C 44 -33.80 35.41 -60.10
CA ASP C 44 -34.63 36.54 -60.46
C ASP C 44 -33.78 37.66 -61.06
N LEU C 45 -33.62 37.62 -62.38
CA LEU C 45 -32.82 38.62 -63.08
C LEU C 45 -33.26 40.03 -62.75
N GLY C 46 -34.57 40.22 -62.60
CA GLY C 46 -35.09 41.53 -62.28
C GLY C 46 -34.52 42.11 -61.00
N ASP C 47 -34.14 41.25 -60.07
CA ASP C 47 -33.58 41.71 -58.80
C ASP C 47 -32.21 42.34 -59.06
N ILE C 48 -31.61 41.96 -60.17
CA ILE C 48 -30.31 42.48 -60.54
C ILE C 48 -30.51 43.88 -61.11
N VAL C 49 -31.45 44.01 -62.04
CA VAL C 49 -31.77 45.29 -62.67
C VAL C 49 -32.09 46.30 -61.58
N ARG C 50 -32.71 45.83 -60.50
CA ARG C 50 -33.06 46.73 -59.40
C ARG C 50 -31.82 47.09 -58.60
N LYS C 51 -30.89 46.16 -58.48
CA LYS C 51 -29.66 46.39 -57.74
C LYS C 51 -28.86 47.48 -58.42
N HIS C 52 -28.88 47.47 -59.75
CA HIS C 52 -28.17 48.44 -60.56
C HIS C 52 -28.73 49.85 -60.36
N GLU C 53 -30.05 50.00 -60.54
CA GLU C 53 -30.70 51.31 -60.37
C GLU C 53 -30.31 51.91 -59.04
N THR C 54 -30.26 51.07 -58.01
CA THR C 54 -29.92 51.52 -56.66
C THR C 54 -28.46 51.95 -56.58
N TRP C 55 -27.64 51.38 -57.46
CA TRP C 55 -26.22 51.70 -57.51
C TRP C 55 -26.04 53.06 -58.18
N LYS C 56 -26.58 53.17 -59.39
CA LYS C 56 -26.51 54.41 -60.16
C LYS C 56 -27.06 55.58 -59.34
N LYS C 57 -27.87 55.26 -58.33
CA LYS C 57 -28.46 56.28 -57.48
C LYS C 57 -27.61 56.64 -56.28
N CYS C 58 -27.14 55.62 -55.55
CA CYS C 58 -26.33 55.87 -54.36
C CYS C 58 -24.86 56.19 -54.65
N LEU C 59 -24.40 55.83 -55.85
CA LEU C 59 -23.02 56.08 -56.26
C LEU C 59 -23.01 56.45 -57.75
N PRO C 60 -23.53 57.66 -58.07
CA PRO C 60 -23.60 58.16 -59.44
C PRO C 60 -22.24 58.35 -60.11
N ARG C 61 -21.23 58.70 -59.32
CA ARG C 61 -19.89 58.91 -59.87
C ARG C 61 -19.07 57.64 -60.10
N VAL C 62 -19.49 56.53 -59.50
CA VAL C 62 -18.76 55.28 -59.61
C VAL C 62 -19.30 54.28 -60.62
N THR C 63 -18.47 53.91 -61.58
CA THR C 63 -18.86 52.94 -62.59
C THR C 63 -18.55 51.54 -62.05
N PRO C 64 -19.54 50.63 -62.10
CA PRO C 64 -19.33 49.27 -61.61
C PRO C 64 -18.72 48.26 -62.58
N PHE C 65 -17.74 47.53 -62.08
CA PHE C 65 -17.08 46.49 -62.83
C PHE C 65 -17.37 45.25 -62.01
N TYR C 66 -18.32 44.46 -62.49
CA TYR C 66 -18.78 43.25 -61.83
C TYR C 66 -17.73 42.17 -61.65
N ALA C 67 -17.46 41.82 -60.39
CA ALA C 67 -16.50 40.79 -60.07
C ALA C 67 -17.05 39.43 -60.49
N VAL C 68 -16.81 39.06 -61.75
CA VAL C 68 -17.28 37.80 -62.34
C VAL C 68 -17.12 36.56 -61.44
N LYS C 69 -16.09 36.56 -60.60
CA LYS C 69 -15.80 35.45 -59.70
C LYS C 69 -16.97 35.12 -58.77
N CYS C 70 -17.76 36.14 -58.45
CA CYS C 70 -18.88 36.00 -57.53
C CYS C 70 -20.00 35.08 -58.02
N ASN C 71 -20.25 35.13 -59.32
CA ASN C 71 -21.30 34.34 -59.94
C ASN C 71 -21.10 34.58 -61.41
N ASP C 72 -20.69 33.55 -62.12
CA ASP C 72 -20.43 33.68 -63.55
C ASP C 72 -21.56 33.15 -64.40
N ASP C 73 -22.78 33.17 -63.87
CA ASP C 73 -23.88 32.67 -64.66
C ASP C 73 -24.04 33.53 -65.89
N TRP C 74 -24.31 32.86 -67.00
CA TRP C 74 -24.47 33.51 -68.28
C TRP C 74 -25.46 34.64 -68.38
N ARG C 75 -26.66 34.38 -67.87
CA ARG C 75 -27.73 35.35 -67.89
C ARG C 75 -27.36 36.49 -66.98
N VAL C 76 -26.65 36.17 -65.90
CA VAL C 76 -26.24 37.19 -64.96
C VAL C 76 -25.26 38.15 -65.63
N LEU C 77 -24.32 37.60 -66.39
CA LEU C 77 -23.34 38.43 -67.08
C LEU C 77 -24.01 39.22 -68.20
N GLY C 78 -24.84 38.55 -69.00
CA GLY C 78 -25.53 39.22 -70.08
C GLY C 78 -26.43 40.34 -69.57
N THR C 79 -27.11 40.08 -68.47
CA THR C 79 -28.02 41.05 -67.86
C THR C 79 -27.21 42.27 -67.43
N LEU C 80 -26.10 42.04 -66.76
CA LEU C 80 -25.25 43.13 -66.29
C LEU C 80 -24.65 43.87 -67.49
N ALA C 81 -24.32 43.14 -68.54
CA ALA C 81 -23.76 43.74 -69.75
C ALA C 81 -24.76 44.74 -70.30
N ALA C 82 -25.98 44.26 -70.55
CA ALA C 82 -27.04 45.09 -71.08
C ALA C 82 -27.28 46.34 -70.23
N LEU C 83 -27.12 46.21 -68.92
CA LEU C 83 -27.31 47.33 -68.02
C LEU C 83 -26.17 48.33 -68.12
N GLY C 84 -25.26 48.07 -69.07
CA GLY C 84 -24.11 48.93 -69.29
C GLY C 84 -23.05 48.89 -68.21
N THR C 85 -22.87 47.72 -67.60
CA THR C 85 -21.89 47.58 -66.54
C THR C 85 -20.55 47.07 -67.07
N GLY C 86 -19.51 47.22 -66.26
CA GLY C 86 -18.20 46.75 -66.64
C GLY C 86 -17.91 45.45 -65.92
N PHE C 87 -16.92 44.70 -66.37
CA PHE C 87 -16.60 43.41 -65.73
C PHE C 87 -15.19 43.29 -65.17
N ASP C 88 -15.12 42.88 -63.90
CA ASP C 88 -13.85 42.67 -63.22
C ASP C 88 -13.45 41.20 -63.32
N CYS C 89 -12.64 40.86 -64.32
CA CYS C 89 -12.19 39.48 -64.49
C CYS C 89 -10.88 39.29 -63.73
N ALA C 90 -10.69 38.13 -63.11
CA ALA C 90 -9.47 37.88 -62.36
C ALA C 90 -8.71 36.67 -62.88
N SER C 91 -9.08 36.19 -64.06
CA SER C 91 -8.40 35.05 -64.65
C SER C 91 -8.56 35.04 -66.16
N ASN C 92 -7.80 34.21 -66.83
CA ASN C 92 -7.87 34.12 -68.29
C ASN C 92 -9.22 33.56 -68.74
N THR C 93 -9.80 32.68 -67.94
CA THR C 93 -11.10 32.09 -68.28
C THR C 93 -12.26 33.06 -68.09
N GLU C 94 -12.20 33.85 -67.04
CA GLU C 94 -13.25 34.83 -66.80
C GLU C 94 -13.24 35.83 -67.96
N ILE C 95 -12.05 36.20 -68.42
CA ILE C 95 -11.92 37.13 -69.54
C ILE C 95 -12.49 36.48 -70.79
N GLN C 96 -12.15 35.21 -71.04
CA GLN C 96 -12.65 34.50 -72.20
C GLN C 96 -14.17 34.43 -72.17
N ARG C 97 -14.70 34.25 -70.96
CA ARG C 97 -16.14 34.15 -70.76
C ARG C 97 -16.82 35.49 -71.08
N VAL C 98 -16.36 36.55 -70.45
CA VAL C 98 -16.93 37.87 -70.70
C VAL C 98 -16.80 38.26 -72.17
N ARG C 99 -15.60 38.08 -72.73
CA ARG C 99 -15.39 38.40 -74.14
C ARG C 99 -16.34 37.57 -75.00
N GLY C 100 -16.74 36.42 -74.47
CA GLY C 100 -17.63 35.53 -75.21
C GLY C 100 -19.05 36.03 -75.42
N ILE C 101 -19.55 36.85 -74.49
CA ILE C 101 -20.92 37.35 -74.63
C ILE C 101 -20.95 38.69 -75.36
N GLY C 102 -19.90 38.96 -76.15
CA GLY C 102 -19.82 40.18 -76.91
C GLY C 102 -19.27 41.42 -76.21
N VAL C 103 -19.01 41.33 -74.91
CA VAL C 103 -18.49 42.50 -74.19
C VAL C 103 -17.14 42.90 -74.74
N PRO C 104 -16.95 44.20 -75.01
CA PRO C 104 -15.68 44.71 -75.53
C PRO C 104 -14.60 44.78 -74.45
N PRO C 105 -13.35 44.49 -74.83
CA PRO C 105 -12.16 44.49 -73.96
C PRO C 105 -12.08 45.69 -73.03
N GLU C 106 -12.40 46.88 -73.56
CA GLU C 106 -12.33 48.11 -72.80
C GLU C 106 -13.11 48.06 -71.49
N LYS C 107 -14.21 47.30 -71.49
CA LYS C 107 -15.06 47.19 -70.31
C LYS C 107 -14.59 46.16 -69.30
N ILE C 108 -13.39 45.63 -69.51
CA ILE C 108 -12.82 44.62 -68.62
C ILE C 108 -11.60 45.14 -67.87
N ILE C 109 -11.48 44.75 -66.61
CA ILE C 109 -10.33 45.12 -65.79
C ILE C 109 -9.79 43.81 -65.22
N TYR C 110 -8.58 43.44 -65.62
CA TYR C 110 -7.94 42.24 -65.12
C TYR C 110 -7.47 42.63 -63.73
N ALA C 111 -8.37 42.57 -62.77
CA ALA C 111 -8.07 43.00 -61.39
C ALA C 111 -7.33 42.03 -60.48
N ASN C 112 -6.59 41.09 -61.05
CA ASN C 112 -5.83 40.14 -60.22
C ASN C 112 -4.39 40.65 -60.14
N PRO C 113 -3.93 41.01 -58.93
CA PRO C 113 -2.57 41.52 -58.73
C PRO C 113 -1.44 40.64 -59.27
N CYS C 114 -1.36 39.40 -58.80
CA CYS C 114 -0.31 38.47 -59.24
C CYS C 114 -0.82 37.50 -60.29
N LYS C 115 -0.51 37.79 -61.54
CA LYS C 115 -0.98 36.99 -62.67
C LYS C 115 0.07 36.09 -63.32
N GLN C 116 -0.37 34.95 -63.79
CA GLN C 116 0.49 33.99 -64.48
C GLN C 116 0.80 34.54 -65.86
N ILE C 117 2.08 34.58 -66.21
CA ILE C 117 2.54 35.11 -67.49
C ILE C 117 1.72 34.71 -68.71
N SER C 118 1.44 33.42 -68.87
CA SER C 118 0.66 32.97 -70.01
C SER C 118 -0.72 33.64 -69.98
N HIS C 119 -1.18 33.96 -68.77
CA HIS C 119 -2.47 34.62 -68.63
C HIS C 119 -2.33 36.07 -69.08
N ILE C 120 -1.37 36.79 -68.50
CA ILE C 120 -1.12 38.17 -68.86
C ILE C 120 -1.05 38.22 -70.39
N ARG C 121 -0.48 37.18 -70.96
CA ARG C 121 -0.33 37.07 -72.40
C ARG C 121 -1.70 36.97 -73.05
N TYR C 122 -2.60 36.20 -72.44
CA TYR C 122 -3.95 36.03 -72.96
C TYR C 122 -4.72 37.35 -72.94
N ALA C 123 -4.60 38.09 -71.83
CA ALA C 123 -5.26 39.38 -71.70
C ALA C 123 -4.83 40.29 -72.85
N ARG C 124 -3.52 40.40 -73.05
CA ARG C 124 -2.95 41.21 -74.11
C ARG C 124 -3.58 40.87 -75.44
N ASP C 125 -3.53 39.58 -75.77
CA ASP C 125 -4.06 39.10 -77.02
C ASP C 125 -5.56 39.31 -77.13
N SER C 126 -6.23 39.54 -76.00
CA SER C 126 -7.67 39.75 -76.01
C SER C 126 -8.04 41.22 -76.00
N GLY C 127 -7.06 42.09 -75.89
CA GLY C 127 -7.32 43.53 -75.89
C GLY C 127 -7.52 44.11 -74.51
N VAL C 128 -7.32 43.30 -73.47
CA VAL C 128 -7.49 43.78 -72.11
C VAL C 128 -6.21 44.48 -71.68
N ASP C 129 -6.25 45.80 -71.59
CA ASP C 129 -5.05 46.56 -71.24
C ASP C 129 -5.00 47.12 -69.83
N VAL C 130 -6.06 46.96 -69.05
CA VAL C 130 -6.03 47.46 -67.68
C VAL C 130 -5.87 46.29 -66.71
N MET C 131 -4.80 46.32 -65.90
CA MET C 131 -4.52 45.27 -64.94
C MET C 131 -4.03 45.91 -63.65
N THR C 132 -4.12 45.18 -62.54
CA THR C 132 -3.66 45.71 -61.26
C THR C 132 -2.36 45.04 -60.85
N PHE C 133 -1.73 45.55 -59.80
CA PHE C 133 -0.48 45.01 -59.31
C PHE C 133 -0.23 45.62 -57.94
N ASP C 134 0.65 45.02 -57.15
CA ASP C 134 0.95 45.54 -55.82
C ASP C 134 2.40 45.31 -55.41
N CYS C 135 3.26 44.95 -56.36
CA CYS C 135 4.68 44.72 -56.06
C CYS C 135 5.50 44.91 -57.32
N VAL C 136 6.77 45.24 -57.13
CA VAL C 136 7.66 45.48 -58.27
C VAL C 136 7.72 44.32 -59.23
N ASP C 137 7.78 43.11 -58.70
CA ASP C 137 7.93 42.03 -59.61
C ASP C 137 6.83 41.65 -60.55
N GLU C 138 5.62 42.08 -60.22
CA GLU C 138 4.50 41.89 -61.13
C GLU C 138 4.85 42.82 -62.32
N LEU C 139 5.39 44.00 -62.00
CA LEU C 139 5.78 44.98 -63.02
C LEU C 139 6.83 44.42 -63.98
N GLU C 140 7.79 43.67 -63.43
CA GLU C 140 8.82 43.04 -64.26
C GLU C 140 8.13 42.13 -65.28
N LYS C 141 7.23 41.28 -64.79
CA LYS C 141 6.50 40.37 -65.66
C LYS C 141 5.75 41.16 -66.73
N VAL C 142 5.08 42.22 -66.30
CA VAL C 142 4.33 43.05 -67.24
C VAL C 142 5.22 43.63 -68.32
N ALA C 143 6.33 44.26 -67.90
CA ALA C 143 7.27 44.86 -68.83
C ALA C 143 7.70 43.92 -69.97
N LYS C 144 7.91 42.65 -69.61
CA LYS C 144 8.33 41.61 -70.56
C LYS C 144 7.19 41.03 -71.38
N THR C 145 5.96 41.11 -70.86
CA THR C 145 4.83 40.50 -71.56
C THR C 145 3.75 41.43 -72.09
N HIS C 146 3.44 42.50 -71.36
CA HIS C 146 2.42 43.45 -71.78
C HIS C 146 2.89 44.86 -71.38
N PRO C 147 3.89 45.39 -72.11
CA PRO C 147 4.50 46.72 -71.92
C PRO C 147 3.54 47.90 -71.90
N LYS C 148 2.73 48.00 -72.95
CA LYS C 148 1.79 49.12 -73.09
C LYS C 148 0.48 48.93 -72.32
N ALA C 149 0.55 48.24 -71.19
CA ALA C 149 -0.62 47.98 -70.37
C ALA C 149 -0.83 49.09 -69.36
N LYS C 150 -2.07 49.54 -69.25
CA LYS C 150 -2.38 50.56 -68.28
C LYS C 150 -2.45 49.80 -66.96
N MET C 151 -1.55 50.13 -66.04
CA MET C 151 -1.47 49.47 -64.75
C MET C 151 -2.01 50.26 -63.59
N VAL C 152 -2.80 49.60 -62.75
CA VAL C 152 -3.38 50.22 -61.56
C VAL C 152 -2.71 49.66 -60.32
N LEU C 153 -2.30 50.54 -59.43
CA LEU C 153 -1.62 50.14 -58.21
C LEU C 153 -2.59 49.92 -57.05
N ARG C 154 -2.78 48.65 -56.69
CA ARG C 154 -3.66 48.30 -55.58
C ARG C 154 -2.91 48.43 -54.27
N ILE C 155 -3.51 49.13 -53.30
CA ILE C 155 -2.88 49.33 -52.02
C ILE C 155 -3.58 48.54 -50.92
N SER C 156 -2.96 48.49 -49.73
CA SER C 156 -3.54 47.76 -48.62
C SER C 156 -4.62 48.58 -47.92
N THR C 157 -5.76 47.96 -47.68
CA THR C 157 -6.88 48.64 -47.02
C THR C 157 -6.81 48.51 -45.50
N VAL C 168 -3.26 40.92 -46.14
CA VAL C 168 -1.94 40.30 -46.07
C VAL C 168 -1.56 39.67 -47.40
N LYS C 169 -2.55 39.15 -48.12
CA LYS C 169 -2.28 38.51 -49.41
C LYS C 169 -2.09 39.46 -50.59
N PHE C 170 -2.79 40.60 -50.56
CA PHE C 170 -2.71 41.58 -51.64
C PHE C 170 -2.72 43.01 -51.12
N GLY C 171 -2.23 43.94 -51.95
CA GLY C 171 -2.22 45.34 -51.57
C GLY C 171 -0.91 45.84 -51.00
N ALA C 172 -0.24 46.69 -51.78
CA ALA C 172 1.04 47.25 -51.37
C ALA C 172 0.86 48.28 -50.25
N LYS C 173 1.77 48.27 -49.29
CA LYS C 173 1.68 49.23 -48.20
C LYS C 173 2.03 50.61 -48.77
N VAL C 174 1.47 51.64 -48.18
CA VAL C 174 1.71 53.00 -48.64
C VAL C 174 3.19 53.35 -48.59
N GLU C 175 3.83 52.95 -47.50
CA GLU C 175 5.25 53.21 -47.27
C GLU C 175 6.14 52.68 -48.39
N ASP C 176 5.71 51.62 -49.04
CA ASP C 176 6.50 51.02 -50.12
C ASP C 176 6.06 51.48 -51.50
N CYS C 177 5.02 52.31 -51.54
CA CYS C 177 4.49 52.78 -52.82
C CYS C 177 5.43 53.70 -53.59
N ARG C 178 6.12 54.59 -52.88
CA ARG C 178 7.06 55.49 -53.56
C ARG C 178 8.08 54.63 -54.29
N PHE C 179 8.74 53.73 -53.55
CA PHE C 179 9.74 52.87 -54.14
C PHE C 179 9.19 52.06 -55.31
N ILE C 180 7.96 51.56 -55.18
CA ILE C 180 7.34 50.78 -56.24
C ILE C 180 7.16 51.62 -57.50
N LEU C 181 6.63 52.82 -57.35
CA LEU C 181 6.42 53.70 -58.49
C LEU C 181 7.73 54.01 -59.20
N GLU C 182 8.75 54.37 -58.41
CA GLU C 182 10.07 54.67 -58.96
C GLU C 182 10.50 53.51 -59.86
N GLN C 183 10.41 52.29 -59.33
CA GLN C 183 10.79 51.09 -60.08
C GLN C 183 9.96 50.90 -61.33
N ALA C 184 8.69 51.30 -61.25
CA ALA C 184 7.78 51.19 -62.39
C ALA C 184 8.25 52.20 -63.43
N LYS C 185 8.81 53.29 -62.93
CA LYS C 185 9.34 54.35 -63.78
C LYS C 185 10.52 53.73 -64.53
N LYS C 186 11.45 53.16 -63.79
CA LYS C 186 12.63 52.52 -64.39
C LYS C 186 12.21 51.39 -65.33
N LEU C 187 10.99 50.90 -65.16
CA LEU C 187 10.51 49.82 -66.00
C LEU C 187 9.62 50.35 -67.13
N ASN C 188 9.48 51.67 -67.19
CA ASN C 188 8.67 52.32 -68.22
C ASN C 188 7.23 51.80 -68.20
N ILE C 189 6.67 51.67 -67.01
CA ILE C 189 5.30 51.17 -66.87
C ILE C 189 4.31 52.32 -66.84
N ASP C 190 3.26 52.20 -67.66
CA ASP C 190 2.22 53.21 -67.71
C ASP C 190 1.23 53.01 -66.55
N VAL C 191 1.57 53.59 -65.39
CA VAL C 191 0.71 53.51 -64.21
C VAL C 191 -0.45 54.50 -64.29
N THR C 192 -1.66 53.98 -64.45
CA THR C 192 -2.85 54.84 -64.59
C THR C 192 -3.78 55.03 -63.40
N GLY C 193 -3.40 54.58 -62.21
CA GLY C 193 -4.30 54.78 -61.09
C GLY C 193 -4.00 54.01 -59.83
N VAL C 194 -4.96 54.04 -58.90
CA VAL C 194 -4.82 53.36 -57.63
C VAL C 194 -6.10 52.56 -57.37
N SER C 195 -5.99 51.53 -56.55
CA SER C 195 -7.13 50.70 -56.22
C SER C 195 -6.93 50.11 -54.84
N PHE C 196 -8.02 49.61 -54.26
CA PHE C 196 -7.97 49.00 -52.95
C PHE C 196 -9.17 48.10 -52.78
N HIS C 197 -9.21 47.37 -51.68
CA HIS C 197 -10.32 46.47 -51.40
C HIS C 197 -10.41 46.21 -49.91
N VAL C 198 -11.54 46.56 -49.32
CA VAL C 198 -11.74 46.35 -47.89
C VAL C 198 -12.35 44.99 -47.60
N GLY C 199 -13.14 44.48 -48.54
CA GLY C 199 -13.78 43.20 -48.33
C GLY C 199 -15.16 43.35 -47.72
N SER C 200 -15.82 42.23 -47.47
CA SER C 200 -17.17 42.26 -46.91
C SER C 200 -17.24 42.15 -45.38
N GLY C 201 -16.10 41.89 -44.75
CA GLY C 201 -16.10 41.75 -43.31
C GLY C 201 -16.04 43.10 -42.58
N SER C 202 -16.78 44.08 -43.07
CA SER C 202 -16.79 45.40 -42.46
C SER C 202 -17.99 45.67 -41.58
N THR C 203 -17.70 46.19 -40.40
CA THR C 203 -18.72 46.54 -39.42
C THR C 203 -18.88 48.05 -39.50
N ASP C 204 -17.76 48.69 -39.86
CA ASP C 204 -17.65 50.13 -39.93
C ASP C 204 -17.15 50.58 -41.31
N ALA C 205 -17.86 51.56 -41.89
CA ALA C 205 -17.53 52.09 -43.22
C ALA C 205 -16.33 53.04 -43.29
N SER C 206 -15.84 53.45 -42.12
CA SER C 206 -14.70 54.36 -42.07
C SER C 206 -13.57 53.82 -42.93
N THR C 207 -13.41 52.49 -42.91
CA THR C 207 -12.39 51.80 -43.68
C THR C 207 -12.36 52.31 -45.13
N PHE C 208 -13.53 52.56 -45.69
CA PHE C 208 -13.64 53.05 -47.06
C PHE C 208 -13.10 54.48 -47.13
N ALA C 209 -13.39 55.27 -46.11
CA ALA C 209 -12.94 56.65 -46.04
C ALA C 209 -11.41 56.71 -45.98
N GLN C 210 -10.82 55.87 -45.14
CA GLN C 210 -9.37 55.84 -44.97
C GLN C 210 -8.65 55.33 -46.21
N ALA C 211 -9.22 54.31 -46.83
CA ALA C 211 -8.61 53.73 -48.03
C ALA C 211 -8.61 54.75 -49.16
N ILE C 212 -9.65 55.58 -49.19
CA ILE C 212 -9.76 56.60 -50.22
C ILE C 212 -8.82 57.78 -49.97
N SER C 213 -8.63 58.12 -48.70
CA SER C 213 -7.70 59.18 -48.35
C SER C 213 -6.33 58.71 -48.80
N ASP C 214 -5.98 57.48 -48.41
CA ASP C 214 -4.70 56.89 -48.77
C ASP C 214 -4.53 56.86 -50.28
N SER C 215 -5.61 56.59 -51.00
CA SER C 215 -5.53 56.54 -52.46
C SER C 215 -5.15 57.87 -53.08
N ARG C 216 -5.54 58.97 -52.43
CA ARG C 216 -5.22 60.30 -52.91
C ARG C 216 -3.71 60.47 -52.80
N PHE C 217 -3.21 60.18 -51.60
CA PHE C 217 -1.79 60.27 -51.29
C PHE C 217 -0.94 59.57 -52.36
N VAL C 218 -1.21 58.29 -52.60
CA VAL C 218 -0.48 57.54 -53.61
C VAL C 218 -0.77 58.08 -55.00
N PHE C 219 -1.98 58.58 -55.18
CA PHE C 219 -2.39 59.15 -56.47
C PHE C 219 -1.48 60.31 -56.81
N ASP C 220 -1.18 61.14 -55.81
CA ASP C 220 -0.32 62.29 -56.00
C ASP C 220 1.10 61.89 -56.35
N MET C 221 1.65 60.91 -55.62
CA MET C 221 2.99 60.45 -55.89
C MET C 221 3.10 60.03 -57.35
N GLY C 222 2.13 59.26 -57.83
CA GLY C 222 2.17 58.84 -59.21
C GLY C 222 2.22 60.03 -60.16
N THR C 223 1.37 61.01 -59.88
CA THR C 223 1.29 62.23 -60.66
C THR C 223 2.61 63.01 -60.54
N GLU C 224 3.17 62.94 -59.34
CA GLU C 224 4.43 63.61 -59.00
C GLU C 224 5.60 63.06 -59.80
N LEU C 225 5.58 61.75 -60.06
CA LEU C 225 6.65 61.11 -60.81
C LEU C 225 6.33 61.07 -62.30
N GLY C 226 5.49 62.00 -62.73
CA GLY C 226 5.15 62.07 -64.14
C GLY C 226 4.22 60.97 -64.63
N PHE C 227 3.59 60.28 -63.69
CA PHE C 227 2.65 59.22 -64.06
C PHE C 227 1.27 59.80 -64.29
N ASN C 228 0.63 59.36 -65.37
CA ASN C 228 -0.71 59.80 -65.74
C ASN C 228 -1.80 59.12 -64.89
N MET C 229 -1.91 59.55 -63.64
CA MET C 229 -2.89 58.99 -62.70
C MET C 229 -4.31 59.54 -62.90
N HIS C 230 -5.19 58.74 -63.51
CA HIS C 230 -6.55 59.18 -63.73
C HIS C 230 -7.63 58.13 -63.44
N ILE C 231 -7.27 57.08 -62.68
CA ILE C 231 -8.22 56.04 -62.34
C ILE C 231 -8.22 55.70 -60.86
N LEU C 232 -9.42 55.58 -60.30
CA LEU C 232 -9.57 55.23 -58.89
C LEU C 232 -10.55 54.08 -58.79
N ASP C 233 -10.06 52.94 -58.29
CA ASP C 233 -10.86 51.73 -58.14
C ASP C 233 -11.14 51.53 -56.65
N ILE C 234 -12.40 51.59 -56.24
CA ILE C 234 -12.71 51.43 -54.83
C ILE C 234 -13.03 49.99 -54.42
N GLY C 235 -12.77 49.05 -55.32
CA GLY C 235 -13.00 47.64 -55.04
C GLY C 235 -14.42 47.15 -54.85
N GLY C 236 -14.59 46.23 -53.89
CA GLY C 236 -15.89 45.66 -53.62
C GLY C 236 -16.16 45.47 -52.15
N GLY C 237 -17.09 44.56 -51.83
CA GLY C 237 -17.41 44.31 -50.44
C GLY C 237 -18.72 44.95 -50.01
N PHE C 238 -19.56 45.28 -51.00
CA PHE C 238 -20.82 45.92 -50.71
C PHE C 238 -21.94 44.90 -50.48
N PRO C 239 -22.72 45.09 -49.40
CA PRO C 239 -23.84 44.24 -49.00
C PRO C 239 -24.72 43.80 -50.15
N GLY C 240 -25.06 42.52 -50.19
CA GLY C 240 -25.92 42.01 -51.25
C GLY C 240 -27.29 41.70 -50.69
N THR C 241 -27.41 41.77 -49.38
CA THR C 241 -28.67 41.50 -48.69
C THR C 241 -28.90 42.55 -47.62
N ARG C 242 -30.17 42.89 -47.38
CA ARG C 242 -30.52 43.86 -46.36
C ARG C 242 -30.51 43.11 -45.03
N ASP C 243 -29.49 42.28 -44.84
CA ASP C 243 -29.32 41.46 -43.64
C ASP C 243 -27.98 41.71 -42.99
N ALA C 244 -27.11 42.39 -43.73
CA ALA C 244 -25.79 42.73 -43.22
C ALA C 244 -26.00 43.97 -42.39
N PRO C 245 -25.43 44.01 -41.18
CA PRO C 245 -25.53 45.14 -40.24
C PRO C 245 -25.32 46.50 -40.89
N LEU C 246 -24.24 46.63 -41.66
CA LEU C 246 -23.88 47.87 -42.33
C LEU C 246 -24.62 47.99 -43.67
N LYS C 247 -25.50 49.00 -43.78
CA LYS C 247 -26.28 49.20 -44.99
C LYS C 247 -25.43 49.70 -46.16
N PHE C 248 -25.81 49.30 -47.36
CA PHE C 248 -25.11 49.71 -48.56
C PHE C 248 -25.11 51.22 -48.61
N GLU C 249 -26.27 51.78 -48.30
CA GLU C 249 -26.50 53.20 -48.34
C GLU C 249 -25.80 54.03 -47.27
N GLU C 250 -25.40 53.44 -46.15
CA GLU C 250 -24.67 54.20 -45.15
C GLU C 250 -23.22 54.18 -45.62
N ILE C 251 -22.94 53.23 -46.51
CA ILE C 251 -21.61 53.05 -47.05
C ILE C 251 -21.41 54.00 -48.22
N ALA C 252 -22.35 54.00 -49.16
CA ALA C 252 -22.27 54.88 -50.31
C ALA C 252 -22.12 56.31 -49.78
N GLY C 253 -22.81 56.59 -48.67
CA GLY C 253 -22.74 57.91 -48.08
C GLY C 253 -21.34 58.27 -47.66
N VAL C 254 -20.73 57.43 -46.82
CA VAL C 254 -19.37 57.68 -46.34
C VAL C 254 -18.38 57.73 -47.49
N ILE C 255 -18.64 56.94 -48.53
CA ILE C 255 -17.76 56.91 -49.70
C ILE C 255 -17.83 58.24 -50.45
N ASN C 256 -19.05 58.68 -50.75
CA ASN C 256 -19.26 59.94 -51.47
C ASN C 256 -18.65 61.13 -50.72
N ASN C 257 -18.71 61.08 -49.39
CA ASN C 257 -18.14 62.16 -48.57
C ASN C 257 -16.64 62.21 -48.81
N ALA C 258 -15.95 61.12 -48.50
CA ALA C 258 -14.51 61.04 -48.68
C ALA C 258 -14.11 61.25 -50.13
N LEU C 259 -14.97 60.81 -51.05
CA LEU C 259 -14.72 60.93 -52.48
C LEU C 259 -14.81 62.39 -52.92
N GLU C 260 -15.40 63.21 -52.07
CA GLU C 260 -15.56 64.64 -52.35
C GLU C 260 -14.44 65.43 -51.73
N LYS C 261 -13.96 64.95 -50.59
CA LYS C 261 -12.89 65.59 -49.86
C LYS C 261 -11.52 65.24 -50.45
N HIS C 262 -11.45 64.19 -51.26
CA HIS C 262 -10.18 63.79 -51.84
C HIS C 262 -10.19 63.62 -53.36
N PHE C 263 -11.36 63.38 -53.94
CA PHE C 263 -11.42 63.21 -55.39
C PHE C 263 -12.56 64.02 -56.02
N PRO C 264 -12.58 65.34 -55.80
CA PRO C 264 -13.64 66.19 -56.36
C PRO C 264 -13.79 65.91 -57.85
N PRO C 265 -15.02 66.09 -58.38
CA PRO C 265 -15.28 65.83 -59.81
C PRO C 265 -14.16 66.34 -60.73
N ASP C 266 -13.97 65.64 -61.83
CA ASP C 266 -12.94 65.98 -62.79
C ASP C 266 -13.13 65.10 -64.00
N LEU C 267 -13.29 65.70 -65.17
CA LEU C 267 -13.50 64.93 -66.39
C LEU C 267 -12.35 64.02 -66.76
N LYS C 268 -11.17 64.32 -66.26
CA LYS C 268 -10.00 63.49 -66.55
C LYS C 268 -10.02 62.27 -65.65
N LEU C 269 -10.62 62.43 -64.48
CA LEU C 269 -10.71 61.35 -63.50
C LEU C 269 -11.86 60.40 -63.80
N THR C 270 -11.63 59.13 -63.53
CA THR C 270 -12.64 58.10 -63.73
C THR C 270 -12.64 57.24 -62.48
N ILE C 271 -13.79 57.11 -61.83
CA ILE C 271 -13.90 56.31 -60.63
C ILE C 271 -14.71 55.04 -60.86
N VAL C 272 -14.15 53.90 -60.49
CA VAL C 272 -14.83 52.63 -60.66
C VAL C 272 -14.75 51.80 -59.40
N ALA C 273 -15.48 50.69 -59.42
CA ALA C 273 -15.51 49.77 -58.30
C ALA C 273 -15.64 48.35 -58.83
N GLU C 274 -15.36 47.37 -57.97
CA GLU C 274 -15.43 45.98 -58.35
C GLU C 274 -16.46 45.29 -57.45
N PRO C 275 -17.75 45.61 -57.64
CA PRO C 275 -18.79 44.99 -56.82
C PRO C 275 -19.07 43.55 -57.27
N GLY C 276 -19.18 42.66 -56.30
CA GLY C 276 -19.47 41.26 -56.63
C GLY C 276 -20.79 40.77 -56.07
N ARG C 277 -20.86 40.66 -54.75
CA ARG C 277 -22.06 40.16 -54.09
C ARG C 277 -23.23 41.14 -54.14
N TYR C 278 -22.93 42.43 -54.18
CA TYR C 278 -23.96 43.46 -54.24
C TYR C 278 -24.99 43.16 -55.33
N TYR C 279 -24.52 42.81 -56.52
CA TYR C 279 -25.39 42.53 -57.65
C TYR C 279 -26.10 41.18 -57.75
N VAL C 280 -25.66 40.16 -57.01
CA VAL C 280 -26.30 38.85 -57.17
C VAL C 280 -26.73 38.03 -55.95
N ALA C 281 -26.24 38.38 -54.77
CA ALA C 281 -26.57 37.62 -53.58
C ALA C 281 -28.08 37.31 -53.42
N SER C 282 -28.90 38.35 -53.41
CA SER C 282 -30.34 38.18 -53.24
C SER C 282 -31.09 37.71 -54.47
N ALA C 283 -30.44 37.69 -55.62
CA ALA C 283 -31.13 37.29 -56.85
C ALA C 283 -31.34 35.78 -57.01
N PHE C 284 -30.60 35.01 -56.23
CA PHE C 284 -30.70 33.56 -56.31
C PHE C 284 -31.37 32.94 -55.09
N THR C 285 -32.30 32.04 -55.37
CA THR C 285 -33.03 31.30 -54.34
C THR C 285 -32.88 29.81 -54.65
N LEU C 286 -32.32 29.07 -53.68
CA LEU C 286 -32.08 27.65 -53.87
C LEU C 286 -33.14 26.74 -53.27
N ALA C 287 -33.58 25.78 -54.07
CA ALA C 287 -34.58 24.81 -53.64
C ALA C 287 -33.97 23.41 -53.51
N VAL C 288 -33.94 22.89 -52.28
CA VAL C 288 -33.42 21.54 -52.04
C VAL C 288 -34.54 20.61 -51.57
N ASN C 289 -34.43 19.34 -51.92
CA ASN C 289 -35.43 18.36 -51.53
C ASN C 289 -34.98 17.54 -50.33
N VAL C 290 -35.83 17.44 -49.30
CA VAL C 290 -35.49 16.65 -48.12
C VAL C 290 -35.47 15.20 -48.58
N ILE C 291 -34.30 14.57 -48.46
CA ILE C 291 -34.13 13.19 -48.90
C ILE C 291 -34.16 12.13 -47.81
N ALA C 292 -33.96 12.53 -46.56
CA ALA C 292 -33.95 11.57 -45.47
C ALA C 292 -34.19 12.30 -44.16
N LYS C 293 -34.74 11.59 -43.18
CA LYS C 293 -35.09 12.18 -41.89
C LYS C 293 -34.68 11.33 -40.69
N LYS C 294 -34.58 11.98 -39.53
CA LYS C 294 -34.22 11.31 -38.28
C LYS C 294 -34.79 12.12 -37.12
N VAL C 295 -35.37 11.44 -36.15
CA VAL C 295 -35.96 12.12 -35.01
C VAL C 295 -35.22 11.82 -33.71
N THR C 296 -35.15 12.82 -32.83
CA THR C 296 -34.47 12.65 -31.54
C THR C 296 -34.94 13.74 -30.57
N GLN C 312 -38.57 17.08 -28.77
CA GLN C 312 -38.25 16.65 -30.12
C GLN C 312 -37.29 17.57 -30.87
N SER C 313 -36.48 16.97 -31.73
CA SER C 313 -35.52 17.69 -32.55
C SER C 313 -35.35 16.86 -33.80
N PHE C 314 -35.28 17.51 -34.96
CA PHE C 314 -35.14 16.77 -36.20
C PHE C 314 -33.78 16.91 -36.88
N MET C 315 -33.55 15.98 -37.80
CA MET C 315 -32.32 15.91 -38.58
C MET C 315 -32.72 15.68 -40.03
N TYR C 316 -32.84 16.75 -40.80
CA TYR C 316 -33.22 16.60 -42.18
C TYR C 316 -31.97 16.57 -43.09
N TYR C 317 -32.00 15.70 -44.11
CA TYR C 317 -30.90 15.53 -45.07
C TYR C 317 -31.40 16.00 -46.43
N VAL C 318 -30.64 16.89 -47.07
CA VAL C 318 -31.04 17.42 -48.37
C VAL C 318 -30.02 17.06 -49.45
N ASN C 319 -30.46 17.05 -50.71
CA ASN C 319 -29.61 16.68 -51.82
C ASN C 319 -28.65 17.76 -52.37
N ASP C 320 -28.05 18.52 -51.46
CA ASP C 320 -27.08 19.54 -51.83
C ASP C 320 -26.46 20.03 -50.54
N GLY C 321 -25.17 20.37 -50.58
CA GLY C 321 -24.50 20.83 -49.38
C GLY C 321 -23.11 21.37 -49.63
N VAL C 322 -22.29 21.44 -48.58
CA VAL C 322 -20.94 21.97 -48.65
C VAL C 322 -20.10 21.58 -49.87
N TYR C 323 -20.31 20.40 -50.46
CA TYR C 323 -19.54 20.04 -51.64
C TYR C 323 -20.22 20.56 -52.89
N GLY C 324 -21.06 21.57 -52.69
CA GLY C 324 -21.79 22.17 -53.79
C GLY C 324 -22.20 23.59 -53.44
N SER C 325 -23.40 23.97 -53.85
CA SER C 325 -23.93 25.31 -53.57
C SER C 325 -23.62 25.80 -52.16
N PHE C 326 -23.41 24.90 -51.21
CA PHE C 326 -23.13 25.37 -49.86
C PHE C 326 -21.65 25.43 -49.50
N ASN C 327 -20.78 25.37 -50.50
CA ASN C 327 -19.35 25.46 -50.22
C ASN C 327 -19.10 26.83 -49.59
N CYS C 328 -20.06 27.73 -49.78
CA CYS C 328 -19.98 29.09 -49.26
C CYS C 328 -19.96 29.16 -47.74
N ILE C 329 -20.33 28.07 -47.08
CA ILE C 329 -20.32 28.07 -45.61
C ILE C 329 -18.89 27.98 -45.12
N LEU C 330 -18.07 27.31 -45.94
CA LEU C 330 -16.67 27.12 -45.61
C LEU C 330 -15.77 28.16 -46.29
N TYR C 331 -16.07 28.45 -47.54
CA TYR C 331 -15.30 29.43 -48.32
C TYR C 331 -15.67 30.90 -48.11
N ASP C 332 -16.96 31.18 -47.92
CA ASP C 332 -17.39 32.57 -47.78
C ASP C 332 -18.02 33.00 -46.46
N HIS C 333 -17.89 32.18 -45.41
CA HIS C 333 -18.46 32.54 -44.11
C HIS C 333 -19.99 32.63 -44.11
N ALA C 334 -20.62 32.06 -45.13
CA ALA C 334 -22.07 32.10 -45.26
C ALA C 334 -22.82 31.45 -44.10
N VAL C 335 -23.88 32.12 -43.66
CA VAL C 335 -24.74 31.61 -42.59
C VAL C 335 -26.09 31.59 -43.31
N VAL C 336 -26.65 30.40 -43.51
CA VAL C 336 -27.91 30.28 -44.21
C VAL C 336 -29.14 30.01 -43.36
N ARG C 337 -30.32 30.25 -43.93
CA ARG C 337 -31.60 30.06 -43.23
C ARG C 337 -32.54 29.16 -44.01
N PRO C 338 -32.83 27.96 -43.48
CA PRO C 338 -33.74 27.05 -44.18
C PRO C 338 -35.14 27.66 -44.15
N LEU C 339 -35.84 27.53 -45.26
CA LEU C 339 -37.16 28.13 -45.39
C LEU C 339 -38.11 27.19 -46.09
N PRO C 340 -39.09 26.64 -45.34
CA PRO C 340 -40.09 25.72 -45.88
C PRO C 340 -40.80 26.29 -47.11
N GLN C 341 -40.79 25.51 -48.18
CA GLN C 341 -41.44 25.89 -49.43
C GLN C 341 -42.93 25.78 -49.14
N ARG C 342 -43.24 25.28 -47.96
CA ARG C 342 -44.61 25.08 -47.53
C ARG C 342 -45.14 26.26 -46.74
N GLU C 343 -46.00 27.05 -47.38
CA GLU C 343 -46.59 28.22 -46.75
C GLU C 343 -46.98 27.88 -45.32
N PRO C 344 -46.48 28.66 -44.36
CA PRO C 344 -46.78 28.43 -42.94
C PRO C 344 -48.28 28.34 -42.64
N ILE C 345 -48.58 28.31 -41.35
CA ILE C 345 -49.94 28.26 -40.80
C ILE C 345 -49.64 28.53 -39.33
N GLU C 348 -48.94 24.76 -35.91
CA GLU C 348 -48.06 23.63 -36.19
C GLU C 348 -46.90 23.97 -35.28
N LYS C 349 -46.39 22.97 -34.59
CA LYS C 349 -45.30 23.18 -33.67
C LYS C 349 -44.01 23.36 -34.46
N LEU C 350 -43.03 24.02 -33.84
CA LEU C 350 -41.72 24.17 -34.47
C LEU C 350 -40.75 23.48 -33.51
N TYR C 351 -39.80 22.74 -34.06
CA TYR C 351 -38.83 22.04 -33.22
C TYR C 351 -37.41 22.31 -33.68
N PRO C 352 -36.43 22.25 -32.75
CA PRO C 352 -35.05 22.50 -33.15
C PRO C 352 -34.62 21.45 -34.18
N SER C 353 -34.08 21.92 -35.29
CA SER C 353 -33.65 21.01 -36.35
C SER C 353 -32.20 21.23 -36.76
N SER C 354 -31.81 20.55 -37.83
CA SER C 354 -30.47 20.63 -38.38
C SER C 354 -30.61 20.06 -39.78
N VAL C 355 -29.94 20.66 -40.75
CA VAL C 355 -30.00 20.18 -42.12
C VAL C 355 -28.63 19.61 -42.45
N TRP C 356 -28.56 18.69 -43.40
CA TRP C 356 -27.27 18.09 -43.75
C TRP C 356 -27.16 17.83 -45.24
N GLY C 357 -25.93 17.89 -45.74
CA GLY C 357 -25.67 17.62 -47.14
C GLY C 357 -25.77 16.13 -47.34
N PRO C 358 -25.98 15.66 -48.59
CA PRO C 358 -26.13 14.26 -48.96
C PRO C 358 -24.85 13.42 -48.88
N THR C 359 -23.76 14.06 -48.52
CA THR C 359 -22.45 13.42 -48.46
C THR C 359 -22.11 12.72 -47.14
N CYS C 360 -21.30 11.66 -47.24
CA CYS C 360 -20.88 10.88 -46.07
C CYS C 360 -19.97 11.66 -45.12
N ASP C 361 -19.54 12.85 -45.54
CA ASP C 361 -18.67 13.69 -44.72
C ASP C 361 -19.45 14.32 -43.58
N GLY C 362 -19.00 14.08 -42.35
CA GLY C 362 -19.69 14.62 -41.20
C GLY C 362 -19.55 16.12 -41.06
N LEU C 363 -18.80 16.70 -41.98
CA LEU C 363 -18.57 18.14 -42.01
C LEU C 363 -19.59 18.75 -42.95
N ASP C 364 -20.15 17.92 -43.83
CA ASP C 364 -21.14 18.38 -44.78
C ASP C 364 -22.45 18.67 -44.06
N GLN C 365 -22.42 19.68 -43.20
CA GLN C 365 -23.59 20.10 -42.43
C GLN C 365 -23.99 21.50 -42.92
N ILE C 366 -25.28 21.69 -43.21
CA ILE C 366 -25.76 22.97 -43.71
C ILE C 366 -26.28 23.88 -42.60
N VAL C 367 -27.17 23.34 -41.76
CA VAL C 367 -27.72 24.12 -40.66
C VAL C 367 -27.46 23.39 -39.37
N GLU C 368 -27.20 24.15 -38.32
CA GLU C 368 -26.92 23.54 -37.03
C GLU C 368 -28.14 23.30 -36.18
N ARG C 369 -28.77 24.39 -35.76
CA ARG C 369 -29.94 24.28 -34.91
C ARG C 369 -30.92 25.39 -35.23
N TYR C 370 -31.86 25.07 -36.10
CA TYR C 370 -32.86 26.04 -36.52
C TYR C 370 -34.27 25.48 -36.32
N TYR C 371 -35.14 26.27 -35.70
CA TYR C 371 -36.51 25.84 -35.48
C TYR C 371 -37.32 25.81 -36.75
N LEU C 372 -37.79 24.61 -37.10
CA LEU C 372 -38.59 24.41 -38.30
C LEU C 372 -39.77 23.52 -37.99
N PRO C 373 -40.79 23.53 -38.84
CA PRO C 373 -41.95 22.67 -38.59
C PRO C 373 -41.51 21.25 -38.93
N GLU C 374 -42.24 20.23 -38.47
CA GLU C 374 -41.83 18.89 -38.82
C GLU C 374 -41.97 18.77 -40.33
N MET C 375 -40.91 18.35 -40.98
CA MET C 375 -40.90 18.20 -42.42
C MET C 375 -40.99 16.73 -42.76
N GLN C 376 -41.18 16.44 -44.04
CA GLN C 376 -41.30 15.07 -44.46
C GLN C 376 -40.52 14.81 -45.74
N VAL C 377 -39.83 13.68 -45.77
CA VAL C 377 -39.05 13.28 -46.92
C VAL C 377 -39.86 13.57 -48.19
N GLY C 378 -39.21 14.15 -49.19
CA GLY C 378 -39.90 14.47 -50.42
C GLY C 378 -40.37 15.91 -50.46
N GLU C 379 -40.39 16.58 -49.30
CA GLU C 379 -40.81 17.98 -49.22
C GLU C 379 -39.62 18.90 -49.49
N TRP C 380 -39.90 20.06 -50.07
CA TRP C 380 -38.84 21.00 -50.39
C TRP C 380 -38.48 21.99 -49.30
N LEU C 381 -37.22 22.41 -49.36
CA LEU C 381 -36.67 23.38 -48.42
C LEU C 381 -36.00 24.43 -49.27
N LEU C 382 -36.20 25.69 -48.91
CA LEU C 382 -35.62 26.78 -49.66
C LEU C 382 -34.55 27.55 -48.91
N PHE C 383 -33.63 28.11 -49.68
CA PHE C 383 -32.55 28.92 -49.13
C PHE C 383 -32.48 30.15 -50.03
N GLU C 384 -32.72 31.31 -49.43
CA GLU C 384 -32.68 32.57 -50.17
C GLU C 384 -31.32 33.23 -50.01
N ASP C 385 -31.02 34.17 -50.91
CA ASP C 385 -29.75 34.89 -50.86
C ASP C 385 -28.62 33.88 -51.05
N MET C 386 -28.67 33.17 -52.17
CA MET C 386 -27.69 32.15 -52.49
C MET C 386 -27.14 32.36 -53.89
N GLY C 387 -26.97 33.62 -54.27
CA GLY C 387 -26.46 33.92 -55.60
C GLY C 387 -25.00 34.34 -55.59
N ALA C 388 -24.49 34.68 -54.41
CA ALA C 388 -23.11 35.10 -54.25
C ALA C 388 -22.13 34.00 -53.81
N TYR C 389 -21.18 33.68 -54.68
CA TYR C 389 -20.16 32.65 -54.40
C TYR C 389 -20.80 31.33 -54.01
N THR C 390 -21.68 30.84 -54.87
CA THR C 390 -22.38 29.60 -54.62
C THR C 390 -22.37 28.78 -55.85
N VAL C 391 -22.39 29.45 -56.97
CA VAL C 391 -22.44 28.65 -58.13
C VAL C 391 -21.14 27.97 -58.48
N VAL C 392 -21.44 26.79 -59.02
CA VAL C 392 -20.60 25.67 -59.44
C VAL C 392 -19.72 25.19 -58.31
N SER C 402 -24.23 19.56 -59.68
CA SER C 402 -24.78 20.57 -58.79
C SER C 402 -26.06 21.19 -59.40
N PRO C 403 -26.90 21.84 -58.58
CA PRO C 403 -28.13 22.46 -59.05
C PRO C 403 -28.05 23.15 -60.39
N THR C 404 -29.14 23.09 -61.13
CA THR C 404 -29.10 23.74 -62.41
C THR C 404 -29.94 24.98 -62.25
N ILE C 405 -29.77 25.91 -63.17
CA ILE C 405 -30.44 27.17 -62.99
C ILE C 405 -31.58 27.56 -63.91
N TYR C 406 -32.64 28.07 -63.31
CA TYR C 406 -33.81 28.54 -64.05
C TYR C 406 -33.94 30.04 -63.80
N TYR C 407 -34.25 30.80 -64.86
CA TYR C 407 -34.33 32.25 -64.73
C TYR C 407 -35.71 32.89 -64.81
N VAL C 408 -35.89 33.99 -64.08
CA VAL C 408 -37.16 34.73 -64.07
C VAL C 408 -37.01 36.24 -63.98
N VAL C 409 -37.76 36.92 -64.84
CA VAL C 409 -37.80 38.38 -64.95
C VAL C 409 -38.19 39.04 -63.61
N ASN D 20 10.54 6.21 -61.32
CA ASN D 20 10.21 6.73 -60.00
C ASN D 20 9.65 8.03 -60.49
N THR D 21 8.44 8.35 -60.04
CA THR D 21 7.73 9.56 -60.48
C THR D 21 8.52 10.85 -60.53
N ARG D 22 9.54 10.94 -59.69
CA ARG D 22 10.36 12.13 -59.59
C ARG D 22 11.33 12.29 -60.76
N ASP D 23 11.30 11.35 -61.69
CA ASP D 23 12.16 11.42 -62.86
C ASP D 23 11.27 11.64 -64.09
N ALA D 24 9.97 11.67 -63.85
CA ALA D 24 8.97 11.91 -64.90
C ALA D 24 8.53 13.33 -64.62
N LEU D 25 8.83 13.77 -63.40
CA LEU D 25 8.54 15.11 -62.94
C LEU D 25 9.73 15.93 -63.39
N CYS D 26 10.90 15.30 -63.33
CA CYS D 26 12.14 15.95 -63.71
C CYS D 26 12.46 15.76 -65.19
N LYS D 27 11.52 15.19 -65.93
CA LYS D 27 11.74 14.97 -67.37
C LYS D 27 10.68 15.65 -68.20
N LYS D 28 9.43 15.50 -67.78
CA LYS D 28 8.31 16.10 -68.50
C LYS D 28 8.54 17.59 -68.58
N ILE D 29 9.13 18.14 -67.53
CA ILE D 29 9.44 19.55 -67.44
C ILE D 29 10.58 19.86 -68.41
N SER D 30 10.21 20.16 -69.66
CA SER D 30 11.16 20.48 -70.72
C SER D 30 10.41 20.66 -72.04
N GLY D 37 2.97 26.57 -68.45
CA GLY D 37 3.40 26.07 -67.16
C GLY D 37 2.25 25.71 -66.23
N ASP D 38 1.25 25.01 -66.76
CA ASP D 38 0.09 24.61 -65.97
C ASP D 38 0.42 23.49 -64.99
N PRO D 39 -0.22 23.50 -63.81
CA PRO D 39 0.05 22.45 -62.81
C PRO D 39 -0.37 21.09 -63.33
N PHE D 40 0.30 20.05 -62.84
CA PHE D 40 -0.04 18.69 -63.27
C PHE D 40 0.19 17.69 -62.16
N PHE D 41 -0.52 16.58 -62.25
CA PHE D 41 -0.43 15.50 -61.28
C PHE D 41 0.39 14.36 -61.86
N VAL D 42 1.23 13.76 -61.02
CA VAL D 42 1.98 12.59 -61.46
C VAL D 42 1.51 11.49 -60.52
N ALA D 43 0.80 10.52 -61.06
CA ALA D 43 0.27 9.42 -60.25
C ALA D 43 1.04 8.13 -60.45
N ASP D 44 1.58 7.61 -59.36
CA ASP D 44 2.34 6.37 -59.39
C ASP D 44 1.43 5.18 -59.05
N LEU D 45 0.83 4.60 -60.08
CA LEU D 45 -0.05 3.46 -59.91
C LEU D 45 0.61 2.34 -59.11
N GLY D 46 1.90 2.14 -59.34
CA GLY D 46 2.62 1.10 -58.64
C GLY D 46 2.56 1.26 -57.13
N ASP D 47 2.44 2.50 -56.65
CA ASP D 47 2.37 2.75 -55.22
C ASP D 47 1.05 2.20 -54.66
N ILE D 48 0.09 2.03 -55.55
CA ILE D 48 -1.20 1.52 -55.16
C ILE D 48 -1.08 0.01 -55.02
N VAL D 49 -0.49 -0.63 -56.04
CA VAL D 49 -0.29 -2.07 -56.04
C VAL D 49 0.47 -2.46 -54.77
N ARG D 50 1.37 -1.59 -54.33
CA ARG D 50 2.14 -1.87 -53.14
C ARG D 50 1.29 -1.71 -51.88
N LYS D 51 0.37 -0.74 -51.92
CA LYS D 51 -0.52 -0.48 -50.79
C LYS D 51 -1.41 -1.71 -50.56
N HIS D 52 -1.83 -2.33 -51.65
CA HIS D 52 -2.68 -3.51 -51.60
C HIS D 52 -1.94 -4.70 -50.96
N GLU D 53 -0.77 -5.03 -51.48
CA GLU D 53 0.02 -6.14 -50.94
C GLU D 53 0.16 -5.99 -49.44
N THR D 54 0.38 -4.76 -48.99
CA THR D 54 0.54 -4.48 -47.57
C THR D 54 -0.76 -4.69 -46.81
N TRP D 55 -1.88 -4.54 -47.51
CA TRP D 55 -3.19 -4.73 -46.92
C TRP D 55 -3.45 -6.22 -46.76
N LYS D 56 -3.34 -6.96 -47.87
CA LYS D 56 -3.54 -8.40 -47.86
C LYS D 56 -2.65 -9.07 -46.82
N LYS D 57 -1.59 -8.39 -46.43
CA LYS D 57 -0.66 -8.91 -45.45
C LYS D 57 -1.02 -8.57 -44.01
N CYS D 58 -1.32 -7.30 -43.76
CA CYS D 58 -1.65 -6.85 -42.40
C CYS D 58 -3.09 -7.13 -42.00
N LEU D 59 -3.95 -7.37 -43.00
CA LEU D 59 -5.36 -7.68 -42.75
C LEU D 59 -5.83 -8.73 -43.77
N PRO D 60 -5.34 -9.96 -43.63
CA PRO D 60 -5.69 -11.07 -44.54
C PRO D 60 -7.17 -11.45 -44.53
N ARG D 61 -7.83 -11.28 -43.38
CA ARG D 61 -9.26 -11.61 -43.26
C ARG D 61 -10.21 -10.55 -43.78
N VAL D 62 -9.71 -9.32 -43.97
CA VAL D 62 -10.55 -8.22 -44.41
C VAL D 62 -10.48 -7.89 -45.89
N THR D 63 -11.62 -7.95 -46.57
CA THR D 63 -11.67 -7.62 -47.99
C THR D 63 -11.92 -6.11 -48.12
N PRO D 64 -11.09 -5.43 -48.92
CA PRO D 64 -11.24 -3.98 -49.10
C PRO D 64 -12.22 -3.53 -50.16
N PHE D 65 -13.06 -2.57 -49.77
CA PHE D 65 -14.02 -1.97 -50.68
C PHE D 65 -13.58 -0.51 -50.68
N TYR D 66 -12.94 -0.14 -51.78
CA TYR D 66 -12.39 1.20 -51.98
C TYR D 66 -13.42 2.32 -52.00
N ALA D 67 -13.28 3.24 -51.05
CA ALA D 67 -14.18 4.39 -50.96
C ALA D 67 -13.91 5.33 -52.15
N VAL D 68 -14.60 5.07 -53.27
CA VAL D 68 -14.47 5.85 -54.50
C VAL D 68 -14.43 7.37 -54.30
N LYS D 69 -15.13 7.87 -53.29
CA LYS D 69 -15.20 9.30 -53.01
C LYS D 69 -13.81 9.92 -52.79
N CYS D 70 -12.86 9.11 -52.30
CA CYS D 70 -11.52 9.59 -52.00
C CYS D 70 -10.73 10.07 -53.21
N ASN D 71 -10.91 9.37 -54.32
CA ASN D 71 -10.21 9.67 -55.55
C ASN D 71 -10.86 8.77 -56.57
N ASP D 72 -11.59 9.36 -57.50
CA ASP D 72 -12.28 8.59 -58.50
C ASP D 72 -11.56 8.56 -59.82
N ASP D 73 -10.24 8.70 -59.79
CA ASP D 73 -9.50 8.66 -61.04
C ASP D 73 -9.69 7.30 -61.68
N TRP D 74 -9.87 7.32 -62.99
CA TRP D 74 -10.09 6.13 -63.78
C TRP D 74 -9.07 5.01 -63.66
N ARG D 75 -7.81 5.39 -63.76
CA ARG D 75 -6.72 4.45 -63.68
C ARG D 75 -6.66 3.92 -62.27
N VAL D 76 -7.00 4.77 -61.32
CA VAL D 76 -6.98 4.37 -59.92
C VAL D 76 -8.04 3.29 -59.69
N LEU D 77 -9.22 3.49 -60.23
CA LEU D 77 -10.30 2.51 -60.08
C LEU D 77 -9.95 1.22 -60.83
N GLY D 78 -9.52 1.37 -62.08
CA GLY D 78 -9.16 0.20 -62.87
C GLY D 78 -8.05 -0.62 -62.22
N THR D 79 -7.06 0.09 -61.68
CA THR D 79 -5.93 -0.55 -61.03
C THR D 79 -6.42 -1.35 -59.81
N LEU D 80 -7.27 -0.72 -59.01
CA LEU D 80 -7.82 -1.37 -57.83
C LEU D 80 -8.70 -2.54 -58.25
N ALA D 81 -9.43 -2.37 -59.35
CA ALA D 81 -10.30 -3.43 -59.84
C ALA D 81 -9.46 -4.66 -60.15
N ALA D 82 -8.44 -4.47 -60.98
CA ALA D 82 -7.55 -5.55 -61.38
C ALA D 82 -6.92 -6.24 -60.17
N LEU D 83 -6.65 -5.48 -59.12
CA LEU D 83 -6.07 -6.04 -57.90
C LEU D 83 -7.09 -6.86 -57.13
N GLY D 84 -8.27 -7.01 -57.71
CA GLY D 84 -9.34 -7.78 -57.09
C GLY D 84 -9.99 -7.13 -55.87
N THR D 85 -10.06 -5.81 -55.89
CA THR D 85 -10.65 -5.09 -54.77
C THR D 85 -12.12 -4.79 -54.99
N GLY D 86 -12.82 -4.44 -53.92
CA GLY D 86 -14.22 -4.11 -54.03
C GLY D 86 -14.36 -2.60 -53.97
N PHE D 87 -15.51 -2.08 -54.36
CA PHE D 87 -15.72 -0.63 -54.34
C PHE D 87 -16.87 -0.13 -53.46
N ASP D 88 -16.55 0.85 -52.62
CA ASP D 88 -17.53 1.47 -51.74
C ASP D 88 -18.08 2.74 -52.38
N CYS D 89 -19.20 2.62 -53.09
CA CYS D 89 -19.80 3.79 -53.73
C CYS D 89 -20.80 4.42 -52.78
N ALA D 90 -20.86 5.74 -52.76
CA ALA D 90 -21.79 6.43 -51.86
C ALA D 90 -22.79 7.31 -52.61
N SER D 91 -22.88 7.11 -53.93
CA SER D 91 -23.83 7.90 -54.73
C SER D 91 -24.17 7.16 -56.01
N ASN D 92 -25.19 7.64 -56.70
CA ASN D 92 -25.61 7.01 -57.94
C ASN D 92 -24.55 7.17 -59.02
N THR D 93 -23.80 8.27 -58.98
CA THR D 93 -22.76 8.52 -59.98
C THR D 93 -21.53 7.64 -59.76
N GLU D 94 -21.14 7.48 -58.51
CA GLU D 94 -20.01 6.65 -58.19
C GLU D 94 -20.30 5.21 -58.66
N ILE D 95 -21.55 4.77 -58.45
CA ILE D 95 -21.96 3.44 -58.87
C ILE D 95 -21.91 3.34 -60.40
N GLN D 96 -22.40 4.36 -61.08
CA GLN D 96 -22.40 4.39 -62.55
C GLN D 96 -20.97 4.34 -63.06
N ARG D 97 -20.08 5.02 -62.34
CA ARG D 97 -18.67 5.09 -62.71
C ARG D 97 -18.03 3.71 -62.57
N VAL D 98 -18.16 3.12 -61.39
CA VAL D 98 -17.58 1.80 -61.14
C VAL D 98 -18.16 0.76 -62.10
N ARG D 99 -19.48 0.76 -62.26
CA ARG D 99 -20.11 -0.18 -63.17
C ARG D 99 -19.58 0.05 -64.57
N GLY D 100 -19.14 1.29 -64.83
CA GLY D 100 -18.62 1.64 -66.14
C GLY D 100 -17.31 0.97 -66.55
N ILE D 101 -16.46 0.66 -65.59
CA ILE D 101 -15.19 0.03 -65.91
C ILE D 101 -15.29 -1.49 -65.87
N GLY D 102 -16.50 -2.00 -66.03
CA GLY D 102 -16.71 -3.44 -66.04
C GLY D 102 -16.87 -4.14 -64.70
N VAL D 103 -16.69 -3.43 -63.60
CA VAL D 103 -16.84 -4.04 -62.29
C VAL D 103 -18.25 -4.55 -62.08
N PRO D 104 -18.40 -5.81 -61.62
CA PRO D 104 -19.72 -6.39 -61.37
C PRO D 104 -20.37 -5.83 -60.10
N PRO D 105 -21.70 -5.65 -60.12
CA PRO D 105 -22.52 -5.14 -59.02
C PRO D 105 -22.18 -5.74 -57.66
N GLU D 106 -21.94 -7.05 -57.64
CA GLU D 106 -21.63 -7.76 -56.40
C GLU D 106 -20.48 -7.15 -55.63
N LYS D 107 -19.51 -6.59 -56.35
CA LYS D 107 -18.34 -6.00 -55.73
C LYS D 107 -18.54 -4.56 -55.24
N ILE D 108 -19.79 -4.11 -55.27
CA ILE D 108 -20.11 -2.75 -54.84
C ILE D 108 -20.96 -2.74 -53.57
N ILE D 109 -20.69 -1.79 -52.70
CA ILE D 109 -21.46 -1.62 -51.48
C ILE D 109 -21.91 -0.15 -51.46
N TYR D 110 -23.22 0.06 -51.54
CA TYR D 110 -23.76 1.42 -51.50
C TYR D 110 -23.71 1.79 -50.03
N ALA D 111 -22.53 2.22 -49.57
CA ALA D 111 -22.32 2.55 -48.17
C ALA D 111 -22.80 3.90 -47.64
N ASN D 112 -23.76 4.51 -48.30
CA ASN D 112 -24.29 5.79 -47.84
C ASN D 112 -25.57 5.51 -47.03
N PRO D 113 -25.56 5.82 -45.73
CA PRO D 113 -26.73 5.59 -44.87
C PRO D 113 -28.05 6.20 -45.36
N CYS D 114 -28.07 7.51 -45.52
CA CYS D 114 -29.28 8.19 -45.96
C CYS D 114 -29.24 8.50 -47.47
N LYS D 115 -29.91 7.66 -48.24
CA LYS D 115 -29.94 7.78 -49.70
C LYS D 115 -31.23 8.34 -50.30
N GLN D 116 -31.07 9.07 -51.39
CA GLN D 116 -32.20 9.66 -52.11
C GLN D 116 -32.89 8.53 -52.87
N ILE D 117 -34.21 8.44 -52.71
CA ILE D 117 -35.02 7.40 -53.34
C ILE D 117 -34.70 7.10 -54.80
N SER D 118 -34.60 8.14 -55.63
CA SER D 118 -34.29 7.92 -57.04
C SER D 118 -32.93 7.22 -57.15
N HIS D 119 -32.06 7.48 -56.17
CA HIS D 119 -30.74 6.86 -56.17
C HIS D 119 -30.90 5.39 -55.79
N ILE D 120 -31.53 5.13 -54.64
CA ILE D 120 -31.77 3.75 -54.20
C ILE D 120 -32.33 2.99 -55.39
N ARG D 121 -33.16 3.68 -56.16
CA ARG D 121 -33.78 3.09 -57.34
C ARG D 121 -32.72 2.76 -58.38
N TYR D 122 -31.74 3.64 -58.55
CA TYR D 122 -30.67 3.42 -59.51
C TYR D 122 -29.83 2.22 -59.11
N ALA D 123 -29.51 2.12 -57.82
CA ALA D 123 -28.72 0.99 -57.31
C ALA D 123 -29.41 -0.32 -57.67
N ARG D 124 -30.70 -0.39 -57.35
CA ARG D 124 -31.52 -1.57 -57.63
C ARG D 124 -31.41 -1.97 -59.08
N ASP D 125 -31.67 -0.99 -59.94
CA ASP D 125 -31.63 -1.21 -61.37
C ASP D 125 -30.25 -1.59 -61.87
N SER D 126 -29.22 -1.29 -61.07
CA SER D 126 -27.86 -1.59 -61.45
C SER D 126 -27.37 -2.92 -60.87
N GLY D 127 -28.18 -3.53 -60.01
CA GLY D 127 -27.81 -4.80 -59.42
C GLY D 127 -27.09 -4.66 -58.09
N VAL D 128 -27.01 -3.45 -57.57
CA VAL D 128 -26.35 -3.23 -56.29
C VAL D 128 -27.35 -3.52 -55.17
N ASP D 129 -27.17 -4.65 -54.49
CA ASP D 129 -28.10 -5.03 -53.44
C ASP D 129 -27.64 -4.83 -52.00
N VAL D 130 -26.39 -4.40 -51.81
CA VAL D 130 -25.91 -4.19 -50.46
C VAL D 130 -25.85 -2.68 -50.17
N MET D 131 -26.58 -2.25 -49.14
CA MET D 131 -26.61 -0.84 -48.77
C MET D 131 -26.57 -0.74 -47.25
N THR D 132 -26.20 0.42 -46.73
CA THR D 132 -26.16 0.61 -45.29
C THR D 132 -27.31 1.50 -44.84
N PHE D 133 -27.50 1.61 -43.53
CA PHE D 133 -28.56 2.43 -42.97
C PHE D 133 -28.28 2.58 -41.49
N ASP D 134 -28.90 3.55 -40.84
CA ASP D 134 -28.70 3.76 -39.42
C ASP D 134 -29.94 4.29 -38.70
N CYS D 135 -31.09 4.21 -39.35
CA CYS D 135 -32.34 4.67 -38.75
C CYS D 135 -33.52 3.97 -39.41
N VAL D 136 -34.62 3.88 -38.67
CA VAL D 136 -35.80 3.21 -39.17
C VAL D 136 -36.30 3.76 -40.50
N ASP D 137 -36.31 5.07 -40.62
CA ASP D 137 -36.87 5.61 -41.82
C ASP D 137 -36.16 5.38 -43.13
N GLU D 138 -34.87 5.05 -43.07
CA GLU D 138 -34.12 4.70 -44.26
C GLU D 138 -34.76 3.35 -44.67
N LEU D 139 -35.06 2.52 -43.67
CA LEU D 139 -35.68 1.21 -43.88
C LEU D 139 -37.03 1.33 -44.58
N GLU D 140 -37.81 2.33 -44.19
CA GLU D 140 -39.11 2.56 -44.82
C GLU D 140 -38.88 2.81 -46.30
N LYS D 141 -37.96 3.71 -46.61
CA LYS D 141 -37.65 4.03 -48.00
C LYS D 141 -37.23 2.77 -48.75
N VAL D 142 -36.37 1.97 -48.11
CA VAL D 142 -35.90 0.74 -48.71
C VAL D 142 -37.03 -0.22 -49.02
N ALA D 143 -37.88 -0.46 -48.02
CA ALA D 143 -39.02 -1.36 -48.18
C ALA D 143 -39.87 -1.03 -49.42
N LYS D 144 -40.07 0.26 -49.65
CA LYS D 144 -40.86 0.74 -50.77
C LYS D 144 -40.13 0.77 -52.10
N THR D 145 -38.80 0.83 -52.06
CA THR D 145 -38.03 0.94 -53.29
C THR D 145 -37.10 -0.23 -53.64
N HIS D 146 -36.48 -0.83 -52.63
CA HIS D 146 -35.58 -1.94 -52.86
C HIS D 146 -35.75 -2.94 -51.70
N PRO D 147 -36.88 -3.67 -51.71
CA PRO D 147 -37.27 -4.68 -50.71
C PRO D 147 -36.26 -5.79 -50.46
N LYS D 148 -35.85 -6.46 -51.54
CA LYS D 148 -34.91 -7.57 -51.43
C LYS D 148 -33.43 -7.17 -51.33
N ALA D 149 -33.19 -6.01 -50.71
CA ALA D 149 -31.84 -5.50 -50.57
C ALA D 149 -31.19 -5.99 -49.29
N LYS D 150 -29.95 -6.44 -49.39
CA LYS D 150 -29.24 -6.88 -48.21
C LYS D 150 -28.80 -5.59 -47.53
N MET D 151 -29.32 -5.37 -46.33
CA MET D 151 -29.02 -4.15 -45.59
C MET D 151 -28.06 -4.34 -44.44
N VAL D 152 -27.10 -3.42 -44.34
CA VAL D 152 -26.11 -3.45 -43.27
C VAL D 152 -26.39 -2.32 -42.30
N LEU D 153 -26.51 -2.67 -41.02
CA LEU D 153 -26.79 -1.68 -39.99
C LEU D 153 -25.50 -1.07 -39.49
N ARG D 154 -25.36 0.24 -39.71
CA ARG D 154 -24.17 0.96 -39.29
C ARG D 154 -24.34 1.58 -37.90
N ILE D 155 -23.40 1.33 -37.00
CA ILE D 155 -23.48 1.89 -35.65
C ILE D 155 -22.50 3.04 -35.44
N SER D 156 -22.80 3.89 -34.45
CA SER D 156 -21.94 5.03 -34.15
C SER D 156 -20.62 4.52 -33.61
N THR D 157 -19.77 5.42 -33.11
CA THR D 157 -18.48 5.02 -32.57
C THR D 157 -18.01 5.97 -31.47
N VAL D 168 -22.04 11.78 -35.09
CA VAL D 168 -23.08 12.76 -34.85
C VAL D 168 -24.01 12.89 -36.05
N LYS D 169 -23.50 12.56 -37.23
CA LYS D 169 -24.30 12.63 -38.45
C LYS D 169 -24.77 11.25 -38.90
N PHE D 170 -23.92 10.26 -38.74
CA PHE D 170 -24.24 8.91 -39.14
C PHE D 170 -23.92 7.91 -38.02
N GLY D 171 -24.56 6.74 -38.10
CA GLY D 171 -24.32 5.71 -37.10
C GLY D 171 -25.32 5.65 -35.96
N ALA D 172 -26.13 4.61 -35.97
CA ALA D 172 -27.14 4.41 -34.93
C ALA D 172 -26.50 4.04 -33.61
N LYS D 173 -27.03 4.59 -32.52
CA LYS D 173 -26.49 4.26 -31.21
C LYS D 173 -26.88 2.82 -30.90
N VAL D 174 -26.07 2.14 -30.09
CA VAL D 174 -26.33 0.75 -29.75
C VAL D 174 -27.66 0.60 -29.04
N GLU D 175 -27.94 1.52 -28.12
CA GLU D 175 -29.17 1.52 -27.35
C GLU D 175 -30.43 1.53 -28.21
N ASP D 176 -30.35 2.11 -29.40
CA ASP D 176 -31.50 2.18 -30.29
C ASP D 176 -31.50 1.08 -31.34
N CYS D 177 -30.46 0.25 -31.32
CA CYS D 177 -30.35 -0.82 -32.31
C CYS D 177 -31.41 -1.91 -32.19
N ARG D 178 -31.74 -2.30 -30.97
CA ARG D 178 -32.75 -3.32 -30.76
C ARG D 178 -34.04 -2.83 -31.41
N PHE D 179 -34.48 -1.64 -31.03
CA PHE D 179 -35.71 -1.07 -31.58
C PHE D 179 -35.66 -0.98 -33.11
N ILE D 180 -34.50 -0.59 -33.64
CA ILE D 180 -34.34 -0.47 -35.10
C ILE D 180 -34.52 -1.82 -35.79
N LEU D 181 -33.86 -2.84 -35.26
CA LEU D 181 -33.95 -4.18 -35.84
C LEU D 181 -35.40 -4.68 -35.81
N GLU D 182 -36.06 -4.54 -34.66
CA GLU D 182 -37.46 -4.95 -34.53
C GLU D 182 -38.27 -4.33 -35.67
N GLN D 183 -38.12 -3.02 -35.84
CA GLN D 183 -38.84 -2.29 -36.89
C GLN D 183 -38.48 -2.82 -38.28
N ALA D 184 -37.21 -3.22 -38.45
CA ALA D 184 -36.76 -3.75 -39.74
C ALA D 184 -37.45 -5.09 -39.95
N LYS D 185 -37.72 -5.74 -38.83
CA LYS D 185 -38.41 -7.04 -38.83
C LYS D 185 -39.82 -6.78 -39.33
N LYS D 186 -40.51 -5.82 -38.70
CA LYS D 186 -41.86 -5.45 -39.09
C LYS D 186 -41.89 -4.97 -40.54
N LEU D 187 -40.74 -4.55 -41.05
CA LEU D 187 -40.66 -4.07 -42.42
C LEU D 187 -40.17 -5.14 -43.37
N ASN D 188 -39.91 -6.33 -42.83
CA ASN D 188 -39.44 -7.46 -43.62
C ASN D 188 -38.13 -7.13 -44.34
N ILE D 189 -37.22 -6.46 -43.63
CA ILE D 189 -35.94 -6.09 -44.21
C ILE D 189 -34.88 -7.16 -43.97
N ASP D 190 -34.18 -7.53 -45.03
CA ASP D 190 -33.13 -8.53 -44.95
C ASP D 190 -31.84 -7.90 -44.43
N VAL D 191 -31.71 -7.80 -43.11
CA VAL D 191 -30.53 -7.23 -42.47
C VAL D 191 -29.37 -8.24 -42.46
N THR D 192 -28.33 -7.97 -43.24
CA THR D 192 -27.19 -8.88 -43.34
C THR D 192 -25.90 -8.56 -42.61
N GLY D 193 -25.90 -7.57 -41.73
CA GLY D 193 -24.65 -7.28 -41.03
C GLY D 193 -24.59 -5.98 -40.26
N VAL D 194 -23.38 -5.65 -39.81
CA VAL D 194 -23.15 -4.43 -39.06
C VAL D 194 -21.94 -3.72 -39.67
N SER D 195 -21.87 -2.42 -39.45
CA SER D 195 -20.76 -1.62 -39.96
C SER D 195 -20.55 -0.42 -39.05
N PHE D 196 -19.39 0.20 -39.18
CA PHE D 196 -19.06 1.37 -38.40
C PHE D 196 -17.95 2.13 -39.10
N HIS D 197 -17.61 3.30 -38.55
CA HIS D 197 -16.56 4.12 -39.14
C HIS D 197 -16.00 5.06 -38.08
N VAL D 198 -14.71 4.94 -37.82
CA VAL D 198 -14.08 5.79 -36.82
C VAL D 198 -13.52 7.07 -37.44
N GLY D 199 -13.14 6.99 -38.72
CA GLY D 199 -12.59 8.16 -39.38
C GLY D 199 -11.08 8.19 -39.27
N SER D 200 -10.47 9.23 -39.82
CA SER D 200 -9.01 9.37 -39.80
C SER D 200 -8.45 10.19 -38.65
N GLY D 201 -9.33 10.82 -37.87
CA GLY D 201 -8.88 11.62 -36.75
C GLY D 201 -8.57 10.82 -35.50
N SER D 202 -7.95 9.66 -35.68
CA SER D 202 -7.61 8.80 -34.56
C SER D 202 -6.16 8.89 -34.12
N THR D 203 -5.98 9.03 -32.82
CA THR D 203 -4.66 9.09 -32.20
C THR D 203 -4.41 7.72 -31.60
N ASP D 204 -5.52 7.09 -31.20
CA ASP D 204 -5.51 5.81 -30.53
C ASP D 204 -6.40 4.79 -31.27
N ALA D 205 -5.86 3.59 -31.51
CA ALA D 205 -6.55 2.53 -32.23
C ALA D 205 -7.61 1.78 -31.43
N SER D 206 -7.64 2.01 -30.12
CA SER D 206 -8.62 1.34 -29.25
C SER D 206 -10.02 1.50 -29.84
N THR D 207 -10.26 2.68 -30.42
CA THR D 207 -11.55 2.99 -31.03
C THR D 207 -12.01 1.87 -31.94
N PHE D 208 -11.07 1.28 -32.67
CA PHE D 208 -11.38 0.18 -33.57
C PHE D 208 -11.79 -1.05 -32.77
N ALA D 209 -11.10 -1.27 -31.66
CA ALA D 209 -11.38 -2.41 -30.80
C ALA D 209 -12.78 -2.31 -30.21
N GLN D 210 -13.14 -1.13 -29.73
CA GLN D 210 -14.44 -0.90 -29.12
C GLN D 210 -15.58 -0.99 -30.13
N ALA D 211 -15.35 -0.44 -31.31
CA ALA D 211 -16.37 -0.46 -32.36
C ALA D 211 -16.66 -1.90 -32.79
N ILE D 212 -15.62 -2.72 -32.76
CA ILE D 212 -15.76 -4.12 -33.15
C ILE D 212 -16.46 -4.94 -32.07
N SER D 213 -16.18 -4.61 -30.81
CA SER D 213 -16.84 -5.29 -29.71
C SER D 213 -18.32 -4.99 -29.83
N ASP D 214 -18.63 -3.69 -29.99
CA ASP D 214 -20.00 -3.23 -30.15
C ASP D 214 -20.67 -3.92 -31.33
N SER D 215 -19.92 -4.13 -32.40
CA SER D 215 -20.47 -4.77 -33.58
C SER D 215 -20.92 -6.20 -33.32
N ARG D 216 -20.23 -6.88 -32.40
CA ARG D 216 -20.58 -8.25 -32.04
C ARG D 216 -21.95 -8.21 -31.36
N PHE D 217 -22.04 -7.35 -30.36
CA PHE D 217 -23.26 -7.15 -29.60
C PHE D 217 -24.47 -6.99 -30.51
N VAL D 218 -24.41 -6.01 -31.41
CA VAL D 218 -25.51 -5.76 -32.34
C VAL D 218 -25.65 -6.94 -33.31
N PHE D 219 -24.53 -7.57 -33.62
CA PHE D 219 -24.52 -8.71 -34.54
C PHE D 219 -25.39 -9.81 -33.95
N ASP D 220 -25.25 -10.02 -32.63
CA ASP D 220 -26.02 -11.05 -31.95
C ASP D 220 -27.51 -10.74 -31.96
N MET D 221 -27.87 -9.50 -31.65
CA MET D 221 -29.27 -9.11 -31.64
C MET D 221 -29.89 -9.44 -32.99
N GLY D 222 -29.21 -9.08 -34.06
CA GLY D 222 -29.73 -9.37 -35.39
C GLY D 222 -29.98 -10.86 -35.55
N THR D 223 -29.00 -11.65 -35.14
CA THR D 223 -29.08 -13.10 -35.22
C THR D 223 -30.20 -13.62 -34.30
N GLU D 224 -30.35 -12.94 -33.18
CA GLU D 224 -31.35 -13.25 -32.17
C GLU D 224 -32.77 -13.04 -32.68
N LEU D 225 -32.97 -12.03 -33.52
CA LEU D 225 -34.28 -11.74 -34.08
C LEU D 225 -34.48 -12.45 -35.42
N GLY D 226 -33.76 -13.54 -35.62
CA GLY D 226 -33.90 -14.31 -36.85
C GLY D 226 -33.28 -13.67 -38.08
N PHE D 227 -32.42 -12.67 -37.85
CA PHE D 227 -31.76 -12.00 -38.96
C PHE D 227 -30.49 -12.73 -39.34
N ASN D 228 -30.31 -12.92 -40.64
CA ASN D 228 -29.13 -13.61 -41.18
C ASN D 228 -27.90 -12.69 -41.19
N MET D 229 -27.32 -12.47 -40.00
CA MET D 229 -26.14 -11.62 -39.84
C MET D 229 -24.84 -12.31 -40.22
N HIS D 230 -24.29 -11.96 -41.38
CA HIS D 230 -23.04 -12.58 -41.82
C HIS D 230 -22.03 -11.60 -42.44
N ILE D 231 -22.20 -10.31 -42.20
CA ILE D 231 -21.29 -9.30 -42.75
C ILE D 231 -20.83 -8.30 -41.70
N LEU D 232 -19.52 -8.04 -41.69
CA LEU D 232 -18.94 -7.07 -40.76
C LEU D 232 -18.11 -6.09 -41.58
N ASP D 233 -18.49 -4.81 -41.54
CA ASP D 233 -17.81 -3.76 -42.28
C ASP D 233 -17.06 -2.89 -41.26
N ILE D 234 -15.73 -2.86 -41.32
CA ILE D 234 -14.98 -2.06 -40.36
C ILE D 234 -14.69 -0.64 -40.82
N GLY D 235 -15.32 -0.23 -41.92
CA GLY D 235 -15.14 1.12 -42.42
C GLY D 235 -13.79 1.52 -42.99
N GLY D 236 -13.41 2.77 -42.71
CA GLY D 236 -12.16 3.30 -43.22
C GLY D 236 -11.43 4.14 -42.19
N GLY D 237 -10.53 5.00 -42.66
CA GLY D 237 -9.78 5.86 -41.76
C GLY D 237 -8.36 5.39 -41.55
N PHE D 238 -7.87 4.55 -42.45
CA PHE D 238 -6.50 4.03 -42.36
C PHE D 238 -5.52 4.98 -43.07
N PRO D 239 -4.48 5.44 -42.37
CA PRO D 239 -3.50 6.35 -42.99
C PRO D 239 -2.92 5.87 -44.32
N GLY D 240 -2.67 6.82 -45.21
CA GLY D 240 -2.12 6.50 -46.52
C GLY D 240 -0.73 7.10 -46.74
N THR D 241 -0.19 7.72 -45.70
CA THR D 241 1.13 8.34 -45.76
C THR D 241 1.91 7.82 -44.56
N ARG D 242 3.23 7.77 -44.66
CA ARG D 242 4.03 7.25 -43.54
C ARG D 242 4.23 8.23 -42.39
N ASP D 243 3.88 9.50 -42.57
CA ASP D 243 4.06 10.49 -41.51
C ASP D 243 3.04 10.39 -40.38
N ALA D 244 1.81 9.99 -40.71
CA ALA D 244 0.75 9.86 -39.72
C ALA D 244 1.25 9.08 -38.50
N PRO D 245 1.27 9.74 -37.32
CA PRO D 245 1.72 9.15 -36.05
C PRO D 245 1.30 7.70 -35.88
N LEU D 246 -0.01 7.48 -35.87
CA LEU D 246 -0.54 6.14 -35.72
C LEU D 246 -0.25 5.37 -36.99
N LYS D 247 0.46 4.25 -36.84
CA LYS D 247 0.81 3.44 -37.99
C LYS D 247 -0.34 2.54 -38.41
N PHE D 248 -0.41 2.27 -39.71
CA PHE D 248 -1.44 1.39 -40.24
C PHE D 248 -1.31 0.06 -39.55
N GLU D 249 -0.06 -0.38 -39.43
CA GLU D 249 0.27 -1.66 -38.84
C GLU D 249 0.04 -1.82 -37.35
N GLU D 250 -0.01 -0.73 -36.59
CA GLU D 250 -0.30 -0.85 -35.16
C GLU D 250 -1.80 -0.92 -35.07
N ILE D 251 -2.45 -0.50 -36.16
CA ILE D 251 -3.91 -0.50 -36.24
C ILE D 251 -4.40 -1.87 -36.67
N ALA D 252 -3.82 -2.41 -37.75
CA ALA D 252 -4.21 -3.72 -38.22
C ALA D 252 -4.03 -4.69 -37.06
N GLY D 253 -2.99 -4.47 -36.27
CA GLY D 253 -2.74 -5.33 -35.12
C GLY D 253 -3.89 -5.32 -34.13
N VAL D 254 -4.25 -4.14 -33.67
CA VAL D 254 -5.35 -4.00 -32.70
C VAL D 254 -6.66 -4.52 -33.28
N ILE D 255 -6.83 -4.37 -34.58
CA ILE D 255 -8.04 -4.82 -35.25
C ILE D 255 -8.09 -6.33 -35.25
N ASN D 256 -7.02 -6.97 -35.71
CA ASN D 256 -6.95 -8.42 -35.75
C ASN D 256 -7.17 -9.04 -34.37
N ASN D 257 -6.67 -8.39 -33.33
CA ASN D 257 -6.83 -8.88 -31.97
C ASN D 257 -8.32 -8.92 -31.63
N ALA D 258 -8.97 -7.76 -31.67
CA ALA D 258 -10.38 -7.65 -31.36
C ALA D 258 -11.22 -8.49 -32.31
N LEU D 259 -10.75 -8.63 -33.55
CA LEU D 259 -11.46 -9.40 -34.57
C LEU D 259 -11.39 -10.90 -34.26
N GLU D 260 -10.47 -11.26 -33.37
CA GLU D 260 -10.28 -12.64 -32.97
C GLU D 260 -11.06 -12.95 -31.71
N LYS D 261 -11.17 -11.94 -30.86
CA LYS D 261 -11.89 -12.05 -29.60
C LYS D 261 -13.38 -11.92 -29.78
N HIS D 262 -13.82 -11.39 -30.92
CA HIS D 262 -15.24 -11.22 -31.17
C HIS D 262 -15.75 -11.79 -32.48
N PHE D 263 -14.88 -11.96 -33.47
CA PHE D 263 -15.32 -12.52 -34.74
C PHE D 263 -14.38 -13.61 -35.25
N PRO D 264 -14.16 -14.66 -34.44
CA PRO D 264 -13.28 -15.76 -34.85
C PRO D 264 -13.66 -16.24 -36.24
N PRO D 265 -12.67 -16.75 -37.01
CA PRO D 265 -12.94 -17.24 -38.37
C PRO D 265 -14.23 -18.03 -38.49
N ASP D 266 -14.85 -17.95 -39.65
CA ASP D 266 -16.11 -18.62 -39.91
C ASP D 266 -16.42 -18.45 -41.39
N LEU D 267 -16.63 -19.55 -42.10
CA LEU D 267 -16.90 -19.49 -43.52
C LEU D 267 -18.18 -18.78 -43.89
N LYS D 268 -19.09 -18.68 -42.93
CA LYS D 268 -20.35 -17.99 -43.17
C LYS D 268 -20.14 -16.48 -43.04
N LEU D 269 -19.18 -16.11 -42.20
CA LEU D 269 -18.85 -14.72 -41.97
C LEU D 269 -17.96 -14.14 -43.06
N THR D 270 -18.20 -12.87 -43.38
CA THR D 270 -17.41 -12.15 -44.36
C THR D 270 -17.08 -10.80 -43.75
N ILE D 271 -15.79 -10.47 -43.69
CA ILE D 271 -15.36 -9.21 -43.11
C ILE D 271 -14.80 -8.28 -44.20
N VAL D 272 -15.31 -7.06 -44.24
CA VAL D 272 -14.85 -6.09 -45.23
C VAL D 272 -14.58 -4.75 -44.58
N ALA D 273 -13.98 -3.86 -45.36
CA ALA D 273 -13.67 -2.52 -44.90
C ALA D 273 -13.87 -1.55 -46.06
N GLU D 274 -13.94 -0.26 -45.74
CA GLU D 274 -14.12 0.78 -46.73
C GLU D 274 -12.91 1.72 -46.70
N PRO D 275 -11.74 1.22 -47.11
CA PRO D 275 -10.55 2.08 -47.09
C PRO D 275 -10.56 3.09 -48.22
N GLY D 276 -10.22 4.34 -47.91
CA GLY D 276 -10.20 5.38 -48.92
C GLY D 276 -8.82 5.96 -49.16
N ARG D 277 -8.31 6.70 -48.17
CA ARG D 277 -7.02 7.34 -48.27
C ARG D 277 -5.84 6.36 -48.23
N TYR D 278 -6.03 5.23 -47.55
CA TYR D 278 -4.98 4.21 -47.46
C TYR D 278 -4.41 3.87 -48.84
N TYR D 279 -5.28 3.64 -49.80
CA TYR D 279 -4.86 3.27 -51.15
C TYR D 279 -4.35 4.36 -52.11
N VAL D 280 -4.61 5.64 -51.86
CA VAL D 280 -4.17 6.65 -52.82
C VAL D 280 -3.45 7.92 -52.38
N ALA D 281 -3.47 8.22 -51.08
CA ALA D 281 -2.83 9.42 -50.59
C ALA D 281 -1.41 9.64 -51.10
N SER D 282 -0.54 8.66 -50.89
CA SER D 282 0.85 8.78 -51.31
C SER D 282 1.12 8.52 -52.78
N ALA D 283 0.11 8.05 -53.52
CA ALA D 283 0.32 7.76 -54.93
C ALA D 283 0.30 8.97 -55.85
N PHE D 284 -0.19 10.09 -55.33
CA PHE D 284 -0.25 11.30 -56.14
C PHE D 284 0.72 12.37 -55.66
N THR D 285 1.42 12.96 -56.63
CA THR D 285 2.38 14.02 -56.38
C THR D 285 1.99 15.18 -57.29
N LEU D 286 1.75 16.34 -56.67
CA LEU D 286 1.31 17.53 -57.42
C LEU D 286 2.44 18.52 -57.74
N ALA D 287 2.48 18.94 -59.00
CA ALA D 287 3.48 19.90 -59.45
C ALA D 287 2.83 21.24 -59.81
N VAL D 288 3.15 22.29 -59.04
CA VAL D 288 2.62 23.62 -59.31
C VAL D 288 3.75 24.56 -59.75
N ASN D 289 3.40 25.51 -60.61
CA ASN D 289 4.39 26.47 -61.10
C ASN D 289 4.29 27.80 -60.37
N VAL D 290 5.43 28.31 -59.88
CA VAL D 290 5.43 29.59 -59.18
C VAL D 290 5.13 30.65 -60.23
N ILE D 291 4.00 31.35 -60.06
CA ILE D 291 3.57 32.36 -61.01
C ILE D 291 3.86 33.80 -60.61
N ALA D 292 4.19 34.00 -59.34
CA ALA D 292 4.47 35.33 -58.85
C ALA D 292 5.18 35.26 -57.51
N LYS D 293 5.99 36.27 -57.21
CA LYS D 293 6.75 36.31 -55.96
C LYS D 293 6.74 37.72 -55.37
N LYS D 294 7.15 37.82 -54.12
CA LYS D 294 7.24 39.10 -53.42
C LYS D 294 8.29 38.91 -52.35
N VAL D 295 9.18 39.89 -52.16
CA VAL D 295 10.20 39.75 -51.15
C VAL D 295 9.96 40.76 -50.05
N THR D 296 10.45 40.48 -48.85
CA THR D 296 10.29 41.42 -47.76
C THR D 296 11.21 41.13 -46.57
N SER D 309 19.22 28.41 -42.71
CA SER D 309 18.02 29.21 -42.92
C SER D 309 18.14 30.59 -42.26
N ASN D 310 17.45 31.60 -42.81
CA ASN D 310 17.59 32.96 -42.31
C ASN D 310 16.36 33.88 -42.27
N ALA D 311 16.61 35.14 -41.91
CA ALA D 311 15.62 36.22 -41.81
C ALA D 311 15.65 37.18 -43.02
N GLN D 312 14.56 37.11 -43.75
CA GLN D 312 14.23 37.86 -44.96
C GLN D 312 13.12 36.88 -45.34
N SER D 313 11.93 37.37 -45.67
CA SER D 313 10.85 36.44 -45.98
C SER D 313 10.19 36.61 -47.32
N PHE D 314 9.71 35.51 -47.85
CA PHE D 314 9.05 35.51 -49.15
C PHE D 314 7.60 35.08 -49.09
N MET D 315 6.93 35.22 -50.23
CA MET D 315 5.53 34.85 -50.43
C MET D 315 5.48 34.38 -51.88
N TYR D 316 5.03 33.16 -52.10
CA TYR D 316 4.99 32.66 -53.46
C TYR D 316 3.56 32.42 -53.89
N TYR D 317 3.31 32.62 -55.18
CA TYR D 317 1.98 32.42 -55.73
C TYR D 317 2.06 31.32 -56.76
N VAL D 318 1.23 30.30 -56.59
CA VAL D 318 1.23 29.18 -57.52
C VAL D 318 -0.11 29.06 -58.23
N ASN D 319 -0.12 28.42 -59.39
CA ASN D 319 -1.33 28.27 -60.19
C ASN D 319 -2.30 27.16 -59.81
N ASP D 320 -2.51 27.00 -58.51
CA ASP D 320 -3.45 26.00 -57.99
C ASP D 320 -3.55 26.24 -56.49
N GLY D 321 -4.74 26.05 -55.94
CA GLY D 321 -4.94 26.29 -54.52
C GLY D 321 -6.28 25.80 -54.00
N VAL D 322 -6.66 26.31 -52.83
CA VAL D 322 -7.91 25.92 -52.19
C VAL D 322 -9.14 25.74 -53.09
N TYR D 323 -9.25 26.49 -54.19
CA TYR D 323 -10.41 26.31 -55.06
C TYR D 323 -10.13 25.19 -56.06
N GLY D 324 -9.18 24.34 -55.70
CA GLY D 324 -8.82 23.21 -56.54
C GLY D 324 -8.19 22.12 -55.72
N SER D 325 -7.15 21.49 -56.28
CA SER D 325 -6.45 20.41 -55.60
C SER D 325 -6.22 20.67 -54.11
N PHE D 326 -6.19 21.95 -53.69
CA PHE D 326 -5.96 22.21 -52.28
C PHE D 326 -7.22 22.45 -51.45
N ASN D 327 -8.38 22.11 -52.01
CA ASN D 327 -9.62 22.27 -51.26
C ASN D 327 -9.51 21.39 -50.01
N CYS D 328 -8.60 20.43 -50.05
CA CYS D 328 -8.38 19.50 -48.96
C CYS D 328 -7.88 20.18 -47.69
N ILE D 329 -7.41 21.42 -47.79
CA ILE D 329 -6.93 22.11 -46.60
C ILE D 329 -8.14 22.54 -45.78
N LEU D 330 -9.24 22.81 -46.47
CA LEU D 330 -10.46 23.25 -45.82
C LEU D 330 -11.41 22.09 -45.58
N TYR D 331 -11.53 21.20 -46.56
CA TYR D 331 -12.42 20.06 -46.46
C TYR D 331 -11.87 18.84 -45.72
N ASP D 332 -10.57 18.57 -45.86
CA ASP D 332 -10.00 17.38 -45.22
C ASP D 332 -8.92 17.60 -44.14
N HIS D 333 -8.77 18.81 -43.65
CA HIS D 333 -7.77 19.07 -42.61
C HIS D 333 -6.33 18.87 -43.09
N ALA D 334 -6.12 18.82 -44.40
CA ALA D 334 -4.81 18.61 -44.95
C ALA D 334 -3.77 19.66 -44.58
N VAL D 335 -2.57 19.21 -44.25
CA VAL D 335 -1.46 20.09 -43.93
C VAL D 335 -0.42 19.66 -44.97
N VAL D 336 -0.08 20.55 -45.89
CA VAL D 336 0.87 20.21 -46.95
C VAL D 336 2.28 20.77 -46.79
N ARG D 337 3.21 20.16 -47.53
CA ARG D 337 4.61 20.56 -47.50
C ARG D 337 5.16 20.90 -48.87
N PRO D 338 5.51 22.17 -49.11
CA PRO D 338 6.05 22.57 -50.41
C PRO D 338 7.43 21.92 -50.57
N LEU D 339 7.70 21.44 -51.76
CA LEU D 339 8.95 20.76 -52.02
C LEU D 339 9.54 21.16 -53.36
N PRO D 340 10.66 21.90 -53.34
CA PRO D 340 11.34 22.37 -54.55
C PRO D 340 11.71 21.23 -55.50
N GLN D 341 11.49 21.41 -56.80
CA GLN D 341 11.84 20.36 -57.74
C GLN D 341 13.35 20.42 -57.99
N ARG D 342 13.90 21.63 -58.03
CA ARG D 342 15.34 21.83 -58.22
C ARG D 342 16.04 20.95 -57.22
N GLU D 343 17.22 20.45 -57.58
CA GLU D 343 17.98 19.61 -56.66
C GLU D 343 18.51 20.49 -55.53
N PRO D 344 18.27 20.10 -54.28
CA PRO D 344 18.71 20.83 -53.09
C PRO D 344 20.20 21.18 -53.09
N ILE D 345 20.51 22.47 -53.23
CA ILE D 345 21.91 22.90 -53.21
C ILE D 345 22.48 22.67 -51.81
N PRO D 346 23.74 22.19 -51.72
CA PRO D 346 24.44 21.91 -50.48
C PRO D 346 24.18 22.88 -49.31
N ASN D 347 24.83 24.04 -49.30
CA ASN D 347 24.64 25.00 -48.22
C ASN D 347 23.83 26.21 -48.67
N GLU D 348 22.67 25.96 -49.28
CA GLU D 348 21.83 27.05 -49.76
C GLU D 348 20.97 27.59 -48.63
N LYS D 349 20.94 28.91 -48.51
CA LYS D 349 20.18 29.57 -47.48
C LYS D 349 18.67 29.40 -47.68
N LEU D 350 17.96 29.26 -46.57
CA LEU D 350 16.51 29.07 -46.58
C LEU D 350 15.85 30.20 -45.82
N TYR D 351 14.70 30.66 -46.29
CA TYR D 351 14.00 31.75 -45.62
C TYR D 351 12.54 31.41 -45.38
N PRO D 352 11.93 32.00 -44.34
CA PRO D 352 10.52 31.72 -44.08
C PRO D 352 9.68 32.17 -45.27
N SER D 353 8.84 31.29 -45.78
CA SER D 353 8.02 31.60 -46.92
C SER D 353 6.53 31.34 -46.66
N SER D 354 5.75 31.46 -47.72
CA SER D 354 4.32 31.23 -47.68
C SER D 354 3.93 31.04 -49.14
N VAL D 355 3.03 30.11 -49.40
CA VAL D 355 2.60 29.86 -50.77
C VAL D 355 1.14 30.31 -50.84
N TRP D 356 0.66 30.65 -52.03
CA TRP D 356 -0.70 31.12 -52.19
C TRP D 356 -1.34 30.64 -53.48
N GLY D 357 -2.66 30.47 -53.45
CA GLY D 357 -3.39 30.05 -54.63
C GLY D 357 -3.49 31.26 -55.55
N PRO D 358 -3.75 31.04 -56.84
CA PRO D 358 -3.87 32.08 -57.86
C PRO D 358 -5.11 32.95 -57.78
N THR D 359 -5.97 32.65 -56.81
CA THR D 359 -7.22 33.35 -56.62
C THR D 359 -7.18 34.62 -55.77
N CYS D 360 -8.06 35.57 -56.09
CA CYS D 360 -8.14 36.85 -55.38
C CYS D 360 -8.59 36.71 -53.93
N ASP D 361 -9.03 35.51 -53.56
CA ASP D 361 -9.50 35.24 -52.21
C ASP D 361 -8.32 35.19 -51.24
N GLY D 362 -8.36 36.03 -50.21
CA GLY D 362 -7.29 36.05 -49.23
C GLY D 362 -7.24 34.81 -48.36
N LEU D 363 -8.19 33.92 -48.57
CA LEU D 363 -8.28 32.68 -47.83
C LEU D 363 -7.60 31.59 -48.64
N ASP D 364 -7.42 31.87 -49.93
CA ASP D 364 -6.77 30.92 -50.83
C ASP D 364 -5.28 30.89 -50.53
N GLN D 365 -4.94 30.41 -49.35
CA GLN D 365 -3.54 30.31 -48.91
C GLN D 365 -3.21 28.82 -48.78
N ILE D 366 -2.07 28.41 -49.35
CA ILE D 366 -1.66 27.01 -49.30
C ILE D 366 -0.72 26.71 -48.15
N VAL D 367 0.33 27.51 -48.03
CA VAL D 367 1.29 27.31 -46.94
C VAL D 367 1.41 28.59 -46.15
N GLU D 368 1.60 28.46 -44.85
CA GLU D 368 1.71 29.63 -44.01
C GLU D 368 3.11 30.15 -43.85
N ARG D 369 3.95 29.34 -43.20
CA ARG D 369 5.31 29.74 -42.94
C ARG D 369 6.23 28.54 -43.00
N TYR D 370 6.79 28.31 -44.18
CA TYR D 370 7.68 27.19 -44.39
C TYR D 370 9.01 27.64 -44.97
N TYR D 371 10.11 27.18 -44.38
CA TYR D 371 11.43 27.56 -44.86
C TYR D 371 11.76 26.89 -46.18
N LEU D 372 11.98 27.73 -47.20
CA LEU D 372 12.30 27.27 -48.53
C LEU D 372 13.44 28.11 -49.09
N PRO D 373 14.11 27.60 -50.13
CA PRO D 373 15.21 28.36 -50.73
C PRO D 373 14.55 29.48 -51.54
N GLU D 374 15.30 30.52 -51.90
CA GLU D 374 14.67 31.57 -52.67
C GLU D 374 14.29 30.94 -54.00
N MET D 375 13.03 31.08 -54.37
CA MET D 375 12.54 30.52 -55.62
C MET D 375 12.39 31.62 -56.64
N GLN D 376 12.10 31.25 -57.86
CA GLN D 376 11.94 32.23 -58.92
C GLN D 376 10.76 31.91 -59.81
N VAL D 377 10.01 32.95 -60.15
CA VAL D 377 8.85 32.81 -61.01
C VAL D 377 9.20 31.89 -62.16
N GLY D 378 8.33 30.94 -62.47
CA GLY D 378 8.59 30.02 -63.55
C GLY D 378 9.15 28.69 -63.04
N GLU D 379 9.64 28.69 -61.81
CA GLU D 379 10.19 27.46 -61.21
C GLU D 379 9.06 26.63 -60.59
N TRP D 380 9.22 25.31 -60.61
CA TRP D 380 8.21 24.43 -60.06
C TRP D 380 8.32 24.13 -58.58
N LEU D 381 7.16 23.83 -58.00
CA LEU D 381 7.05 23.48 -56.60
C LEU D 381 6.23 22.21 -56.55
N LEU D 382 6.65 21.28 -55.71
CA LEU D 382 5.97 20.00 -55.61
C LEU D 382 5.28 19.77 -54.29
N PHE D 383 4.21 19.01 -54.34
CA PHE D 383 3.45 18.65 -53.15
C PHE D 383 3.19 17.15 -53.24
N GLU D 384 3.74 16.41 -52.29
CA GLU D 384 3.56 14.96 -52.27
C GLU D 384 2.39 14.56 -51.37
N ASP D 385 1.91 13.34 -51.55
CA ASP D 385 0.79 12.85 -50.74
C ASP D 385 -0.42 13.73 -51.00
N MET D 386 -0.81 13.81 -52.26
CA MET D 386 -1.94 14.62 -52.69
C MET D 386 -2.90 13.83 -53.55
N GLY D 387 -3.08 12.55 -53.20
CA GLY D 387 -3.98 11.69 -53.95
C GLY D 387 -5.31 11.46 -53.27
N ALA D 388 -5.36 11.78 -51.98
CA ALA D 388 -6.57 11.60 -51.18
C ALA D 388 -7.42 12.87 -51.02
N TYR D 389 -8.64 12.81 -51.56
CA TYR D 389 -9.58 13.93 -51.47
C TYR D 389 -8.99 15.20 -52.04
N THR D 390 -8.55 15.11 -53.28
CA THR D 390 -7.96 16.23 -54.00
C THR D 390 -8.49 16.39 -55.45
N VAL D 391 -9.05 15.34 -56.10
CA VAL D 391 -9.50 15.39 -57.53
C VAL D 391 -10.86 14.89 -58.13
N PHE D 400 -9.78 15.03 -68.84
CA PHE D 400 -8.49 15.71 -68.75
C PHE D 400 -8.70 17.07 -67.93
N GLN D 401 -9.37 16.98 -66.74
CA GLN D 401 -9.78 18.13 -65.81
C GLN D 401 -9.22 18.43 -64.32
N SER D 402 -9.20 19.75 -63.98
CA SER D 402 -8.64 20.53 -62.79
C SER D 402 -7.14 20.27 -63.15
N PRO D 403 -6.19 19.95 -62.23
CA PRO D 403 -4.93 19.68 -62.94
C PRO D 403 -5.04 18.45 -63.85
N THR D 404 -4.20 18.42 -64.89
CA THR D 404 -4.18 17.31 -65.80
C THR D 404 -3.36 16.25 -65.10
N ILE D 405 -3.79 15.00 -65.20
CA ILE D 405 -3.12 13.90 -64.53
C ILE D 405 -2.29 13.04 -65.46
N TYR D 406 -1.05 12.82 -65.08
CA TYR D 406 -0.15 11.97 -65.85
C TYR D 406 0.11 10.72 -65.04
N TYR D 407 0.02 9.57 -65.68
CA TYR D 407 0.19 8.30 -65.00
C TYR D 407 1.51 7.57 -65.23
N VAL D 408 2.03 6.99 -64.14
CA VAL D 408 3.27 6.24 -64.16
C VAL D 408 3.07 4.88 -63.49
N VAL D 409 3.71 3.85 -64.02
CA VAL D 409 3.61 2.50 -63.49
C VAL D 409 4.98 1.98 -63.06
#